data_4A8B
#
_entry.id   4A8B
#
_cell.length_a   1.000
_cell.length_b   1.000
_cell.length_c   1.000
_cell.angle_alpha   90.00
_cell.angle_beta   90.00
_cell.angle_gamma   90.00
#
_symmetry.space_group_name_H-M   'P 1'
#
loop_
_entity.id
_entity.type
_entity.pdbx_description
1 polymer 'PERIPLASMIC PH-DEPENDENT SERINE ENDOPROTEASE DEGQ'
2 polymer 'LYSOZYME C'
#
loop_
_entity_poly.entity_id
_entity_poly.type
_entity_poly.pdbx_seq_one_letter_code
_entity_poly.pdbx_strand_id
1 'polypeptide(L)'
;SIPGQVADQAPLPSLAPMLEKVLPAVVSVRVEGTASQGQKIPEEFKKFFGDDLPDQPAQPFEGLGSGVIINASKGYVLTN
NHVINQAQKISIQLNDGREFDAKLIGSDDQSDIALLQIQNPSKLTQIAIADSDKLRVGDFAVAVGNPFGLGQTATSGIVS
ALGRSGLNLEGLENFIQTDASINRGNAGGALLNLNGELIGINTAILAPGGGSVGIGFAIPSNMARTLAQQLIDFGEIKRG
LLGIKGTEMSADIAKAFNLDVQRGAFVSEVLPGSGSAKAGVKAGDIITSLNGKPLNSFAELRSRIATTEPGTKVKLGLLR
NGKPLEVEVTLDTSTSSSASAEMITPALEGATLSDGQLKDGGKGIKIDEVVKGSPAAQAGLQKDDVIIGVNRDRVNSIAE
MRKVLAAKPAIIALQIVRGNESIYLLMRLEHHHHHH
;
A,B,C,D,E,F,G,H,I,J,K,L
2 'polypeptide(L)'
;KVFGRCELAAAMKRHGLDNYRGYSLGNWVCAAKFESNFNTQATNRNTDGSTDYGILQINSRWWCNDGRTPGSRNLCNIPC
SALLSSDITASVNCAKKIVSDGNGMNAWVAWRNRCKGTDVQAWIRGCRL
;
M,N,O,P,Q,R
#
# COMPACT_ATOMS: atom_id res chain seq x y z
CA PRO A 11 68.37 -17.04 25.59
CA LEU A 12 68.30 -15.81 22.02
CA PRO A 13 69.54 -18.11 19.38
CA SER A 14 69.30 -15.50 18.14
CA LEU A 15 67.09 -15.88 15.10
CA ALA A 16 68.60 -12.89 13.34
CA PRO A 17 71.94 -14.38 12.63
CA MET A 18 70.39 -17.38 10.95
CA LEU A 19 67.97 -15.15 9.09
CA GLU A 20 70.57 -12.82 7.72
CA LYS A 21 72.13 -15.47 5.57
CA VAL A 22 68.93 -17.28 4.57
CA LEU A 23 66.54 -14.43 3.82
CA PRO A 24 67.88 -13.50 0.43
CA ALA A 25 66.89 -16.98 -0.70
CA VAL A 26 63.21 -16.30 -0.24
CA VAL A 27 61.64 -14.14 -2.86
CA SER A 28 58.36 -12.48 -3.64
CA VAL A 29 56.52 -13.56 -6.74
CA ARG A 30 54.46 -11.10 -8.72
CA VAL A 31 51.94 -12.20 -11.27
CA GLU A 32 49.59 -10.64 -13.76
CA GLY A 33 47.14 -12.33 -16.04
CA THR A 34 43.60 -12.93 -17.18
CA ALA A 35 39.50 -11.89 -18.72
CA GLN A 59 39.74 -8.94 -16.43
CA PRO A 60 43.31 -8.26 -15.52
CA PHE A 61 44.45 -8.96 -12.00
CA GLU A 62 47.67 -8.75 -10.09
CA GLY A 63 48.58 -11.31 -7.49
CA LEU A 64 51.34 -11.54 -4.96
CA GLY A 65 52.95 -14.63 -3.56
CA SER A 66 56.35 -15.85 -2.54
CA GLY A 67 58.85 -18.43 -3.64
CA VAL A 68 62.16 -19.93 -2.68
CA ILE A 69 65.33 -20.07 -4.68
CA ILE A 70 66.29 -23.70 -4.85
CA ASN A 71 69.11 -23.34 -7.33
CA ALA A 72 71.05 -20.10 -7.48
CA SER A 73 72.94 -20.89 -10.64
CA LYS A 74 69.93 -22.03 -12.59
CA GLY A 75 67.64 -19.57 -10.94
CA TYR A 76 65.04 -22.17 -10.10
CA VAL A 77 62.39 -20.93 -7.74
CA LEU A 78 59.81 -23.13 -6.08
CA THR A 79 56.34 -21.78 -5.57
CA ASN A 80 52.77 -22.90 -5.19
CA ASN A 81 50.94 -23.76 -8.35
CA HIS A 82 47.99 -21.68 -7.32
CA VAL A 83 50.10 -18.58 -7.14
CA ILE A 84 51.36 -19.10 -10.69
CA ASN A 85 48.35 -20.75 -12.31
CA GLN A 86 46.59 -17.69 -13.74
CA ALA A 87 49.76 -15.72 -14.44
CA GLN A 88 50.38 -14.53 -17.97
CA LYS A 89 53.60 -12.94 -16.82
CA ILE A 90 55.61 -13.54 -13.70
CA SER A 91 58.25 -11.46 -12.03
CA ILE A 92 60.38 -12.18 -9.01
CA GLN A 93 61.74 -9.65 -6.61
CA LEU A 94 64.60 -10.12 -4.21
CA ASN A 95 64.67 -8.58 -0.78
CA ASP A 96 67.43 -6.34 -2.07
CA GLY A 97 64.99 -4.81 -4.49
CA ARG A 98 66.34 -6.34 -7.65
CA GLU A 99 63.69 -7.80 -9.88
CA PHE A 100 63.74 -10.42 -12.60
CA ASP A 101 61.35 -12.04 -15.01
CA ALA A 102 60.55 -15.69 -14.66
CA LYS A 103 59.07 -18.43 -16.77
CA LEU A 104 57.10 -21.39 -15.55
CA ILE A 105 59.17 -24.49 -15.99
CA GLY A 106 56.35 -26.77 -14.91
CA SER A 107 53.95 -27.46 -12.11
CA ASP A 108 51.24 -29.79 -10.98
CA ASP A 109 47.80 -29.24 -9.54
CA GLN A 110 47.40 -32.12 -7.18
CA SER A 111 50.38 -31.39 -4.94
CA ASP A 112 50.23 -27.69 -5.82
CA ILE A 113 53.93 -27.37 -6.56
CA ALA A 114 55.32 -25.28 -9.37
CA LEU A 115 58.83 -24.51 -10.51
CA LEU A 116 59.86 -21.21 -12.01
CA GLN A 117 63.07 -20.17 -13.64
CA ILE A 118 64.55 -16.71 -13.37
CA GLN A 119 65.87 -15.23 -16.54
CA ASN A 120 69.43 -13.99 -16.21
CA PRO A 121 69.50 -14.86 -12.55
CA SER A 122 72.86 -13.29 -11.52
CA LYS A 123 74.16 -13.34 -7.93
CA LEU A 124 71.43 -15.30 -6.23
CA THR A 125 71.43 -17.11 -2.94
CA GLN A 126 70.05 -20.60 -2.57
CA ILE A 127 68.30 -22.12 0.36
CA ALA A 128 69.43 -25.48 1.71
CA ILE A 129 66.86 -28.22 1.95
CA ALA A 130 66.35 -30.20 5.13
CA ASP A 131 64.89 -33.66 5.43
CA SER A 132 61.21 -33.21 6.18
CA ASP A 133 60.93 -36.78 7.33
CA LYS A 134 63.10 -35.91 10.31
CA LEU A 135 60.73 -33.26 11.61
CA ARG A 136 58.88 -33.92 14.84
CA VAL A 137 56.19 -31.92 16.53
CA GLY A 138 57.62 -29.23 18.74
CA ASP A 139 60.39 -28.34 16.34
CA PHE A 140 60.81 -24.62 15.81
CA ALA A 141 59.89 -23.15 12.47
CA VAL A 142 60.12 -19.77 10.83
CA ALA A 143 57.97 -18.72 7.95
CA VAL A 144 59.08 -16.20 5.40
CA GLY A 145 56.95 -14.73 2.68
CA ASN A 146 55.04 -11.63 1.70
CA PRO A 147 51.92 -11.29 3.69
CA PHE A 148 49.53 -8.73 2.27
CA GLY A 149 52.32 -7.82 -0.10
CA LEU A 150 53.97 -5.79 2.62
CA GLY A 151 57.40 -7.13 1.82
CA GLN A 152 59.58 -9.89 3.13
CA THR A 153 58.22 -10.84 6.52
CA ALA A 154 59.36 -13.47 8.95
CA THR A 155 57.16 -15.14 11.52
CA SER A 156 58.03 -17.71 14.11
CA GLY A 157 56.27 -20.74 15.49
CA ILE A 158 56.59 -24.46 16.08
CA VAL A 159 55.68 -27.49 14.04
CA SER A 160 52.20 -28.22 15.31
CA ALA A 161 51.59 -31.42 13.38
CA LEU A 162 52.75 -33.43 10.44
CA GLY A 163 51.30 -35.84 7.97
CA ARG A 164 48.02 -34.09 7.94
CA SER A 165 45.36 -34.46 5.34
CA GLY A 166 41.76 -34.71 4.55
CA LEU A 167 41.80 -30.93 4.50
CA ASN A 168 40.63 -31.34 0.93
CA LEU A 169 42.72 -28.34 0.06
CA GLU A 170 44.77 -30.33 -2.43
CA GLY A 171 44.54 -33.60 -4.32
CA LEU A 172 47.62 -34.86 -2.61
CA GLU A 173 48.20 -33.58 0.80
CA ASN A 174 50.66 -34.10 3.60
CA PHE A 175 50.86 -30.78 5.16
CA ILE A 176 53.15 -29.92 7.95
CA GLN A 177 51.08 -27.79 10.26
CA THR A 178 52.58 -24.70 11.81
CA ASP A 179 51.59 -22.08 14.35
CA ALA A 180 53.74 -19.47 12.59
CA SER A 181 51.61 -16.67 11.31
CA ILE A 182 50.82 -17.34 7.72
CA ASN A 183 48.59 -15.00 5.80
CA ARG A 184 47.58 -14.33 2.26
CA GLY A 185 50.67 -13.73 0.20
CA ASN A 186 52.57 -16.31 2.19
CA ALA A 187 51.93 -19.00 -0.38
CA GLY A 188 55.01 -20.33 -2.07
CA GLY A 189 57.01 -18.96 0.83
CA ALA A 190 59.43 -20.93 2.88
CA LEU A 191 59.15 -22.59 6.24
CA LEU A 192 62.57 -22.85 7.76
CA ASN A 193 64.12 -24.64 10.66
CA LEU A 194 66.50 -22.95 13.06
CA ASN A 195 69.27 -23.99 10.70
CA GLY A 196 67.63 -21.89 8.03
CA GLU A 197 67.09 -24.99 5.97
CA LEU A 198 63.82 -25.41 4.11
CA ILE A 199 61.34 -27.65 5.91
CA GLY A 200 58.47 -26.99 3.51
CA ILE A 201 56.62 -24.50 1.36
CA ASN A 202 53.68 -22.71 2.93
CA THR A 203 50.64 -23.72 0.93
CA ALA A 204 47.55 -22.69 2.85
CA ILE A 205 45.81 -21.77 6.08
CA LEU A 206 42.56 -22.52 7.79
CA ALA A 207 41.05 -19.32 9.02
CA PRO A 208 37.49 -18.36 9.44
CA GLY A 209 38.41 -14.68 9.33
CA GLY A 210 40.66 -15.01 6.37
CA GLY A 211 43.42 -14.00 8.73
CA SER A 212 45.95 -16.23 10.42
CA VAL A 213 44.31 -18.36 13.10
CA GLY A 214 47.58 -20.03 13.90
CA ILE A 215 46.84 -23.03 11.79
CA GLY A 216 48.92 -23.06 8.67
CA PHE A 217 49.92 -25.85 6.36
CA ALA A 218 53.00 -26.37 4.26
CA ILE A 219 54.14 -28.97 1.79
CA PRO A 220 57.09 -30.76 3.12
CA SER A 221 60.56 -30.02 1.79
CA ASN A 222 61.04 -33.55 0.72
CA MET A 223 57.87 -32.92 -1.03
CA ALA A 224 58.88 -29.89 -2.98
CA ARG A 225 62.40 -31.09 -3.49
CA THR A 226 61.90 -34.19 -5.51
CA LEU A 227 58.74 -32.86 -7.15
CA ALA A 228 60.72 -29.86 -8.16
CA GLN A 229 63.59 -31.91 -9.37
CA GLN A 230 61.89 -33.76 -12.17
CA LEU A 231 60.28 -30.52 -13.12
CA ILE A 232 63.78 -29.70 -14.12
CA ASP A 233 64.69 -33.36 -14.66
CA PHE A 234 63.78 -36.17 -15.08
CA GLY A 235 60.54 -34.61 -16.06
CA GLU A 236 58.87 -37.82 -16.93
CA ILE A 237 55.37 -36.90 -17.92
CA LYS A 238 54.05 -39.58 -15.64
CA ARG A 239 53.06 -39.64 -13.04
CA GLY A 240 53.27 -35.88 -13.32
CA LEU A 241 51.14 -35.99 -10.25
CA LEU A 242 48.03 -38.05 -10.49
CA GLY A 243 45.46 -35.38 -11.14
CA ILE A 244 42.85 -36.28 -8.56
CA LYS A 245 41.03 -34.69 -5.68
CA GLY A 246 40.40 -36.39 -2.42
CA THR A 247 40.12 -35.98 1.28
CA GLU A 248 40.09 -37.89 4.54
CA MET A 249 37.90 -40.89 4.97
CA SER A 250 34.33 -39.72 5.02
CA ALA A 251 32.24 -40.39 8.06
CA ASP A 252 29.35 -41.76 6.04
CA ILE A 253 31.32 -44.01 3.75
CA ALA A 254 33.80 -45.18 6.32
CA LYS A 255 31.67 -46.18 9.18
CA ALA A 256 28.71 -47.56 7.35
CA PHE A 257 30.09 -49.76 4.63
CA ASN A 258 33.14 -50.40 6.51
CA LEU A 259 36.18 -50.00 4.39
CA ASP A 260 38.44 -52.96 4.21
CA VAL A 261 41.34 -50.63 4.82
CA GLN A 262 40.61 -48.66 7.93
CA ARG A 263 41.40 -45.46 6.19
CA GLY A 264 43.05 -44.14 3.13
CA ALA A 265 43.15 -41.28 0.77
CA PHE A 266 39.74 -41.29 -0.66
CA VAL A 267 39.10 -39.79 -4.01
CA SER A 268 35.86 -38.01 -4.73
CA GLU A 269 36.86 -37.02 -8.23
CA VAL A 270 38.39 -38.07 -11.50
CA LEU A 271 40.29 -35.49 -13.47
CA PRO A 272 39.90 -35.40 -17.17
CA GLY A 273 42.87 -36.33 -19.31
CA SER A 274 44.37 -36.75 -15.92
CA GLY A 275 46.87 -39.24 -14.80
CA SER A 276 44.34 -40.85 -12.61
CA ALA A 277 41.93 -40.93 -15.47
CA LYS A 278 43.94 -42.99 -17.89
CA ALA A 279 45.39 -45.04 -15.09
CA GLY A 280 41.82 -45.94 -14.61
CA VAL A 281 41.56 -44.81 -11.05
CA LYS A 282 38.25 -43.36 -10.57
CA ALA A 283 36.10 -41.90 -7.92
CA GLY A 284 34.96 -43.43 -4.74
CA ASP A 285 38.50 -44.74 -4.75
CA ILE A 286 40.26 -45.63 -1.65
CA ILE A 287 43.96 -45.25 -2.07
CA THR A 288 45.31 -47.72 0.44
CA SER A 289 48.92 -47.59 -0.44
CA LEU A 290 51.56 -46.07 -2.62
CA ASN A 291 54.44 -48.21 -3.74
CA GLY A 292 55.53 -51.33 -1.88
CA LYS A 293 55.42 -49.78 1.55
CA PRO A 294 52.05 -49.12 3.04
CA LEU A 295 50.37 -45.75 2.70
CA ASN A 296 48.87 -43.93 5.63
CA SER A 297 46.12 -41.39 5.54
CA PHE A 298 45.46 -38.94 2.78
CA ALA A 299 48.02 -36.97 4.66
CA GLU A 300 50.78 -39.44 4.18
CA LEU A 301 49.73 -39.59 0.58
CA ARG A 302 50.91 -36.22 -0.47
CA SER A 303 53.76 -36.50 1.90
CA ARG A 304 55.32 -39.14 -0.17
CA ILE A 305 53.98 -38.03 -3.53
CA ALA A 306 54.52 -34.41 -2.98
CA THR A 307 57.90 -35.65 -1.98
CA THR A 308 58.37 -37.73 -5.07
CA GLU A 309 59.33 -36.54 -8.52
CA PRO A 310 56.35 -35.46 -10.41
CA GLY A 311 57.05 -37.38 -12.55
CA THR A 312 58.21 -40.70 -11.31
CA LYS A 313 56.23 -43.66 -12.43
CA VAL A 314 54.65 -45.20 -9.39
CA LYS A 315 52.06 -47.83 -8.61
CA LEU A 316 49.08 -47.20 -6.42
CA GLY A 317 47.03 -49.53 -4.34
CA LEU A 318 43.42 -48.78 -3.92
CA LEU A 319 40.31 -50.38 -2.78
CA ARG A 320 37.51 -50.42 -5.08
CA ASN A 321 34.42 -52.52 -4.33
CA GLY A 322 36.11 -54.10 -1.49
CA LYS A 323 38.51 -55.54 -3.88
CA PRO A 324 42.05 -54.96 -4.61
CA LEU A 325 44.03 -53.81 -7.62
CA GLU A 326 47.35 -52.46 -8.48
CA VAL A 327 47.58 -49.82 -11.12
CA GLU A 328 50.45 -47.84 -12.52
CA VAL A 329 50.00 -44.12 -12.39
CA SER A 340 32.68 -32.69 -41.44
CA ALA A 341 31.58 -29.10 -41.94
CA GLU A 342 29.97 -28.92 -38.52
CA MET A 343 32.91 -28.14 -36.39
CA ILE A 344 34.27 -25.46 -38.60
CA THR A 345 30.85 -24.10 -39.34
CA PRO A 346 28.21 -24.02 -36.72
CA ALA A 347 25.33 -26.47 -36.71
CA LEU A 348 25.69 -26.83 -40.47
CA GLU A 349 25.76 -30.55 -40.98
CA GLY A 350 27.24 -31.43 -44.27
CA ALA A 351 30.16 -32.77 -46.19
CA THR A 352 33.22 -33.55 -44.20
CA LEU A 353 36.25 -31.36 -44.54
CA SER A 354 39.92 -32.12 -44.60
CA ASP A 355 42.79 -29.71 -44.46
CA GLY A 356 45.75 -29.60 -46.72
CA GLN A 357 45.50 -29.69 -50.46
CA LEU A 358 46.18 -33.12 -49.40
CA LYS A 359 46.89 -34.27 -52.93
CA ASP A 360 48.80 -31.13 -53.97
CA GLY A 361 50.12 -28.01 -52.27
CA GLY A 362 47.46 -26.69 -49.96
CA LYS A 363 45.14 -24.70 -52.12
CA GLY A 364 42.76 -24.93 -49.22
CA ILE A 365 40.46 -27.15 -47.21
CA LYS A 366 38.81 -29.92 -49.12
CA ILE A 367 35.33 -31.20 -48.62
CA ASP A 368 35.51 -34.95 -48.67
CA GLU A 369 31.95 -35.91 -49.35
CA VAL A 370 28.55 -34.34 -49.34
CA VAL A 371 25.88 -35.70 -47.03
CA LYS A 372 23.51 -33.89 -49.46
CA GLY A 373 20.42 -34.13 -47.28
CA SER A 374 22.41 -31.97 -44.85
CA PRO A 375 22.33 -28.24 -44.84
CA ALA A 376 25.95 -27.90 -45.85
CA ALA A 377 24.58 -29.41 -49.01
CA GLN A 378 21.67 -27.00 -49.26
CA ALA A 379 23.71 -23.83 -49.78
CA GLY A 380 25.89 -25.11 -52.58
CA LEU A 381 28.65 -27.15 -51.07
CA GLN A 382 29.37 -30.14 -53.24
CA LYS A 383 32.10 -32.71 -52.82
CA ASP A 384 35.60 -32.25 -54.21
CA ASP A 385 35.44 -28.52 -53.80
CA VAL A 386 38.47 -26.87 -52.37
CA ILE A 387 38.02 -23.75 -50.38
CA ILE A 388 40.85 -21.49 -51.40
CA GLY A 389 39.93 -18.81 -48.90
CA VAL A 390 37.20 -16.94 -47.12
CA ASN A 391 36.31 -13.27 -47.11
CA ARG A 392 39.24 -12.09 -49.19
CA ASP A 393 41.40 -14.22 -46.97
CA ARG A 394 43.33 -17.14 -48.29
CA VAL A 395 42.69 -20.37 -46.48
CA ASN A 396 45.67 -22.68 -46.57
CA SER A 397 44.12 -25.07 -44.10
CA ILE A 398 41.32 -25.47 -41.61
CA ALA A 399 43.04 -23.46 -38.93
CA GLU A 400 43.24 -20.41 -41.16
CA MET A 401 39.67 -20.86 -42.22
CA ARG A 402 38.75 -20.97 -38.58
CA LYS A 403 40.48 -17.66 -38.19
CA VAL A 404 38.25 -15.86 -40.65
CA LEU A 405 35.32 -17.45 -38.91
CA ALA A 406 36.68 -16.18 -35.64
CA ALA A 407 35.88 -12.70 -36.90
CA LYS A 408 32.35 -14.00 -37.25
CA PRO A 409 31.49 -11.74 -40.11
CA ALA A 410 27.78 -11.68 -40.82
CA ILE A 411 28.81 -12.24 -44.42
CA ILE A 412 30.95 -15.27 -45.06
CA ALA A 413 32.13 -15.80 -48.56
CA LEU A 414 33.78 -19.02 -49.53
CA GLN A 415 35.41 -19.35 -52.83
CA ILE A 416 36.21 -22.80 -53.76
CA VAL A 417 37.56 -24.18 -56.93
CA ARG A 418 35.47 -26.82 -58.54
CA GLY A 419 36.81 -28.61 -61.53
CA ASN A 420 38.92 -26.12 -63.33
CA GLU A 421 36.68 -23.26 -62.38
CA SER A 422 36.29 -20.67 -59.68
CA ILE A 423 33.31 -21.08 -57.42
CA TYR A 424 31.87 -18.93 -54.77
CA LEU A 425 29.93 -20.13 -51.84
CA LEU A 426 28.45 -18.33 -48.99
CA MET A 427 26.70 -18.36 -45.68
CA PRO B 11 64.84 -24.67 29.15
CA LEU B 12 63.03 -21.71 30.59
CA PRO B 13 64.89 -18.56 31.22
CA SER B 14 62.56 -18.47 32.92
CA LEU B 15 60.61 -15.33 32.09
CA ALA B 16 59.11 -15.01 35.55
CA PRO B 17 62.26 -14.11 37.33
CA MET B 18 62.93 -11.29 34.90
CA LEU B 19 59.32 -10.23 35.04
CA GLU B 20 59.04 -10.06 38.78
CA LYS B 21 61.49 -7.25 39.04
CA VAL B 22 60.35 -5.41 35.91
CA LEU B 23 56.57 -5.59 36.07
CA PRO B 24 56.01 -2.98 38.71
CA ALA B 25 57.58 -0.51 36.29
CA VAL B 26 54.75 -0.91 33.84
CA VAL B 27 51.63 0.89 34.78
CA SER B 28 48.02 1.26 33.67
CA VAL B 29 46.87 4.68 32.64
CA ARG B 30 43.31 5.75 33.26
CA VAL B 31 41.84 8.74 31.53
CA GLU B 32 38.65 10.72 31.75
CA GLY B 33 37.63 13.73 29.78
CA THR B 34 35.46 15.28 27.14
CA ALA B 35 31.83 16.73 25.17
CA GLN B 59 30.31 13.61 26.61
CA PRO B 60 32.35 12.01 29.28
CA PHE B 61 34.30 8.92 28.47
CA GLU B 62 36.84 6.78 30.19
CA GLY B 63 39.78 5.29 28.41
CA LEU B 64 42.37 2.79 29.46
CA GLY B 65 45.95 2.51 28.34
CA SER B 66 49.33 1.71 29.77
CA GLY B 67 52.56 3.51 30.46
CA VAL B 68 56.05 2.85 31.68
CA ILE B 69 57.78 4.59 34.45
CA ILE B 70 61.05 6.02 33.24
CA ASN B 71 62.22 7.63 36.42
CA ALA B 72 61.13 6.62 39.84
CA SER B 73 62.19 9.63 41.70
CA LYS B 74 60.55 12.10 39.43
CA GLY B 75 57.68 9.80 38.64
CA TYR B 76 57.85 10.29 34.91
CA VAL B 77 55.81 7.84 32.91
CA LEU B 78 55.94 7.48 29.17
CA THR B 79 52.78 6.79 27.25
CA ASN B 80 51.30 7.24 23.84
CA ASN B 81 49.94 10.64 22.97
CA HIS B 82 46.69 9.19 21.76
CA VAL B 83 45.98 7.60 25.07
CA ILE B 84 46.42 10.94 26.87
CA ASN B 85 45.18 13.34 24.21
CA GLN B 86 41.54 13.66 25.23
CA ALA B 87 42.16 13.27 28.96
CA GLN B 88 40.95 15.98 31.27
CA LYS B 89 42.29 14.02 34.20
CA ILE B 90 44.68 11.13 34.31
CA SER B 91 45.33 8.52 36.91
CA ILE B 92 48.08 5.95 37.15
CA GLN B 93 47.61 2.58 38.73
CA LEU B 94 50.39 0.28 39.84
CA ASN B 95 50.08 -3.47 39.61
CA ASP B 96 50.08 -3.49 43.40
CA GLY B 97 46.83 -1.55 43.34
CA ARG B 98 48.24 1.77 44.43
CA GLU B 99 46.95 4.63 42.36
CA PHE B 100 48.18 8.15 41.77
CA ASP B 101 47.29 11.31 39.89
CA ALA B 102 49.29 12.33 36.91
CA LYS B 103 49.78 15.51 34.95
CA LEU B 104 50.77 15.79 31.32
CA ILE B 105 54.29 17.09 31.17
CA GLY B 106 54.24 17.29 27.39
CA SER B 107 53.72 15.22 24.29
CA ASP B 108 53.78 15.33 20.54
CA ASP B 109 51.39 14.08 17.92
CA GLN B 110 53.64 13.15 15.07
CA SER B 111 55.68 10.51 16.95
CA ASP B 112 52.79 9.86 19.33
CA ILE B 113 54.91 10.10 22.48
CA ALA B 114 53.69 11.71 25.67
CA LEU B 115 55.27 12.15 29.06
CA LEU B 116 53.32 12.17 32.29
CA GLN B 117 54.39 12.92 35.83
CA ILE B 118 52.97 11.22 38.85
CA GLN B 119 52.09 13.38 41.79
CA ASN B 120 53.67 12.20 45.03
CA PRO B 121 55.23 9.22 43.33
CA SER B 122 56.56 7.34 46.40
CA LYS B 123 58.31 3.98 46.16
CA LEU B 124 58.21 3.44 42.47
CA THR B 125 60.27 1.07 40.40
CA GLN B 126 61.75 2.14 37.10
CA ILE B 127 62.43 0.41 33.88
CA ALA B 128 65.86 0.37 32.34
CA ILE B 129 66.08 1.38 28.71
CA ALA B 130 67.87 -0.69 26.12
CA ASP B 131 69.43 0.45 22.86
CA SER B 132 66.81 -0.02 20.18
CA ASP B 133 69.38 0.33 17.47
CA LYS B 134 70.93 -2.90 18.70
CA LEU B 135 67.78 -4.90 18.10
CA ARG B 136 67.76 -7.46 15.33
CA VAL B 137 64.94 -9.54 13.98
CA GLY B 138 64.55 -12.72 15.95
CA ASP B 139 65.21 -11.14 19.29
CA PHE B 140 62.73 -12.12 21.96
CA ALA B 141 60.30 -9.55 23.23
CA VAL B 142 57.68 -9.36 25.93
CA ALA B 143 54.83 -6.94 25.88
CA VAL B 144 53.19 -5.67 29.01
CA GLY B 145 50.10 -3.53 29.19
CA ASN B 146 46.40 -3.70 29.89
CA PRO B 147 44.55 -5.23 27.07
CA PHE B 148 40.80 -4.77 27.34
CA GLY B 149 41.49 -3.22 30.71
CA LEU B 150 41.82 -6.66 32.18
CA GLY B 151 44.83 -5.67 34.23
CA GLN B 152 48.54 -6.05 33.82
CA THR B 153 49.08 -8.65 31.15
CA ALA B 154 52.29 -9.98 29.73
CA THR B 155 52.63 -11.52 26.30
CA SER B 156 55.61 -12.98 24.57
CA GLY B 157 56.90 -12.94 21.02
CA ILE B 158 59.89 -12.04 18.89
CA VAL B 159 60.90 -8.93 17.03
CA SER B 160 59.37 -9.47 13.62
CA ALA B 161 60.81 -6.45 11.87
CA LEU B 162 62.24 -3.03 12.47
CA GLY B 163 62.34 0.28 10.72
CA ARG B 164 58.85 -0.07 9.42
CA SER B 165 56.79 2.79 8.15
CA GLY B 166 54.35 3.86 5.54
CA LEU B 167 51.69 2.50 7.80
CA ASN B 168 50.36 6.03 7.86
CA LEU B 169 49.52 5.47 11.47
CA GLU B 170 51.68 8.35 12.60
CA GLY B 171 53.47 11.38 11.18
CA LEU B 172 56.82 9.94 12.11
CA GLU B 173 57.00 6.22 12.07
CA ASN B 174 59.69 3.66 12.72
CA PHE B 175 57.87 0.91 14.33
CA ILE B 176 59.44 -2.16 15.73
CA GLN B 177 57.15 -4.93 14.65
CA THR B 178 56.36 -7.69 17.09
CA ASP B 179 54.43 -10.95 17.17
CA ALA B 180 53.62 -10.55 20.85
CA SER B 181 49.92 -10.27 21.29
CA ILE B 182 48.97 -6.66 21.48
CA ASN B 183 45.39 -5.55 21.75
CA ARG B 184 43.58 -2.37 22.56
CA GLY B 185 44.63 -1.06 25.94
CA ASN B 186 48.19 -2.07 25.18
CA ALA B 187 49.00 1.43 23.99
CA GLY B 188 51.67 3.15 25.98
CA GLY B 189 52.69 -0.22 27.32
CA ALA B 190 56.18 -1.57 27.28
CA LEU B 191 57.93 -3.99 25.00
CA LEU B 192 60.78 -5.57 26.88
CA ASN B 193 63.77 -7.68 26.05
CA LEU B 194 64.80 -10.74 28.02
CA ASN B 195 66.77 -8.40 30.22
CA GLY B 196 63.57 -6.67 31.10
CA GLU B 197 64.91 -3.53 29.50
CA LEU B 198 62.60 -1.36 27.45
CA ILE B 199 62.89 -1.92 23.71
CA GLY B 200 59.95 0.26 22.75
CA ILE B 201 56.46 1.47 23.56
CA ASN B 202 53.57 -0.41 21.97
CA THR B 203 51.78 2.10 19.77
CA ALA B 204 49.47 0.21 17.45
CA ILE B 205 48.38 -2.97 15.69
CA LEU B 206 47.21 -4.03 12.27
CA ALA B 207 44.24 -6.28 12.63
CA PRO B 208 41.28 -6.70 10.43
CA GLY B 209 39.30 -8.16 13.31
CA GLY B 210 40.29 -5.49 15.74
CA GLY B 211 41.97 -8.27 17.65
CA SER B 212 45.65 -9.14 17.64
CA VAL B 213 46.70 -10.67 14.33
CA GLY B 214 50.23 -11.03 15.57
CA ILE B 215 51.31 -7.86 13.86
CA GLY B 216 52.01 -5.14 16.38
CA PHE B 217 54.06 -2.00 16.21
CA ALA B 218 56.01 -0.17 18.85
CA ILE B 219 58.02 3.01 18.94
CA PRO B 220 61.57 2.21 19.64
CA SER B 221 63.05 2.84 23.06
CA ASN B 222 65.66 5.06 21.61
CA MET B 223 62.68 6.77 20.27
CA ALA B 224 60.80 7.29 23.45
CA ARG B 225 63.85 7.91 25.54
CA THR B 226 65.29 10.95 23.96
CA LEU B 227 61.85 12.26 22.99
CA ALA B 228 60.82 11.86 26.58
CA GLN B 229 64.02 13.43 27.71
CA GLN B 230 63.51 16.90 26.39
CA LEU B 231 59.92 16.69 27.43
CA ILE B 232 61.41 17.01 30.84
CA ASP B 233 64.62 18.66 29.53
CA PHE B 234 65.78 20.33 27.41
CA GLY B 235 62.30 20.92 26.22
CA GLU B 236 63.36 23.08 23.36
CA ILE B 237 60.23 24.20 21.64
CA LYS B 238 61.62 23.06 18.36
CA ARG B 239 61.52 20.77 16.76
CA GLY B 240 58.91 19.63 19.23
CA LEU B 241 58.24 17.06 16.59
CA LEU B 242 57.57 18.39 13.16
CA GLY B 243 53.81 18.23 13.06
CA ILE B 244 53.22 16.48 9.75
CA LYS B 245 51.52 13.46 8.28
CA GLY B 246 53.15 11.13 5.84
CA THR B 247 53.39 7.63 4.58
CA GLU B 248 55.52 5.37 2.41
CA MET B 249 56.34 6.33 -1.11
CA SER B 250 53.12 6.25 -3.05
CA ALA B 251 52.81 4.04 -6.07
CA ASP B 252 51.42 6.79 -8.26
CA ILE B 253 53.88 9.54 -7.45
CA ALA B 254 56.92 7.35 -7.11
CA LYS B 255 56.73 5.33 -10.21
CA ALA B 256 55.41 7.87 -12.61
CA PHE B 257 57.36 11.05 -12.03
CA ASN B 258 60.26 9.22 -10.77
CA LEU B 259 61.42 10.66 -7.57
CA ASP B 260 65.02 11.76 -7.50
CA VAL B 261 65.54 9.93 -4.25
CA GLN B 262 64.39 6.37 -4.61
CA ARG B 263 62.12 6.69 -1.67
CA GLY B 264 61.61 8.76 1.38
CA ALA B 265 59.11 9.82 3.91
CA PHE B 266 56.53 11.51 1.87
CA VAL B 267 54.32 14.08 3.39
CA SER B 268 50.74 14.40 2.28
CA GLU B 269 49.89 17.15 4.70
CA VAL B 270 50.98 20.35 6.38
CA LEU B 271 49.87 20.98 9.91
CA PRO B 272 48.78 24.39 10.92
CA GLY B 273 50.95 26.32 13.31
CA SER B 274 53.00 23.21 13.09
CA GLY B 275 56.68 22.92 13.07
CA SER B 276 56.64 21.81 9.54
CA ALA B 277 54.47 24.72 8.68
CA LYS B 278 56.76 27.50 9.79
CA ALA B 279 59.81 25.56 8.72
CA GLY B 280 58.19 25.86 5.40
CA VAL B 281 57.97 22.18 4.68
CA LYS B 282 54.82 21.59 2.89
CA ALA B 283 52.99 18.82 1.27
CA GLY B 284 54.03 16.64 -1.56
CA ASP B 285 57.29 16.79 0.31
CA ILE B 286 59.66 14.05 0.18
CA ILE B 287 61.89 13.89 3.18
CA THR B 288 65.10 12.37 1.89
CA SER B 289 67.23 12.74 4.95
CA LEU B 290 67.39 13.86 8.47
CA ASN B 291 70.59 15.40 9.70
CA GLY B 292 73.96 14.80 8.04
CA LYS B 293 73.52 11.07 7.70
CA PRO B 294 71.14 9.82 5.13
CA LEU B 295 67.58 8.89 6.00
CA ASN B 296 65.92 5.80 4.74
CA SER B 297 62.25 5.13 4.45
CA PHE B 298 59.53 6.89 6.33
CA ALA B 299 60.25 4.09 8.74
CA GLU B 300 63.70 5.25 9.57
CA LEU B 301 62.22 8.67 9.82
CA ARG B 302 60.37 8.16 13.01
CA SER B 303 63.05 5.86 14.18
CA ARG B 304 65.52 8.61 14.42
CA ILE B 305 63.13 11.41 15.24
CA ALA B 306 61.02 9.45 17.57
CA THR B 307 64.40 8.67 18.97
CA THR B 308 65.53 12.21 19.18
CA GLU B 309 64.55 14.87 21.65
CA PRO B 310 61.35 16.46 20.74
CA GLY B 311 62.65 19.13 20.89
CA THR B 312 66.08 19.15 19.44
CA LYS B 313 66.65 21.47 16.57
CA VAL B 314 67.46 19.43 13.54
CA LYS B 315 67.68 19.98 9.82
CA LEU B 316 65.71 18.04 7.30
CA GLY B 317 66.45 17.26 3.71
CA LEU B 318 63.60 16.97 1.33
CA LEU B 319 63.02 16.89 -2.30
CA ARG B 320 60.67 19.27 -3.65
CA ASN B 321 60.27 19.83 -7.38
CA GLY B 322 63.14 17.64 -7.97
CA LYS B 323 65.23 20.09 -6.17
CA PRO B 324 66.97 20.15 -2.97
CA LEU B 325 66.78 22.24 0.19
CA GLU B 326 67.86 22.12 3.68
CA VAL B 327 65.64 23.62 6.32
CA GLU B 328 65.73 23.73 10.07
CA VAL B 329 62.62 22.22 11.55
CA SER B 340 36.15 45.98 13.25
CA ALA B 341 32.91 45.27 15.06
CA GLU B 342 32.09 42.34 12.82
CA MET B 343 34.24 39.72 14.38
CA ILE B 344 33.07 40.49 17.87
CA THR B 345 29.54 41.05 16.78
CA PRO B 346 27.96 38.99 14.11
CA ALA B 347 27.40 40.40 10.65
CA LEU B 348 27.31 43.89 12.15
CA GLU B 349 29.65 45.78 9.90
CA GLY B 350 30.86 48.89 11.53
CA ALA B 351 33.59 50.73 13.33
CA THR B 352 36.68 48.76 14.06
CA LEU B 353 37.49 47.82 17.59
CA SER B 354 40.70 47.69 19.55
CA ASP B 355 41.44 46.26 22.98
CA GLY B 356 43.20 47.87 25.93
CA GLN B 357 42.24 51.32 26.98
CA LEU B 358 44.67 52.12 24.57
CA LYS B 359 47.11 53.90 26.60
CA ASP B 360 45.81 53.64 30.04
CA GLY B 361 44.23 51.06 32.22
CA GLY B 362 41.82 49.14 30.13
CA LYS B 363 38.56 50.94 30.51
CA GLY B 364 37.41 48.60 27.84
CA ILE B 365 37.38 48.02 24.12
CA LYS B 366 37.87 51.03 21.91
CA ILE B 367 36.02 51.64 18.71
CA ASP B 368 38.59 53.02 16.34
CA GLU B 369 36.49 54.54 13.62
CA VAL B 370 32.94 54.51 12.43
CA VAL B 371 32.20 53.25 8.93
CA LYS B 372 28.83 55.02 9.51
CA GLY B 373 27.09 53.68 6.45
CA SER B 374 27.54 50.33 8.24
CA PRO B 375 25.02 48.98 10.64
CA ALA B 376 27.35 49.17 13.60
CA ALA B 377 26.83 52.84 12.92
CA GLN B 378 23.07 52.55 12.70
CA ALA B 379 22.49 51.47 16.30
CA GLY B 380 24.44 54.26 17.94
CA LEU B 381 28.05 53.26 17.86
CA GLN B 382 30.22 56.30 17.26
CA LYS B 383 33.98 56.41 17.16
CA ASP B 384 36.10 57.03 20.24
CA ASP B 385 33.62 55.29 22.46
CA VAL B 386 35.01 52.96 25.07
CA ILE B 387 32.93 49.96 25.92
CA ILE B 388 33.37 49.58 29.64
CA GLY B 389 31.39 46.40 29.87
CA VAL B 390 28.41 44.44 28.62
CA ASN B 391 25.34 43.20 30.44
CA ARG B 392 26.41 44.22 33.92
CA ASP B 393 29.75 42.70 33.09
CA ARG B 394 32.90 44.72 32.93
CA VAL B 395 34.79 44.40 29.70
CA ASN B 396 38.51 44.85 30.16
CA SER B 397 39.29 43.85 26.63
CA ILE B 398 37.96 42.10 23.56
CA ALA B 399 38.27 38.66 25.03
CA GLU B 400 36.06 39.48 27.97
CA MET B 401 33.53 41.18 25.76
CA ARG B 402 33.46 38.06 23.67
CA LYS B 403 32.70 36.14 26.81
CA VAL B 404 29.50 38.01 27.54
CA LEU B 405 28.60 37.50 23.91
CA ALA B 406 29.31 33.82 24.36
CA ALA B 407 26.34 33.73 26.69
CA LYS B 408 24.43 35.07 23.73
CA PRO B 409 21.84 36.98 25.69
CA ALA B 410 18.90 38.04 23.62
CA ILE B 411 19.56 41.45 25.07
CA ILE B 412 23.02 42.88 24.88
CA ALA B 413 23.65 46.10 26.63
CA LEU B 414 26.80 48.00 25.89
CA GLN B 415 27.74 50.91 28.01
CA ILE B 416 30.46 52.94 26.68
CA VAL B 417 31.85 56.16 27.88
CA ARG B 418 31.68 58.96 25.40
CA GLY B 419 33.43 62.15 26.26
CA ASN B 420 32.98 62.67 29.92
CA GLU B 421 29.70 60.85 30.23
CA SER B 422 28.19 57.43 30.35
CA ILE B 423 26.56 56.00 27.28
CA TYR B 424 24.57 52.91 26.73
CA LEU B 425 24.35 51.03 23.56
CA LEU B 426 22.54 47.94 22.64
CA MET B 427 21.70 45.21 20.26
CA PRO C 11 68.13 -23.78 20.90
CA LEU C 12 65.33 -26.28 20.74
CA PRO C 13 64.50 -28.19 23.82
CA SER C 14 63.26 -29.64 21.68
CA LEU C 15 59.57 -29.91 22.45
CA ALA C 16 59.16 -33.10 20.45
CA PRO C 17 61.08 -35.34 22.73
CA MET C 18 58.98 -34.35 25.69
CA LEU C 19 55.82 -34.62 23.64
CA GLU C 20 56.58 -38.05 22.34
CA LYS C 21 56.27 -39.63 25.73
CA VAL C 22 53.45 -37.45 27.10
CA LEU C 23 51.04 -37.24 24.19
CA PRO C 24 49.49 -40.65 24.51
CA ALA C 25 48.25 -39.52 27.91
CA VAL C 26 45.96 -36.92 26.42
CA VAL C 27 42.85 -38.26 24.82
CA SER C 28 39.91 -37.09 22.80
CA VAL C 29 36.49 -37.45 24.32
CA ARG C 30 33.47 -38.06 22.17
CA VAL C 31 29.97 -37.78 23.46
CA GLU C 32 26.42 -38.13 22.29
CA GLY C 33 23.23 -37.61 24.15
CA THR C 34 19.99 -35.77 24.72
CA ALA C 35 15.92 -34.23 23.39
CA GLN C 59 17.45 -33.92 19.98
CA PRO C 60 20.61 -35.86 19.60
CA PHE C 61 23.90 -34.08 19.57
CA GLU C 62 27.49 -35.07 19.14
CA GLY C 63 30.21 -33.24 20.94
CA LEU C 64 33.97 -33.41 20.91
CA GLY C 65 36.33 -32.58 23.73
CA SER C 66 39.52 -33.81 25.28
CA GLY C 67 40.62 -35.41 28.50
CA VAL C 68 43.74 -36.52 30.30
CA ILE C 69 44.52 -39.94 31.66
CA ILE C 70 45.28 -39.53 35.34
CA ASN C 71 45.52 -43.21 36.18
CA ALA C 72 46.65 -45.66 33.58
CA SER C 73 45.75 -48.65 35.65
CA LYS C 74 42.33 -47.51 36.70
CA GLY C 75 41.70 -45.77 33.44
CA TYR C 76 40.60 -42.54 35.06
CA VAL C 77 40.40 -39.61 32.70
CA LEU C 78 39.88 -36.05 33.79
CA THR C 79 37.72 -33.81 31.68
CA ASN C 80 35.57 -30.74 31.91
CA ASN C 81 32.08 -31.21 33.22
CA HIS C 82 30.59 -29.26 30.39
CA VAL C 83 32.03 -31.62 27.86
CA ILE C 84 30.45 -34.61 29.61
CA ASN C 85 27.30 -33.09 31.09
CA GLN C 86 24.79 -33.97 28.38
CA ALA C 87 26.48 -37.19 27.35
CA GLN C 88 24.33 -40.29 27.24
CA LYS C 89 27.30 -42.24 25.99
CA ILE C 90 30.95 -41.40 26.16
CA SER C 91 33.85 -42.72 24.15
CA ILE C 92 37.53 -42.10 24.53
CA GLN C 93 39.93 -42.16 21.63
CA LEU C 94 43.67 -42.57 21.99
CA ASN C 95 46.13 -40.90 19.67
CA ASP C 96 46.96 -44.36 18.41
CA GLY C 97 43.42 -44.73 17.17
CA ARG C 98 42.26 -47.18 19.77
CA GLU C 99 38.87 -46.34 21.21
CA PHE C 100 37.20 -47.26 24.46
CA ASP C 101 33.93 -46.65 26.23
CA ALA C 102 33.86 -44.61 29.37
CA LYS C 103 31.51 -44.10 32.28
CA LEU C 104 31.14 -40.96 34.30
CA ILE C 105 32.56 -41.52 37.73
CA GLY C 106 31.46 -38.16 39.00
CA SER C 107 31.72 -34.49 38.30
CA ASP C 108 30.80 -31.11 39.59
CA ASP C 109 29.42 -28.04 37.88
CA GLN C 110 30.88 -25.22 39.88
CA SER C 111 34.54 -26.04 39.26
CA ASP C 112 33.64 -27.78 36.01
CA ILE C 113 35.69 -30.88 36.68
CA ALA C 114 34.55 -34.37 35.78
CA LEU C 115 36.10 -37.78 36.19
CA LEU C 116 35.61 -40.56 33.68
CA GLN C 117 36.64 -44.17 33.80
CA ILE C 118 37.59 -46.15 30.75
CA GLN C 119 36.22 -49.63 30.55
CA ASN C 120 38.92 -52.26 30.14
CA PRO C 121 41.58 -49.64 29.79
CA SER C 122 44.53 -51.81 28.63
CA LYS C 123 47.98 -50.39 27.98
CA LEU C 124 47.41 -46.78 28.78
CA THR C 125 49.85 -44.03 29.51
CA GLN C 126 49.41 -41.72 32.45
CA ILE C 127 50.35 -38.09 32.75
CA ALA C 128 52.24 -36.84 35.78
CA ILE C 129 50.79 -33.94 37.69
CA ALA C 130 52.83 -30.90 38.62
CA ASP C 131 52.26 -28.52 41.49
CA SER C 132 50.13 -25.68 40.18
CA ASP C 133 51.01 -23.48 43.09
CA LYS C 134 54.61 -23.50 41.88
CA LEU C 135 53.70 -21.93 38.57
CA ARG C 136 54.82 -18.39 37.90
CA VAL C 137 54.05 -16.14 35.01
CA GLY C 138 56.47 -16.65 32.17
CA ASP C 139 56.63 -20.38 32.54
CA PHE C 140 56.27 -22.21 29.27
CA ALA C 141 53.15 -24.20 28.63
CA VAL C 142 51.93 -26.55 25.96
CA ALA C 143 48.30 -27.24 25.34
CA VAL C 144 47.09 -30.48 23.92
CA GLY C 145 43.56 -31.29 22.90
CA ASN C 146 41.42 -31.56 19.83
CA PRO C 147 40.45 -28.27 18.46
CA PHE C 148 37.70 -28.36 15.88
CA GLY C 149 37.89 -32.11 16.29
CA LEU C 150 40.89 -32.16 14.01
CA GLY C 151 42.72 -34.66 16.13
CA GLN C 152 45.40 -34.43 18.75
CA THR C 153 46.92 -30.98 18.42
CA ALA C 154 49.64 -29.33 20.43
CA THR C 155 50.06 -25.62 20.81
CA SER C 156 52.69 -23.68 22.68
CA GLY C 157 52.65 -20.57 24.81
CA ILE C 158 53.53 -19.18 28.22
CA VAL C 159 51.62 -18.86 31.46
CA SER C 160 50.15 -15.40 31.11
CA ALA C 161 48.57 -15.12 34.52
CA LEU C 162 47.30 -17.08 37.48
CA GLY C 163 44.61 -16.80 40.07
CA ARG C 164 42.22 -15.16 37.76
CA SER C 165 38.51 -14.90 38.23
CA GLY C 166 35.43 -12.88 37.90
CA LEU C 167 35.24 -14.24 34.39
CA ASN C 168 31.87 -15.61 35.44
CA LEU C 169 32.60 -18.63 33.34
CA GLU C 170 32.34 -20.96 36.31
CA GLY C 171 30.99 -20.93 39.84
CA LEU C 172 34.44 -21.45 41.25
CA GLU C 173 37.20 -20.08 39.23
CA ASN C 174 40.96 -19.76 39.49
CA PHE C 175 42.06 -20.02 36.00
CA ILE C 176 45.60 -20.22 34.88
CA GLN C 177 45.74 -17.95 31.87
CA THR C 178 47.70 -19.06 28.83
CA ASP C 179 48.66 -17.61 25.47
CA ALA C 180 48.73 -21.09 23.94
CA SER C 181 46.18 -21.40 21.21
CA ILE C 182 43.05 -22.86 22.67
CA ASN C 183 39.95 -23.32 20.61
CA ARG C 184 36.72 -25.18 20.85
CA GLY C 185 37.34 -28.85 21.39
CA ASN C 186 40.29 -28.05 23.62
CA ALA C 187 38.11 -28.38 26.70
CA GLY C 188 39.18 -31.10 29.07
CA GLY C 189 42.54 -31.07 27.37
CA ALA C 190 45.84 -30.76 29.12
CA LEU C 191 48.15 -27.87 29.68
CA LEU C 192 51.61 -29.17 30.21
CA ASN C 193 54.91 -27.78 31.38
CA LEU C 194 58.20 -28.47 29.64
CA ASN C 195 58.46 -31.57 31.77
CA GLY C 196 55.28 -32.79 30.22
CA GLU C 197 53.63 -32.64 33.62
CA LEU C 198 50.04 -31.45 33.89
CA ILE C 199 49.73 -27.87 35.08
CA GLY C 200 46.00 -27.61 34.45
CA ILE C 201 43.01 -28.59 32.36
CA ASN C 202 41.98 -26.16 29.63
CA THR C 203 38.49 -25.02 30.50
CA ALA C 204 37.66 -22.00 28.37
CA ILE C 205 38.71 -19.03 26.27
CA LEU C 206 37.78 -15.40 25.93
CA ALA C 207 37.39 -14.59 22.30
CA PRO C 208 35.15 -12.15 20.63
CA GLY C 209 35.48 -14.06 17.37
CA GLY C 210 34.92 -17.43 18.91
CA GLY C 211 38.46 -18.18 17.84
CA SER C 212 41.56 -18.12 19.97
CA VAL C 213 42.54 -14.55 20.87
CA GLY C 214 45.46 -15.82 22.86
CA ILE C 215 43.57 -15.59 26.10
CA GLY C 216 42.83 -19.05 27.41
CA PHE C 217 42.01 -20.31 30.86
CA ALA C 218 42.66 -23.61 32.56
CA ILE C 219 41.83 -25.07 35.92
CA PRO C 220 44.96 -25.65 37.83
CA SER C 221 46.33 -29.15 38.19
CA ASN C 222 46.19 -28.89 41.91
CA MET C 223 42.67 -28.09 41.16
CA ALA C 224 41.84 -31.08 39.09
CA ARG C 225 43.97 -33.44 41.07
CA THR C 226 42.43 -33.29 44.45
CA LEU C 227 38.98 -32.65 43.00
CA ALA C 228 39.44 -35.72 40.87
CA GLN C 229 40.72 -37.61 43.82
CA GLN C 230 37.62 -37.69 45.88
CA LEU C 231 35.62 -38.42 42.80
CA ILE C 232 37.34 -41.71 43.04
CA ASP C 233 37.91 -41.34 46.81
CA PHE C 234 37.03 -40.09 49.35
CA GLY C 235 33.97 -39.05 47.47
CA GLU C 236 32.42 -37.33 50.40
CA ILE C 237 29.14 -36.00 49.16
CA LYS C 238 29.97 -32.65 50.64
CA ARG C 239 31.08 -30.27 49.70
CA GLY C 240 30.85 -31.92 46.33
CA LEU C 241 31.52 -28.44 45.13
CA LEU C 242 29.21 -25.81 46.42
CA GLY C 243 26.85 -25.43 43.50
CA ILE C 244 26.88 -21.68 43.04
CA LYS C 245 27.48 -19.01 40.43
CA GLY C 246 29.59 -15.99 41.04
CA THR C 247 31.92 -13.45 39.57
CA GLU C 248 34.34 -10.70 40.54
CA MET C 249 33.25 -7.87 42.74
CA SER C 250 30.74 -5.88 40.80
CA ALA C 251 31.30 -2.22 40.19
CA ASP C 252 27.88 -1.26 41.44
CA ILE C 253 27.85 -3.28 44.61
CA ALA C 254 31.44 -2.74 45.56
CA LYS C 255 31.83 0.91 45.09
CA ALA C 256 28.59 2.14 46.44
CA PHE C 257 27.75 0.32 49.59
CA ASN C 258 31.30 -0.48 50.10
CA LEU C 259 31.81 -4.02 51.09
CA ASP C 260 33.36 -4.70 54.41
CA VAL C 261 35.78 -7.02 52.69
CA GLN C 262 37.54 -5.19 49.92
CA ARG C 263 36.61 -7.88 47.51
CA GLY C 264 35.64 -11.47 47.39
CA ALA C 265 33.91 -14.06 45.37
CA PHE C 266 30.48 -12.69 44.98
CA VAL C 267 27.61 -14.97 44.33
CA SER C 268 24.77 -13.89 42.11
CA GLU C 269 22.85 -17.11 42.38
CA VAL C 270 21.75 -20.01 44.49
CA LEU C 271 21.52 -23.47 43.00
CA PRO C 272 18.67 -25.68 43.89
CA GLY C 273 19.32 -28.78 45.94
CA SER C 274 22.77 -27.37 45.79
CA GLY C 275 25.39 -27.49 48.40
CA SER C 276 25.22 -23.79 48.75
CA ALA C 277 21.50 -24.06 49.04
CA LYS C 278 21.27 -26.24 52.08
CA ALA C 279 24.35 -24.68 53.57
CA GLY C 280 22.19 -21.66 53.46
CA VAL C 281 24.49 -19.54 51.39
CA LYS C 282 22.43 -17.49 49.17
CA ALA C 283 22.82 -14.81 46.65
CA GLY C 284 24.29 -11.42 47.02
CA ASP C 285 26.78 -13.37 49.05
CA ILE C 286 30.24 -12.28 49.33
CA ILE C 287 32.59 -15.13 50.04
CA THR C 288 35.40 -13.54 51.96
CA SER C 289 37.33 -16.59 52.84
CA LEU C 290 37.59 -20.31 52.61
CA ASN C 291 38.82 -22.21 55.61
CA GLY C 292 41.05 -20.64 58.27
CA LYS C 293 43.38 -18.96 55.81
CA PRO C 294 42.05 -15.95 54.08
CA LEU C 295 40.53 -16.14 50.63
CA ASN C 296 41.47 -13.87 47.81
CA SER C 297 39.41 -12.92 44.84
CA PHE C 298 36.90 -15.10 43.11
CA ALA C 299 39.99 -16.30 41.34
CA GLU C 300 41.65 -17.68 44.40
CA LEU C 301 38.36 -19.21 45.24
CA ARG C 302 38.32 -21.85 42.62
CA SER C 303 42.02 -22.16 42.88
CA ARG C 304 41.73 -23.64 46.26
CA ILE C 305 38.36 -25.27 45.87
CA ALA C 306 39.02 -26.54 42.44
CA THR C 307 42.17 -27.81 43.97
CA THR C 308 40.40 -29.34 46.91
CA GLU C 309 38.56 -32.64 46.92
CA PRO C 310 35.06 -32.23 45.81
CA GLY C 311 34.13 -33.45 48.34
CA THR C 312 36.00 -32.29 51.35
CA LYS C 313 33.93 -30.67 54.01
CA VAL C 314 34.97 -27.08 54.31
CA LYS C 315 33.76 -23.93 55.99
CA LEU C 316 33.16 -20.72 54.13
CA GLY C 317 33.25 -17.18 55.31
CA LEU C 318 30.98 -14.73 53.68
CA LEU C 319 29.70 -11.34 54.28
CA ARG C 320 26.11 -10.88 54.21
CA ASN C 321 24.44 -7.66 55.29
CA GLY C 322 27.70 -6.42 56.41
CA LYS C 323 27.71 -9.11 58.92
CA PRO C 324 29.64 -12.20 59.34
CA LEU C 325 28.91 -15.92 59.48
CA GLU C 326 30.65 -19.15 59.25
CA VAL C 327 28.88 -21.94 57.52
CA GLU C 328 29.84 -25.47 56.60
CA VAL C 329 29.30 -26.14 52.97
CA SER C 340 -1.43 -37.90 49.07
CA ALA C 341 -3.23 -38.85 45.86
CA GLU C 342 -2.15 -35.52 44.41
CA MET C 343 1.28 -36.37 43.24
CA ILE C 344 0.33 -39.59 41.62
CA THR C 345 -2.82 -38.13 40.23
CA PRO C 346 -2.95 -34.60 39.01
CA ALA C 347 -4.66 -31.88 41.00
CA LEU C 348 -6.90 -34.52 42.58
CA GLU C 349 -6.53 -33.79 46.23
CA GLY C 350 -7.61 -36.65 48.36
CA ALA C 351 -6.61 -39.55 50.50
CA THR C 352 -2.95 -40.20 50.92
CA LEU C 353 -1.36 -43.18 49.33
CA SER C 354 1.39 -45.51 50.44
CA ASP C 355 3.27 -48.05 48.43
CA GLY C 356 3.76 -51.66 49.27
CA GLN C 357 1.07 -53.97 50.48
CA LEU C 358 2.88 -52.77 53.40
CA LYS C 359 1.31 -55.35 55.67
CA ASP C 360 1.41 -58.23 53.17
CA GLY C 361 3.00 -58.85 49.81
CA GLY C 362 2.39 -55.85 47.64
CA LYS C 363 -1.15 -56.16 46.43
CA GLY C 364 -0.74 -52.60 45.38
CA ILE C 365 -0.73 -49.04 46.61
CA LYS C 366 -2.73 -48.30 49.69
CA ILE C 367 -4.81 -45.25 50.34
CA ASP C 368 -4.09 -44.25 53.90
CA GLU C 369 -6.96 -41.94 54.66
CA VAL C 370 -9.70 -40.08 52.88
CA VAL C 371 -9.78 -36.30 53.12
CA LYS C 372 -13.33 -36.85 51.74
CA GLY C 373 -14.17 -33.21 51.19
CA SER C 374 -11.41 -33.59 48.56
CA PRO C 375 -12.06 -34.65 45.05
CA ALA C 376 -10.15 -37.89 45.40
CA ALA C 377 -13.06 -38.58 47.68
CA GLN C 378 -15.68 -37.50 45.19
CA ALA C 379 -15.02 -40.20 42.59
CA GLY C 380 -15.20 -43.15 44.93
CA LEU C 381 -11.86 -43.39 46.65
CA GLN C 382 -12.36 -44.61 50.20
CA LYS C 383 -9.59 -45.32 52.64
CA ASP C 384 -8.22 -48.80 53.19
CA ASP C 385 -8.58 -49.49 49.52
CA VAL C 386 -5.72 -51.27 47.81
CA ILE C 387 -5.15 -50.45 44.22
CA ILE C 388 -4.23 -53.76 42.68
CA GLY C 389 -3.56 -52.30 39.28
CA VAL C 390 -4.61 -49.81 36.67
CA ASN C 391 -5.77 -50.30 33.11
CA ARG C 392 -5.28 -54.05 32.97
CA ASP C 393 -1.90 -53.39 34.50
CA ARG C 394 -0.94 -54.75 37.85
CA VAL C 395 0.30 -52.11 40.22
CA ASN C 396 2.73 -53.51 42.73
CA SER C 397 3.75 -50.11 43.98
CA ILE C 398 3.47 -46.39 43.36
CA ALA C 399 6.17 -46.42 40.75
CA GLU C 400 4.33 -48.95 38.64
CA MET C 401 1.09 -47.07 39.02
CA ARG C 402 2.90 -43.99 37.86
CA LYS C 403 3.94 -45.90 34.78
CA VAL C 404 0.39 -46.57 33.75
CA LEU C 405 -0.31 -42.93 34.27
CA ALA C 406 2.73 -42.11 32.21
CA ALA C 407 0.78 -43.45 29.26
CA LYS C 408 -1.79 -40.84 30.23
CA PRO C 409 -4.69 -42.84 28.94
CA ALA C 410 -7.83 -40.75 28.70
CA ILE C 411 -9.45 -43.64 30.52
CA ILE C 412 -7.91 -44.66 33.79
CA ALA C 413 -9.37 -47.62 35.53
CA LEU C 414 -8.38 -48.43 39.04
CA GLN C 415 -9.39 -51.65 40.58
CA ILE C 416 -8.92 -51.75 44.20
CA VAL C 417 -9.93 -54.33 46.66
CA ARG C 418 -12.14 -53.14 49.44
CA GLY C 419 -12.90 -55.55 52.20
CA ASN C 420 -13.04 -58.94 50.66
CA GLU C 421 -14.38 -57.73 47.35
CA SER C 422 -13.24 -56.26 44.10
CA ILE C 423 -13.78 -52.60 43.47
CA TYR C 424 -13.27 -50.55 40.42
CA LEU C 425 -12.47 -46.93 40.45
CA LEU C 426 -11.87 -44.51 37.71
CA MET C 427 -10.97 -41.15 36.36
CA PRO D 11 7.97 19.52 -72.48
CA LEU D 12 11.03 18.65 -70.46
CA PRO D 13 13.85 21.07 -70.32
CA SER D 14 14.94 18.53 -69.54
CA LEU D 15 16.66 18.86 -66.18
CA ALA D 16 19.10 16.07 -66.76
CA PRO D 17 21.16 17.84 -69.30
CA MET D 18 21.61 20.85 -67.07
CA LEU D 19 22.22 18.64 -64.07
CA GLU D 20 24.81 16.48 -65.73
CA LYS D 21 27.24 19.33 -65.96
CA VAL D 22 26.43 20.98 -62.62
CA LEU D 23 26.16 18.04 -60.26
CA PRO D 24 29.82 17.34 -59.83
CA ALA D 25 30.06 20.83 -58.36
CA VAL D 26 27.92 19.88 -55.40
CA VAL D 27 29.69 17.89 -52.78
CA SER D 28 29.01 15.98 -49.58
CA VAL D 29 30.71 17.19 -46.45
CA ARG D 30 31.71 14.74 -43.78
CA VAL D 31 32.67 15.87 -40.33
CA GLU D 32 34.20 14.32 -37.23
CA GLY D 33 34.80 15.98 -33.93
CA THR D 34 34.27 16.50 -30.25
CA ALA D 35 33.55 15.14 -25.92
CA GLN D 59 31.94 12.08 -27.39
CA PRO D 60 32.92 11.57 -30.95
CA PHE D 61 30.30 12.30 -33.52
CA GLU D 62 30.03 12.08 -37.26
CA GLY D 63 27.90 14.50 -39.18
CA LEU D 64 26.94 14.76 -42.79
CA GLY D 65 26.17 17.84 -44.80
CA SER D 66 26.75 19.21 -48.24
CA GLY D 67 28.74 21.97 -49.85
CA VAL D 68 29.29 23.62 -53.19
CA ILE D 69 32.55 24.09 -55.00
CA ILE D 70 32.94 27.78 -55.64
CA ASN D 71 36.30 27.65 -57.30
CA ALA D 72 37.73 24.52 -58.79
CA SER D 73 41.29 25.73 -58.92
CA LYS D 74 41.55 26.77 -55.33
CA GLY D 75 39.19 24.09 -54.16
CA TYR D 76 37.02 26.43 -52.14
CA VAL D 77 33.77 24.92 -51.03
CA LEU D 78 30.94 26.84 -49.43
CA THR D 79 28.96 25.26 -46.65
CA ASN D 80 26.88 26.15 -43.66
CA ASN D 81 28.71 27.08 -40.52
CA HIS D 82 26.60 24.74 -38.48
CA VAL D 83 27.70 21.75 -40.44
CA ILE D 84 31.36 22.64 -39.93
CA ASN D 85 31.32 24.18 -36.47
CA GLN D 86 32.10 21.17 -34.29
CA ALA D 87 34.29 19.44 -36.86
CA GLN D 88 37.78 18.52 -35.81
CA LYS D 89 38.36 17.02 -39.22
CA ILE D 90 36.51 17.58 -42.43
CA SER D 91 36.33 15.47 -45.55
CA ILE D 92 34.80 16.21 -48.91
CA GLN D 93 33.30 13.56 -51.13
CA LEU D 94 32.63 14.04 -54.82
CA ASN D 95 29.76 12.37 -56.59
CA ASP D 96 32.34 10.34 -58.45
CA GLY D 97 33.42 8.82 -55.18
CA ARG D 98 36.71 10.61 -54.85
CA GLU D 99 37.33 11.99 -51.40
CA PHE D 100 39.49 14.80 -50.15
CA ASP D 101 40.54 16.45 -46.93
CA ALA D 102 39.43 19.99 -46.28
CA LYS D 103 40.35 22.74 -43.89
CA LEU D 104 38.19 25.56 -42.67
CA ILE D 105 39.21 28.82 -44.27
CA GLY D 106 36.79 30.84 -42.21
CA SER D 107 33.15 31.18 -41.37
CA ASP D 108 30.72 33.27 -39.46
CA ASP D 109 27.94 32.42 -37.04
CA GLN D 110 25.39 35.07 -37.77
CA SER D 111 24.86 34.41 -41.47
CA ASP D 112 25.84 30.78 -41.01
CA ILE D 113 28.25 30.75 -43.93
CA ALA D 114 31.55 28.90 -43.90
CA LEU D 115 34.31 28.48 -46.44
CA LEU D 116 36.31 25.31 -46.79
CA GLN D 117 39.34 24.53 -48.88
CA ILE D 118 40.08 21.17 -50.33
CA GLN D 119 43.60 19.92 -50.03
CA ASN D 120 45.09 19.08 -53.41
CA PRO D 121 41.80 19.57 -55.17
CA SER D 122 42.62 18.10 -58.61
CA LYS D 123 40.12 18.03 -61.46
CA LEU D 124 37.19 19.66 -59.82
CA THR D 125 34.16 21.32 -61.29
CA GLN D 126 32.91 24.70 -60.15
CA ILE D 127 29.40 26.01 -60.01
CA ALA D 128 28.50 29.37 -61.50
CA ILE D 129 26.75 31.86 -59.29
CA ALA D 130 23.59 33.66 -60.31
CA ASP D 131 22.32 37.00 -59.08
CA SER D 132 20.00 36.32 -56.17
CA ASP D 133 18.54 39.78 -56.37
CA LYS D 134 17.05 38.84 -59.72
CA LEU D 135 15.00 35.96 -58.37
CA ARG D 136 11.26 36.32 -58.28
CA VAL D 137 8.62 34.08 -56.80
CA GLY D 138 7.68 31.36 -59.22
CA ASP D 139 11.16 30.78 -60.52
CA PHE D 140 12.12 27.14 -60.71
CA ALA D 141 14.73 25.81 -58.36
CA VAL D 142 16.55 22.55 -57.87
CA ALA D 143 18.13 21.54 -54.61
CA VAL D 144 21.10 19.25 -54.41
CA GLY D 145 22.57 17.82 -51.27
CA ASN D 146 22.73 14.66 -49.24
CA PRO D 147 19.58 14.04 -47.39
CA PHE D 148 19.91 11.38 -44.73
CA GLY D 149 23.39 10.85 -46.06
CA LEU D 150 21.92 8.82 -48.87
CA GLY D 151 24.18 10.34 -51.47
CA GLN D 152 23.78 13.22 -53.83
CA THR D 153 20.12 13.81 -54.35
CA ALA D 154 18.38 16.37 -56.48
CA THR D 155 14.95 17.69 -55.76
CA SER D 156 12.86 20.17 -57.69
CA GLY D 157 10.56 23.00 -56.72
CA ILE D 158 9.90 26.69 -57.16
CA VAL D 159 10.98 29.77 -55.27
CA SER D 160 8.17 30.19 -52.78
CA ALA D 161 9.27 33.48 -51.28
CA LEU D 162 12.25 35.70 -50.76
CA GLY D 163 13.41 38.16 -48.23
CA ARG D 164 12.12 36.16 -45.35
CA SER D 165 13.16 36.49 -41.77
CA GLY D 166 12.17 36.54 -38.21
CA LEU D 167 12.55 32.80 -38.30
CA ASN D 168 15.17 33.34 -35.61
CA LEU D 169 17.14 30.55 -37.15
CA GLU D 170 20.13 32.81 -37.67
CA GLY D 171 21.46 36.18 -36.54
CA LEU D 172 21.19 37.57 -40.01
CA GLU D 173 18.57 36.07 -42.13
CA ASN D 174 17.24 36.58 -45.60
CA PHE D 175 16.14 33.26 -46.66
CA ILE D 176 15.01 32.28 -50.08
CA GLN D 177 12.06 30.02 -49.42
CA THR D 178 11.69 26.92 -51.57
CA ASP D 179 9.22 24.09 -52.04
CA ALA D 180 12.00 21.75 -53.14
CA SER D 181 12.31 18.91 -50.72
CA ILE D 182 15.00 19.70 -48.26
CA ASN D 183 15.81 17.39 -45.43
CA ARG D 184 18.50 16.88 -42.87
CA GLY D 185 21.84 16.57 -44.60
CA ASN D 186 20.80 19.15 -47.15
CA ALA D 187 22.53 21.94 -45.30
CA GLY D 188 25.37 23.54 -47.16
CA GLY D 189 23.88 22.12 -50.33
CA ALA D 190 23.07 24.11 -53.39
CA LEU D 191 19.87 25.55 -54.73
CA LEU D 192 20.15 25.96 -58.44
CA ASN D 193 18.19 27.66 -61.16
CA LEU D 194 17.39 26.06 -64.48
CA ASN D 195 20.68 27.25 -65.80
CA GLY D 196 22.39 25.33 -63.07
CA GLU D 197 23.68 28.47 -61.48
CA LEU D 198 23.72 28.80 -57.72
CA ILE D 199 20.76 30.73 -56.33
CA GLY D 200 21.54 30.04 -52.69
CA ILE D 201 22.80 27.62 -50.04
CA ASN D 202 20.14 25.53 -48.32
CA THR D 203 20.37 26.45 -44.65
CA ALA D 204 17.29 25.12 -42.89
CA ILE D 205 13.72 23.88 -42.92
CA LEU D 206 10.53 24.39 -40.99
CA ALA D 207 8.96 21.07 -40.33
CA PRO D 208 6.96 19.75 -37.55
CA GLY D 209 7.92 16.13 -38.01
CA GLY D 210 11.53 16.76 -38.84
CA GLY D 211 10.82 15.86 -42.43
CA SER D 212 10.40 18.15 -45.38
CA VAL D 213 7.11 20.00 -45.18
CA GLY D 214 7.85 21.81 -48.39
CA ILE D 215 9.05 24.88 -46.55
CA GLY D 216 12.79 25.25 -46.90
CA PHE D 217 15.09 28.21 -46.59
CA ALA D 218 18.36 29.04 -48.25
CA ILE D 219 20.87 31.82 -48.00
CA PRO D 220 20.91 33.67 -51.21
CA SER D 221 23.82 33.26 -53.58
CA ASN D 222 24.61 36.89 -53.45
CA MET D 223 24.77 36.15 -49.84
CA ALA D 224 27.21 33.34 -49.93
CA ARG D 225 29.22 34.77 -52.75
CA THR D 226 30.45 37.98 -51.32
CA LEU D 227 30.54 36.55 -47.79
CA ALA D 228 32.64 33.73 -49.13
CA GLN D 229 34.86 36.01 -51.09
CA GLN D 230 36.17 38.00 -48.19
CA LEU D 231 36.75 34.71 -46.42
CA ILE D 232 39.34 34.13 -49.03
CA ASP D 233 39.89 37.87 -49.64
CA PHE D 234 39.71 40.58 -48.51
CA GLY D 235 39.11 38.94 -45.21
CA GLU D 236 38.81 42.14 -43.32
CA ILE D 237 38.23 41.15 -39.75
CA LYS D 238 35.33 43.51 -39.60
CA ARG D 239 32.59 43.32 -39.86
CA GLY D 240 33.23 39.61 -40.03
CA LEU D 241 29.53 39.37 -39.56
CA LEU D 242 28.19 41.25 -36.62
CA GLY D 243 27.78 38.44 -34.13
CA ILE D 244 24.22 38.96 -32.98
CA LYS D 245 20.92 37.13 -32.67
CA GLY D 246 17.63 38.56 -33.70
CA THR D 247 14.25 37.89 -35.13
CA GLU D 248 11.22 39.60 -36.59
CA MET D 249 9.53 42.39 -34.76
CA SER D 250 8.00 40.92 -31.67
CA ALA D 251 4.32 41.26 -31.05
CA ASP D 252 4.84 42.54 -27.53
CA ILE D 253 7.44 45.19 -28.19
CA ALA D 254 6.19 46.31 -31.55
CA LYS D 255 2.57 46.79 -30.84
CA ALA D 256 2.73 48.24 -27.40
CA PHE D 257 5.53 50.74 -27.34
CA ASN D 258 5.24 51.34 -30.93
CA LEU D 259 8.56 51.42 -32.55
CA ASP D 260 9.50 54.48 -34.43
CA VAL D 261 10.46 52.32 -37.37
CA GLN D 262 7.53 50.18 -38.38
CA ARG D 263 9.70 47.15 -38.13
CA GLY D 264 13.25 46.08 -38.36
CA ALA D 265 15.65 43.39 -37.42
CA PHE D 266 15.39 43.28 -33.73
CA VAL D 267 18.17 41.94 -31.67
CA SER D 268 17.50 39.96 -28.54
CA GLU D 269 21.10 39.41 -27.72
CA VAL D 270 24.66 40.62 -27.68
CA LEU D 271 27.54 38.31 -28.52
CA PRO D 272 30.53 38.49 -26.31
CA GLY D 273 33.73 39.41 -28.18
CA SER D 274 31.40 39.88 -31.04
CA GLY D 275 31.38 42.61 -33.56
CA SER D 276 28.11 43.92 -32.37
CA ALA D 277 29.57 43.99 -28.93
CA LYS D 278 32.42 46.35 -29.57
CA ALA D 279 30.43 48.34 -32.05
CA GLY D 280 28.29 48.91 -29.07
CA VAL D 281 25.13 47.47 -30.49
CA LYS D 282 23.34 45.72 -27.79
CA ALA D 283 20.11 44.07 -27.13
CA GLY D 284 16.65 45.36 -27.53
CA ASP D 285 18.17 46.87 -30.63
CA ILE D 286 16.17 47.55 -33.59
CA ILE D 287 18.22 47.60 -36.74
CA THR D 288 16.39 49.98 -39.02
CA SER D 289 18.82 50.07 -41.84
CA LEU D 290 22.11 48.93 -43.19
CA ASN D 291 24.23 51.36 -45.13
CA GLY D 292 22.82 54.41 -46.89
CA LYS D 293 19.86 52.59 -48.37
CA PRO D 294 17.05 51.68 -46.11
CA LEU D 295 16.86 48.20 -44.64
CA ASN D 296 13.74 46.10 -44.66
CA SER D 297 12.75 43.41 -42.28
CA PHE D 298 15.09 41.09 -40.50
CA ALA D 299 14.82 39.18 -43.72
CA GLU D 300 16.31 41.89 -45.81
CA LEU D 301 18.97 42.17 -43.20
CA ARG D 302 20.73 38.96 -43.85
CA SER D 303 19.95 39.38 -47.47
CA ARG D 304 22.31 42.17 -47.79
CA ILE D 305 24.71 41.17 -45.05
CA ALA D 306 24.77 37.58 -45.96
CA THR D 307 25.37 38.92 -49.38
CA THR D 308 28.12 41.24 -48.34
CA GLU D 309 31.70 40.33 -47.58
CA PRO D 310 32.10 39.22 -44.10
CA GLY D 311 34.17 41.28 -43.70
CA THR D 312 33.27 44.56 -45.25
CA LYS D 313 33.15 47.50 -42.94
CA VAL D 314 29.60 48.72 -42.84
CA LYS D 315 27.44 51.16 -40.89
CA LEU D 316 24.24 50.12 -39.22
CA GLY D 317 21.26 52.22 -38.27
CA LEU D 318 19.23 51.15 -35.38
CA LEU D 319 16.78 52.52 -33.00
CA ARG D 320 17.46 52.47 -29.46
CA ASN D 321 15.23 54.30 -26.97
CA GLY D 322 13.34 55.81 -29.72
CA LYS D 323 16.43 57.55 -30.73
CA PRO D 324 18.76 57.23 -33.53
CA LEU D 325 22.44 56.35 -33.96
CA GLU D 326 24.80 55.33 -36.55
CA VAL D 327 27.59 52.96 -35.69
CA GLU D 328 30.28 51.20 -37.64
CA VAL D 329 30.08 47.48 -37.18
CA SER D 340 50.09 36.57 -7.45
CA ALA D 341 50.25 32.92 -6.48
CA GLU D 342 46.51 32.52 -6.76
CA MET D 343 46.17 32.13 -10.46
CA ILE D 344 48.81 29.49 -10.71
CA THR D 345 47.83 27.97 -7.41
CA PRO D 346 44.23 27.52 -6.54
CA ALA D 347 42.72 29.75 -3.88
CA LEU D 348 46.09 30.08 -2.19
CA GLU D 349 46.48 33.79 -1.90
CA GLY D 350 49.98 34.91 -1.36
CA ALA D 351 53.00 36.50 -2.90
CA THR D 352 52.72 37.49 -6.49
CA LEU D 353 54.66 35.65 -9.10
CA SER D 354 56.51 36.75 -12.21
CA ASP D 355 57.88 34.60 -14.96
CA GLY D 356 61.31 34.74 -16.41
CA GLN D 357 64.44 34.79 -14.34
CA LEU D 358 63.74 38.25 -15.23
CA LYS D 359 67.16 39.43 -14.14
CA ASP D 360 69.12 36.37 -15.31
CA GLY D 361 68.38 33.46 -17.59
CA GLY D 362 65.11 31.96 -16.48
CA LYS D 363 65.89 29.85 -13.47
CA GLY D 364 62.20 29.84 -12.95
CA ILE D 365 59.26 31.85 -11.73
CA LYS D 366 59.95 34.56 -9.22
CA ILE D 367 57.74 35.43 -6.32
CA ASP D 368 57.62 39.18 -6.17
CA GLU D 369 56.42 39.86 -2.68
CA VAL D 370 54.89 37.97 0.17
CA VAL D 371 51.50 39.06 1.48
CA LYS D 372 52.50 36.95 4.53
CA GLY D 373 49.12 36.99 6.22
CA SER D 374 48.09 34.99 3.13
CA PRO D 375 48.28 31.26 2.95
CA ALA D 376 50.91 31.29 0.24
CA ALA D 377 52.91 32.68 3.11
CA GLN D 378 51.87 30.03 5.59
CA ALA D 379 53.48 27.07 3.81
CA GLY D 380 56.92 28.58 3.42
CA LEU D 381 56.84 30.84 0.42
CA GLN D 382 58.95 33.91 1.07
CA LYS D 383 59.68 36.67 -1.38
CA ASP D 384 62.64 36.61 -3.76
CA ASP D 385 62.47 32.87 -4.05
CA VAL D 386 62.85 31.42 -7.51
CA ILE D 387 60.98 28.30 -8.30
CA ILE D 388 63.37 26.28 -10.41
CA GLY D 389 60.89 23.51 -11.05
CA VAL D 390 58.10 21.39 -9.67
CA ASN D 391 57.82 17.66 -9.17
CA ARG D 392 61.14 16.75 -10.76
CA ASP D 393 60.17 19.04 -13.59
CA ARG D 394 62.11 22.13 -14.38
CA VAL D 395 60.04 25.27 -14.51
CA ASN D 396 61.44 27.82 -16.91
CA SER D 397 58.44 30.06 -16.58
CA ILE D 398 54.84 30.25 -15.43
CA ALA D 399 53.51 28.29 -18.34
CA GLU D 400 55.67 25.30 -17.61
CA MET D 401 54.85 25.47 -13.94
CA ARG D 402 51.22 25.48 -14.90
CA LYS D 403 51.82 22.31 -16.84
CA VAL D 404 53.04 20.35 -13.86
CA LEU D 405 50.03 21.65 -12.02
CA ALA D 406 47.92 20.48 -14.90
CA ALA D 407 48.78 16.97 -13.83
CA LYS D 408 47.36 17.97 -10.46
CA PRO D 409 49.54 15.61 -8.53
CA ALA D 410 48.35 15.19 -4.96
CA ILE D 411 51.94 15.92 -4.03
CA ILE D 412 53.36 19.13 -5.37
CA ALA D 413 56.96 19.82 -4.64
CA LEU D 414 58.42 23.18 -5.37
CA GLN D 415 62.07 23.70 -5.10
CA ILE D 416 63.11 27.21 -5.17
CA VAL D 417 66.45 28.77 -4.66
CA ARG D 418 66.72 31.22 -1.85
CA GLY D 419 69.92 33.14 -1.57
CA ASN D 420 72.64 30.83 -2.64
CA GLU D 421 70.89 27.74 -1.39
CA SER D 422 68.40 25.18 -2.48
CA ILE D 423 64.96 25.26 -1.01
CA TYR D 424 62.01 22.97 -1.18
CA LEU D 425 58.48 23.98 -0.86
CA LEU D 426 55.33 22.05 -1.06
CA MET D 427 51.64 21.84 -1.12
CA PRO E 11 2.54 26.72 -70.84
CA LEU E 12 0.78 23.52 -70.01
CA PRO E 13 1.48 20.66 -72.22
CA SER E 14 -1.73 19.92 -70.89
CA LEU E 15 -1.32 16.85 -68.78
CA ALA E 16 -5.00 16.14 -69.18
CA PRO E 17 -4.90 15.39 -72.82
CA MET E 18 -2.27 12.74 -72.33
CA LEU E 19 -4.02 11.41 -69.26
CA GLU E 20 -7.39 11.06 -70.88
CA LYS E 21 -6.20 8.35 -73.17
CA VAL E 22 -3.86 6.58 -70.75
CA LEU E 23 -5.85 6.52 -67.53
CA PRO E 24 -8.19 3.71 -68.39
CA ALA E 25 -5.09 1.53 -68.62
CA VAL E 26 -4.36 1.93 -64.94
CA VAL E 27 -6.53 -0.12 -62.71
CA SER E 28 -7.22 -0.63 -59.04
CA VAL E 29 -6.63 -4.05 -57.61
CA ARG E 30 -8.74 -5.31 -54.79
CA VAL E 31 -7.79 -8.31 -52.78
CA GLU E 32 -9.35 -10.43 -50.10
CA GLY E 33 -7.80 -13.27 -48.25
CA THR E 34 -6.67 -14.71 -45.01
CA ALA E 35 -7.51 -16.36 -40.96
CA GLN E 59 -9.31 -13.12 -40.33
CA PRO E 60 -10.52 -11.62 -43.49
CA PHE E 61 -8.73 -8.58 -44.73
CA GLU E 62 -9.23 -6.42 -47.72
CA GLY E 63 -6.34 -4.74 -49.38
CA LEU E 64 -6.25 -2.19 -52.13
CA GLY E 65 -3.53 -1.63 -54.66
CA SER E 66 -3.21 -0.72 -58.29
CA GLY E 67 -2.08 -2.38 -61.46
CA VAL E 68 -1.52 -1.60 -65.10
CA ILE E 69 -3.01 -3.35 -68.07
CA ILE E 70 -0.16 -4.51 -70.24
CA ASN E 71 -2.17 -6.47 -72.74
CA ALA E 72 -5.75 -5.50 -73.47
CA SER E 73 -6.60 -8.58 -75.44
CA LYS E 74 -5.18 -11.01 -72.94
CA GLY E 75 -6.16 -8.91 -70.00
CA TYR E 76 -2.74 -9.10 -68.40
CA VAL E 77 -2.24 -6.68 -65.56
CA LEU E 78 1.05 -6.00 -63.85
CA THR E 79 1.12 -5.41 -60.14
CA ASN E 80 3.40 -5.68 -57.18
CA ASN E 81 3.78 -9.09 -55.65
CA HIS E 82 3.17 -7.71 -52.19
CA VAL E 83 -0.21 -6.45 -53.19
CA ILE E 84 -1.25 -9.88 -54.45
CA ASN E 85 0.64 -12.15 -52.06
CA GLN E 86 -2.04 -12.81 -49.41
CA ALA E 87 -4.98 -12.58 -51.81
CA GLN E 88 -7.34 -15.52 -51.90
CA LYS E 89 -9.39 -13.71 -54.50
CA ILE E 90 -8.52 -10.76 -56.65
CA SER E 91 -10.72 -8.26 -58.40
CA ILE E 92 -9.84 -5.55 -60.85
CA GLN E 93 -11.79 -2.35 -61.17
CA LEU E 94 -11.62 0.00 -64.10
CA ASN E 95 -11.89 3.74 -63.72
CA ASP E 96 -15.21 3.43 -65.52
CA GLY E 97 -16.51 1.37 -62.66
CA ARG E 98 -16.60 -1.98 -64.37
CA GLU E 99 -15.08 -4.77 -62.36
CA PHE E 100 -13.60 -8.11 -63.26
CA ASP E 101 -12.10 -11.04 -61.46
CA ALA E 102 -8.48 -11.87 -61.95
CA LYS E 103 -6.22 -14.82 -61.38
CA LEU E 104 -2.57 -14.74 -60.55
CA ILE E 105 -0.55 -15.77 -63.55
CA GLY E 106 2.70 -15.75 -61.67
CA SER E 107 4.94 -13.49 -59.69
CA ASP E 108 8.23 -13.36 -57.94
CA ASP E 109 9.34 -12.20 -54.53
CA GLN E 110 12.75 -10.77 -55.16
CA SER E 111 11.88 -8.11 -57.70
CA ASP E 112 8.32 -7.92 -56.38
CA ILE E 113 6.64 -8.23 -59.78
CA ALA E 114 3.40 -10.12 -60.28
CA LEU E 115 1.26 -10.76 -63.31
CA LEU E 116 -2.52 -11.03 -63.17
CA GLN E 117 -4.97 -12.01 -65.85
CA ILE E 118 -8.46 -10.63 -66.07
CA GLN E 119 -11.16 -13.12 -66.78
CA ASN E 120 -13.29 -12.15 -69.76
CA PRO E 121 -11.47 -8.89 -70.17
CA SER E 122 -13.66 -7.14 -72.79
CA LYS E 123 -12.93 -3.66 -74.11
CA LEU E 124 -9.77 -2.86 -72.24
CA THR E 125 -7.15 -0.24 -72.87
CA GLN E 126 -3.46 -1.03 -72.79
CA ILE E 127 -0.57 1.08 -71.69
CA ALA E 128 2.43 1.50 -73.92
CA ILE E 129 5.78 0.73 -72.39
CA ALA E 130 8.71 3.09 -72.63
CA ASP E 131 12.41 2.31 -72.46
CA SER E 132 13.43 2.75 -68.85
CA ASP E 133 17.08 2.79 -69.75
CA LYS E 134 16.47 5.98 -71.66
CA LEU E 135 15.26 7.83 -68.58
CA ARG E 136 17.44 10.48 -67.05
CA VAL E 137 17.04 12.54 -63.94
CA GLY E 138 14.86 15.54 -64.48
CA ASP E 139 12.43 13.78 -66.72
CA PHE E 140 8.81 14.44 -65.86
CA ALA E 141 6.77 11.64 -64.40
CA VAL E 142 3.17 11.10 -63.45
CA ALA E 143 2.07 8.50 -60.97
CA VAL E 144 -1.33 6.92 -61.12
CA GLY E 145 -2.80 4.57 -58.57
CA ASN E 146 -5.24 4.50 -55.72
CA PRO E 147 -3.86 6.11 -52.67
CA PHE E 148 -5.79 5.34 -49.52
CA GLY E 149 -8.26 3.62 -51.80
CA LEU E 150 -9.69 6.96 -52.74
CA GLY E 151 -9.95 6.03 -56.38
CA GLN E 152 -7.81 6.63 -59.41
CA THR E 153 -5.51 9.52 -58.60
CA ALA E 154 -2.77 11.10 -60.57
CA THR E 155 0.22 12.89 -59.11
CA SER E 156 3.04 14.67 -60.85
CA GLY E 157 6.75 14.93 -60.25
CA ILE E 158 10.13 14.36 -61.86
CA VAL E 159 12.52 11.43 -61.87
CA SER E 160 14.66 12.16 -58.91
CA ALA E 161 17.14 9.34 -59.39
CA LEU E 162 17.64 6.01 -61.04
CA GLY E 163 19.53 2.84 -60.40
CA ARG E 164 19.05 3.05 -56.72
CA SER E 165 19.46 0.24 -54.31
CA GLY E 166 20.64 -0.91 -51.00
CA LEU E 167 17.25 0.19 -49.73
CA ASN E 168 16.86 -3.49 -48.83
CA LEU E 169 13.22 -3.18 -49.63
CA GLU E 170 13.53 -5.96 -52.17
CA GLY E 171 15.91 -8.77 -53.07
CA LEU E 172 16.61 -7.24 -56.41
CA GLU E 173 16.31 -3.56 -56.58
CA ASN E 174 16.83 -0.84 -59.12
CA PHE E 175 14.31 1.67 -58.23
CA ILE E 176 13.55 4.73 -60.18
CA GLN E 177 13.13 7.40 -57.58
CA THR E 178 10.38 9.93 -58.00
CA ASP E 179 9.09 13.04 -56.26
CA ALA E 180 5.54 12.33 -57.37
CA SER E 181 3.35 11.80 -54.39
CA ILE E 182 2.99 8.14 -53.77
CA ASN E 183 1.15 6.73 -50.86
CA ARG E 184 -0.20 3.47 -49.52
CA GLY E 185 -2.62 2.43 -52.31
CA ASN E 186 -0.07 3.32 -54.99
CA ALA E 187 1.70 -0.01 -55.19
CA GLY E 188 1.35 -1.76 -58.51
CA GLY E 189 0.38 1.57 -59.98
CA ALA E 190 1.97 3.14 -62.98
CA LEU E 191 4.59 5.82 -63.33
CA LEU E 192 4.17 7.43 -66.69
CA ASN E 193 6.16 9.79 -68.82
CA LEU E 194 4.67 12.77 -70.59
CA ASN E 195 3.92 10.47 -73.49
CA GLY E 196 1.77 8.43 -71.17
CA GLU E 197 4.13 5.52 -71.62
CA LEU E 198 4.94 3.33 -68.65
CA ILE E 199 8.30 4.16 -67.09
CA GLY E 200 7.90 1.86 -64.10
CA ILE E 201 5.62 0.40 -61.47
CA ASN E 202 5.46 2.19 -58.13
CA THR E 203 6.74 -0.29 -55.57
CA ALA E 204 7.47 1.59 -52.37
CA ILE E 205 8.21 4.77 -50.50
CA LEU E 206 10.46 6.01 -47.76
CA ALA E 207 8.49 8.00 -45.28
CA PRO E 208 8.94 8.34 -41.61
CA GLY E 209 5.33 9.47 -41.28
CA GLY E 210 3.94 6.71 -43.38
CA GLY E 211 2.87 9.47 -45.72
CA SER E 212 4.55 10.61 -48.89
CA VAL E 213 7.80 12.43 -48.13
CA GLY E 214 8.44 12.94 -51.79
CA ILE E 215 10.73 9.96 -51.99
CA GLY E 216 9.13 7.15 -53.92
CA PHE E 217 10.56 4.17 -55.73
CA ALA E 218 9.35 2.28 -58.75
CA ILE E 219 10.58 -0.73 -60.63
CA PRO E 220 11.58 0.24 -64.07
CA SER E 221 9.34 -0.53 -67.01
CA ASN E 222 12.08 -2.48 -68.65
CA MET E 223 11.99 -4.25 -65.43
CA ALA E 224 8.36 -5.13 -65.32
CA ARG E 225 8.05 -5.69 -69.02
CA THR E 226 10.42 -8.52 -69.61
CA LEU E 227 9.73 -9.97 -66.15
CA ALA E 228 6.07 -9.90 -66.96
CA GLN E 229 6.75 -11.33 -70.35
CA GLN E 230 7.97 -14.71 -69.33
CA LEU E 231 5.33 -14.82 -66.67
CA ILE E 232 3.12 -15.29 -69.64
CA ASP E 233 5.94 -16.68 -71.82
CA PHE E 234 8.51 -18.11 -71.86
CA GLY E 235 7.94 -18.80 -68.24
CA GLU E 236 11.10 -20.71 -67.79
CA ILE E 237 11.18 -21.81 -64.20
CA LYS E 238 14.62 -20.40 -63.86
CA ARG E 239 15.79 -18.02 -62.99
CA GLY E 240 12.28 -17.21 -61.90
CA LEU E 241 14.00 -14.53 -59.94
CA LEU E 242 16.81 -15.66 -57.76
CA GLY E 243 15.02 -15.71 -54.42
CA ILE E 244 17.48 -13.78 -52.32
CA LYS E 245 17.67 -10.73 -50.10
CA GLY E 246 20.39 -8.18 -50.19
CA THR E 247 21.29 -4.57 -49.81
CA GLU E 248 24.03 -2.08 -50.55
CA MET E 249 27.58 -2.69 -49.56
CA SER E 250 27.71 -2.70 -45.79
CA ALA E 251 29.97 -0.32 -43.98
CA ASP E 252 31.41 -3.02 -41.78
CA ILE E 253 32.21 -5.60 -44.40
CA ALA E 254 33.15 -3.24 -47.17
CA LYS E 255 35.64 -1.06 -45.52
CA ALA E 256 37.24 -3.50 -43.21
CA PHE E 257 38.12 -6.52 -45.23
CA ASN E 258 38.06 -4.63 -48.36
CA LEU E 259 36.01 -6.30 -50.95
CA ASP E 260 37.82 -7.15 -54.13
CA VAL E 261 35.04 -5.57 -56.13
CA GLN E 262 34.51 -2.05 -54.94
CA ARG E 263 30.89 -2.74 -54.34
CA GLY E 264 28.14 -4.99 -55.43
CA ALA E 265 24.83 -6.37 -54.48
CA PHE E 266 25.54 -8.06 -51.26
CA VAL E 267 23.37 -10.83 -50.10
CA SER E 268 22.59 -11.30 -46.45
CA GLU E 269 20.32 -14.24 -46.95
CA VAL E 270 19.68 -17.51 -48.72
CA LEU E 271 16.12 -18.45 -49.57
CA PRO E 272 15.02 -21.96 -49.10
CA GLY E 273 14.17 -23.98 -52.19
CA SER E 274 15.13 -20.76 -53.80
CA GLY E 275 16.85 -20.22 -57.02
CA SER E 276 19.80 -18.85 -55.25
CA ALA E 277 19.76 -21.82 -52.97
CA LYS E 278 20.21 -24.53 -55.53
CA ALA E 279 22.38 -22.36 -57.68
CA GLY E 280 24.53 -22.49 -54.66
CA VAL E 281 24.67 -18.79 -54.05
CA LYS E 282 24.75 -18.25 -50.42
CA ALA E 283 24.95 -15.46 -47.94
CA GLY E 284 27.73 -13.04 -47.48
CA ASP E 285 27.74 -13.18 -51.24
CA ILE E 286 28.80 -10.28 -53.20
CA ILE E 287 27.20 -10.18 -56.59
CA THR E 288 29.73 -8.43 -58.75
CA SER E 289 28.10 -8.82 -62.09
CA LEU E 290 25.25 -10.25 -64.01
CA ASN E 291 25.88 -11.73 -67.41
CA GLY E 292 28.88 -10.78 -69.54
CA LYS E 293 28.61 -7.07 -68.91
CA PRO E 294 29.59 -5.77 -65.57
CA LEU E 295 27.00 -5.19 -62.87
CA ASN E 296 26.77 -2.00 -60.88
CA SER E 297 25.44 -1.60 -57.41
CA PHE E 298 22.62 -3.53 -55.88
CA ALA E 299 20.60 -0.93 -57.65
CA GLU E 300 21.72 -1.88 -61.08
CA LEU E 301 21.08 -5.44 -60.06
CA ARG E 302 17.38 -5.33 -59.98
CA SER E 303 17.42 -2.92 -62.83
CA ARG E 304 18.61 -5.52 -65.16
CA ILE E 305 17.04 -8.51 -63.47
CA ALA E 306 13.80 -6.85 -62.75
CA THR E 307 14.12 -5.96 -66.37
CA THR E 308 14.83 -9.47 -67.47
CA GLU E 309 12.40 -12.30 -67.90
CA PRO E 310 11.80 -14.06 -64.71
CA GLY E 311 12.64 -16.60 -65.99
CA THR E 312 15.62 -16.19 -68.23
CA LYS E 313 18.51 -18.41 -67.44
CA VAL E 314 21.33 -16.12 -66.47
CA LYS E 315 24.81 -16.35 -65.03
CA LEU E 316 25.83 -14.43 -61.96
CA GLY E 317 29.24 -13.34 -60.91
CA LEU E 318 29.90 -13.03 -57.26
CA LEU E 319 32.77 -12.86 -54.99
CA ARG E 320 33.02 -15.20 -52.25
CA ASN E 321 36.12 -15.45 -50.10
CA GLY E 322 37.83 -13.07 -52.30
CA LYS E 323 37.58 -15.54 -55.01
CA PRO E 324 35.66 -15.69 -58.12
CA LEU E 325 33.02 -17.96 -59.58
CA GLU E 326 30.36 -18.11 -62.11
CA VAL E 327 27.15 -19.91 -61.48
CA GLU E 328 24.01 -20.34 -63.46
CA VAL E 329 20.97 -19.04 -61.68
CA SER E 340 4.24 -42.57 -40.71
CA ALA E 341 1.21 -42.16 -38.47
CA GLU E 342 2.62 -39.21 -36.57
CA MET E 343 1.89 -36.48 -39.02
CA ILE E 344 -1.68 -37.52 -39.50
CA THR E 345 -2.13 -38.34 -35.88
CA PRO E 346 -0.52 -36.37 -33.16
CA ALA E 347 2.50 -37.66 -31.31
CA LEU E 348 1.35 -41.17 -32.10
CA GLU E 349 4.53 -42.75 -33.35
CA GLY E 350 3.82 -45.80 -35.38
CA ALA E 351 3.47 -47.45 -38.74
CA THR E 352 3.97 -45.30 -41.77
CA LEU E 353 0.98 -44.38 -43.83
CA SER E 354 0.54 -43.99 -47.54
CA ASP E 355 -2.36 -42.58 -49.49
CA GLY E 356 -4.17 -44.15 -52.34
CA GLN E 357 -5.27 -47.73 -52.37
CA LEU E 358 -2.15 -47.56 -54.24
CA LYS E 359 -2.51 -51.07 -55.58
CA ASP E 360 -6.20 -50.79 -56.43
CA GLY E 361 -8.86 -48.11 -56.30
CA GLY E 362 -8.39 -46.06 -53.18
CA LYS E 363 -10.11 -47.94 -50.43
CA GLY E 364 -8.27 -45.60 -48.17
CA ILE E 365 -4.94 -44.88 -46.56
CA LYS E 366 -2.59 -47.77 -46.15
CA ILE E 367 -0.31 -48.30 -43.26
CA ASP E 368 3.03 -49.34 -44.67
CA GLU E 369 4.67 -51.02 -41.75
CA VAL E 370 4.33 -51.29 -38.01
CA VAL E 371 7.10 -49.86 -35.85
CA LYS E 372 5.27 -51.95 -33.19
CA GLY E 373 7.25 -50.74 -30.22
CA SER E 374 5.48 -47.48 -31.12
CA PRO E 375 2.21 -46.40 -29.75
CA ALA E 376 0.52 -46.54 -33.12
CA ALA E 377 1.22 -50.20 -32.62
CA GLN E 378 -0.21 -50.25 -29.11
CA ALA E 379 -3.80 -49.45 -30.03
CA GLY E 380 -4.25 -52.09 -32.69
CA LEU E 381 -2.75 -50.76 -35.86
CA GLN E 382 -0.97 -53.53 -37.71
CA LYS E 383 0.55 -53.19 -41.14
CA ASP E 384 -1.33 -53.82 -44.36
CA ASP E 385 -4.45 -52.37 -42.88
CA VAL E 386 -6.40 -50.06 -45.08
CA ILE E 387 -8.32 -47.30 -43.41
CA ILE E 388 -11.55 -47.10 -45.33
CA GLY E 389 -12.82 -44.11 -43.42
CA VAL E 390 -13.02 -42.34 -40.08
CA ASN E 391 -16.05 -41.53 -37.97
CA ARG E 392 -18.71 -42.56 -40.42
CA ASP E 393 -16.91 -40.81 -43.16
CA ARG E 394 -15.08 -42.45 -45.99
CA VAL E 395 -11.41 -41.78 -46.30
CA ASN E 396 -10.25 -41.94 -49.88
CA SER E 397 -6.80 -40.68 -49.04
CA ILE E 398 -4.74 -38.92 -46.40
CA ALA E 399 -6.21 -35.54 -47.11
CA GLU E 400 -9.72 -36.69 -46.39
CA MET E 401 -8.63 -38.52 -43.29
CA ARG E 402 -6.97 -35.37 -42.14
CA LYS E 403 -10.28 -33.64 -42.67
CA VAL E 404 -12.08 -35.88 -40.22
CA LEU E 405 -9.27 -35.16 -37.81
CA ALA E 406 -9.76 -31.49 -38.45
CA ALA E 407 -13.04 -31.86 -36.63
CA LYS E 408 -10.93 -33.32 -33.86
CA PRO E 409 -13.67 -35.39 -32.43
CA ALA E 410 -12.83 -36.69 -28.98
CA ILE E 411 -13.82 -40.05 -30.41
CA ILE E 412 -12.01 -41.15 -33.52
CA ALA E 413 -13.09 -44.39 -35.04
CA LEU E 414 -10.95 -46.00 -37.68
CA GLN E 415 -12.36 -48.82 -39.70
CA ILE E 416 -9.81 -50.55 -41.65
CA VAL E 417 -10.02 -53.68 -43.63
CA ARG E 418 -7.60 -56.34 -42.61
CA GLY E 419 -7.36 -59.45 -44.66
CA ASN E 420 -10.79 -60.09 -45.95
CA GLU E 421 -12.62 -58.67 -42.99
CA SER E 422 -13.69 -55.43 -41.47
CA ILE E 423 -11.74 -54.00 -38.61
CA TYR E 424 -12.33 -51.09 -36.38
CA LEU E 425 -9.67 -49.12 -34.73
CA LEU E 426 -9.82 -46.19 -32.51
CA MET E 427 -8.17 -43.45 -30.59
CA PRO F 11 11.47 26.59 -69.59
CA LEU F 12 9.89 28.82 -67.01
CA PRO F 13 6.64 30.48 -67.73
CA SER F 14 7.79 31.99 -65.55
CA LEU F 15 5.32 32.01 -62.67
CA ALA F 16 6.63 35.26 -61.27
CA PRO F 17 5.40 37.50 -64.00
CA MET F 18 1.87 36.17 -63.70
CA LEU F 19 2.14 36.21 -59.96
CA GLU F 20 3.20 39.78 -59.64
CA LYS F 21 0.05 41.22 -61.06
CA VAL F 22 -2.33 38.73 -59.41
CA LEU F 23 -0.94 38.58 -55.88
CA PRO F 24 -2.29 41.83 -54.60
CA ALA F 25 -5.74 40.39 -55.23
CA VAL F 26 -5.29 37.73 -52.58
CA VAL F 27 -5.57 38.97 -49.05
CA SER F 28 -5.18 37.64 -45.57
CA VAL F 29 -8.16 37.80 -43.35
CA ARG F 30 -7.85 38.29 -39.65
CA VAL F 31 -10.66 37.66 -37.27
CA GLU F 32 -11.36 38.07 -33.61
CA GLY F 33 -14.43 37.08 -31.73
CA THR F 34 -16.14 35.05 -29.07
CA ALA F 35 -16.63 33.72 -24.84
CA GLN F 59 -12.88 33.87 -24.58
CA PRO F 60 -11.28 35.93 -27.24
CA PHE F 61 -9.59 34.17 -30.07
CA GLU F 62 -7.72 35.33 -33.09
CA GLY F 63 -7.87 33.40 -36.31
CA LEU F 64 -6.08 33.80 -39.58
CA GLY F 65 -7.29 32.92 -43.02
CA SER F 66 -7.20 34.26 -46.54
CA GLY F 67 -9.60 35.74 -49.02
CA VAL F 68 -9.76 36.94 -52.58
CA ILE F 69 -10.88 40.30 -53.81
CA ILE F 70 -13.66 39.76 -56.32
CA ASN F 71 -14.55 43.41 -56.84
CA ALA F 72 -11.97 46.08 -56.39
CA SER F 73 -14.50 48.85 -56.59
CA LYS F 74 -16.97 47.40 -54.17
CA GLY F 75 -14.30 45.80 -52.07
CA TYR F 76 -15.96 42.41 -52.04
CA VAL F 77 -13.76 39.62 -50.79
CA LEU F 78 -14.61 35.96 -50.94
CA THR F 79 -13.63 33.71 -48.09
CA ASN F 80 -14.61 30.50 -46.45
CA ASN F 81 -17.48 30.70 -44.04
CA HIS F 82 -15.58 28.79 -41.41
CA VAL F 83 -12.90 31.40 -41.33
CA ILE F 84 -15.50 34.13 -40.76
CA ASN F 85 -18.09 32.27 -38.73
CA GLN F 86 -17.01 33.14 -35.20
CA ALA F 87 -15.61 36.57 -36.05
CA GLN F 88 -17.04 39.52 -34.20
CA LYS F 89 -14.65 41.77 -36.08
CA ILE F 90 -12.86 41.15 -39.31
CA SER F 91 -9.86 42.87 -40.80
CA ILE F 92 -8.24 42.37 -44.14
CA GLN F 93 -4.59 42.87 -44.86
CA LEU F 94 -3.10 43.48 -48.25
CA ASN F 95 0.28 42.11 -49.24
CA ASP F 96 1.51 45.69 -49.23
CA GLY F 97 0.80 45.93 -45.52
CA ARG F 98 -2.26 48.13 -45.77
CA GLU F 99 -5.13 46.95 -43.64
CA PHE F 100 -8.85 47.55 -43.73
CA ASP F 101 -11.90 46.59 -41.75
CA ALA F 102 -14.51 44.39 -43.31
CA LYS F 103 -18.12 43.49 -42.69
CA LEU F 104 -19.77 40.22 -43.51
CA ILE F 105 -22.10 40.65 -46.42
CA GLY F 106 -23.47 37.16 -46.19
CA SER F 107 -22.39 33.58 -46.15
CA ASP F 108 -23.69 30.07 -46.09
CA ASP F 109 -22.75 27.02 -44.08
CA GLN F 110 -23.34 24.21 -46.50
CA SER F 111 -21.08 25.32 -49.32
CA ASP F 112 -18.88 27.18 -46.86
CA ILE F 113 -18.78 30.35 -48.94
CA ALA F 114 -18.84 33.79 -47.37
CA LEU F 115 -18.69 37.27 -48.81
CA LEU F 116 -17.05 40.17 -47.05
CA GLN F 117 -16.96 43.83 -47.90
CA ILE F 118 -14.03 46.08 -47.21
CA GLN F 119 -14.85 49.46 -45.80
CA ASN F 120 -13.23 52.31 -47.72
CA PRO F 121 -11.55 49.90 -50.04
CA SER F 122 -9.35 52.34 -52.03
CA LYS F 123 -6.90 51.20 -54.72
CA LEU F 124 -7.55 47.51 -54.72
CA THR F 125 -6.76 44.89 -57.29
CA GLN F 126 -9.30 42.33 -58.39
CA ILE F 127 -8.85 38.78 -59.46
CA ALA F 128 -10.33 37.50 -62.68
CA ILE F 129 -12.56 34.46 -62.48
CA ALA F 130 -12.01 31.46 -64.72
CA ASP F 131 -14.58 28.90 -65.72
CA SER F 132 -14.20 25.98 -63.35
CA ASP F 133 -16.16 23.63 -65.51
CA LYS F 134 -13.44 23.92 -68.12
CA LEU F 135 -10.79 22.59 -65.75
CA ARG F 136 -9.36 19.20 -66.50
CA VAL F 137 -7.05 17.02 -64.50
CA GLY F 138 -3.47 17.90 -65.15
CA ASP F 139 -4.00 21.61 -65.37
CA PHE F 140 -1.50 23.65 -63.43
CA ALA F 141 -2.63 25.43 -60.32
CA VAL F 142 -1.10 27.86 -57.87
CA ALA F 143 -2.40 28.32 -54.38
CA VAL F 144 -2.04 31.57 -52.54
CA GLY F 145 -2.92 32.18 -48.93
CA ASN F 146 -1.31 32.52 -45.56
CA PRO F 147 -0.22 29.28 -44.15
CA PHE F 148 0.60 29.39 -40.47
CA GLY F 149 -0.01 33.10 -40.73
CA LEU F 150 3.46 33.43 -42.18
CA GLY F 151 2.32 35.93 -44.77
CA GLN F 152 1.31 35.67 -48.39
CA THR F 153 2.66 32.38 -49.67
CA ALA F 154 2.36 30.81 -53.07
CA THR F 155 2.54 27.13 -53.74
CA SER F 156 2.35 25.25 -57.01
CA GLY F 157 0.76 22.01 -58.15
CA ILE F 158 -1.68 20.55 -60.65
CA VAL F 159 -5.37 19.77 -60.48
CA SER F 160 -5.46 16.27 -59.18
CA ALA F 161 -9.17 15.70 -59.50
CA LEU F 162 -12.52 17.40 -59.79
CA GLY F 163 -16.06 16.75 -58.74
CA ARG F 164 -15.15 15.10 -55.55
CA SER F 165 -17.13 14.67 -52.45
CA GLY F 166 -18.38 12.43 -49.76
CA LEU F 167 -15.51 13.90 -47.79
CA ASN F 168 -18.23 15.02 -45.39
CA LEU F 169 -16.30 18.19 -44.88
CA GLU F 170 -19.23 20.30 -46.04
CA GLY F 171 -22.95 19.99 -46.70
CA LEU F 172 -22.48 20.58 -50.37
CA GLU F 173 -19.21 19.49 -51.76
CA ASN F 174 -17.60 19.46 -55.17
CA PHE F 175 -14.06 20.03 -54.41
CA ILE F 176 -11.37 20.49 -56.94
CA GLN F 177 -8.49 18.47 -55.65
CA THR F 178 -5.02 19.94 -55.81
CA ASP F 179 -1.48 18.78 -55.07
CA ALA F 180 -0.42 22.32 -54.27
CA SER F 181 0.66 22.61 -50.69
CA ILE F 182 -2.24 23.81 -48.63
CA ASN F 183 -2.02 24.16 -44.90
CA ARG F 184 -3.98 25.77 -42.16
CA GLY F 185 -4.41 29.45 -42.84
CA ASN F 186 -4.88 28.66 -46.51
CA ALA F 187 -8.65 28.66 -46.18
CA GLY F 188 -10.41 31.30 -48.17
CA GLY F 189 -7.29 31.62 -50.26
CA ALA F 190 -7.19 31.42 -54.00
CA LEU F 191 -6.30 28.64 -56.36
CA LEU F 192 -5.18 30.15 -59.60
CA ASN F 193 -4.47 28.94 -63.09
CA LEU F 194 -1.42 29.99 -65.04
CA ASN F 195 -3.44 32.93 -66.27
CA GLY F 196 -3.74 34.04 -62.70
CA GLU F 197 -7.48 33.58 -62.91
CA LEU F 198 -9.37 32.13 -59.97
CA ILE F 199 -10.12 28.43 -60.35
CA GLY F 200 -11.47 27.98 -56.84
CA ILE F 201 -11.14 28.83 -53.18
CA ASN F 202 -9.09 26.55 -50.99
CA THR F 203 -11.48 25.10 -48.44
CA ALA F 204 -9.77 22.17 -46.77
CA ILE F 205 -7.18 19.42 -46.71
CA LEU F 206 -6.92 15.73 -45.93
CA ALA F 207 -3.92 15.18 -43.76
CA PRO F 208 -3.33 12.71 -41.04
CA GLY F 209 -0.54 14.88 -39.69
CA GLY F 210 -2.51 18.06 -39.86
CA GLY F 211 0.09 19.11 -42.39
CA SER F 212 -0.19 19.13 -46.16
CA VAL F 213 -0.22 15.59 -47.55
CA GLY F 214 -0.62 16.92 -51.04
CA ILE F 215 -4.33 16.35 -51.01
CA GLY F 216 -6.15 19.66 -50.88
CA PHE F 217 -9.64 20.64 -51.84
CA ALA F 218 -11.07 23.86 -53.14
CA ILE F 219 -14.52 25.05 -54.00
CA PRO F 220 -14.68 25.70 -57.65
CA SER F 221 -14.63 29.24 -58.98
CA ASN F 222 -17.92 28.71 -60.64
CA MET F 223 -18.95 27.76 -57.21
CA ALA F 224 -17.82 30.82 -55.41
CA ARG F 225 -18.67 33.19 -58.18
CA THR F 226 -22.35 32.71 -58.50
CA LEU F 227 -22.74 31.94 -54.79
CA ALA F 228 -20.93 35.16 -54.11
CA GLN F 229 -22.95 37.03 -56.61
CA GLN F 230 -26.34 36.67 -55.02
CA LEU F 231 -24.72 37.42 -51.73
CA ILE F 232 -24.42 40.84 -53.17
CA ASP F 233 -27.34 40.27 -55.62
CA PHE F 234 -29.84 38.78 -56.18
CA GLY F 235 -29.64 37.70 -52.61
CA GLU F 236 -32.81 35.73 -52.72
CA ILE F 237 -33.21 34.25 -49.30
CA LYS F 238 -33.79 30.87 -50.81
CA ARG F 239 -32.22 28.64 -51.49
CA GLY F 240 -29.56 30.46 -49.55
CA LEU F 241 -27.90 27.10 -49.61
CA LEU F 242 -30.01 24.29 -48.27
CA GLY F 243 -28.59 23.96 -44.83
CA ILE F 244 -27.86 20.24 -44.79
CA LYS F 245 -25.04 17.86 -44.03
CA GLY F 246 -24.25 14.85 -46.11
CA THR F 247 -21.59 12.65 -47.55
CA GLU F 248 -20.98 9.97 -50.14
CA MET F 249 -23.22 6.97 -50.33
CA SER F 250 -22.63 4.94 -47.23
CA ALA F 251 -21.48 1.39 -47.54
CA ASP F 252 -24.12 0.13 -45.16
CA ILE F 253 -27.15 1.83 -46.60
CA ALA F 254 -26.10 1.60 -50.21
CA LYS F 255 -25.18 -1.99 -50.53
CA ALA F 256 -27.74 -3.56 -48.32
CA PHE F 257 -31.02 -1.89 -49.07
CA ASN F 258 -30.14 -1.14 -52.55
CA LEU F 259 -30.71 2.43 -53.26
CA ASP F 260 -32.87 3.00 -56.30
CA VAL F 261 -30.42 5.54 -57.59
CA GLN F 262 -26.98 4.04 -57.70
CA ARG F 263 -25.66 6.82 -55.61
CA GLY F 264 -26.32 10.36 -54.68
CA ALA F 265 -25.66 12.96 -52.12
CA PHE F 266 -26.95 11.42 -49.01
CA VAL F 267 -28.00 13.54 -46.14
CA SER F 268 -27.43 12.44 -42.58
CA GLU F 269 -28.91 15.51 -41.01
CA VAL F 270 -31.56 18.19 -41.10
CA LEU F 271 -30.70 21.69 -40.08
CA PRO F 272 -33.07 23.62 -37.97
CA GLY F 273 -34.82 26.60 -39.49
CA SER F 274 -32.80 25.46 -42.41
CA GLY F 275 -33.71 25.58 -45.99
CA SER F 276 -33.81 21.87 -46.16
CA ALA F 277 -35.95 21.83 -43.08
CA LYS F 278 -38.84 23.84 -44.37
CA ALA F 279 -38.47 22.41 -47.82
CA GLY F 280 -39.19 19.27 -45.98
CA VAL F 281 -36.10 17.41 -46.95
CA LYS F 282 -34.96 15.41 -44.09
CA ALA F 283 -32.41 12.93 -43.13
CA GLY F 284 -31.68 9.63 -44.68
CA ASP F 285 -32.32 11.60 -47.83
CA ILE F 286 -30.77 10.67 -50.98
CA ILE F 287 -30.43 13.61 -53.32
CA THR F 288 -30.55 12.09 -56.75
CA SER F 289 -30.62 15.19 -58.80
CA LEU F 290 -30.62 18.93 -58.80
CA ASN F 291 -32.50 20.73 -61.44
CA GLY F 292 -33.79 19.14 -64.64
CA LYS F 293 -30.41 17.70 -65.49
CA PRO F 294 -29.27 14.77 -63.50
CA LEU F 295 -27.08 15.08 -60.45
CA ASN F 296 -23.98 13.06 -59.90
CA SER F 297 -22.36 12.19 -56.65
CA PHE F 298 -22.34 14.32 -53.58
CA ALA F 299 -19.38 15.83 -55.33
CA GLU F 300 -21.29 17.11 -58.28
CA LEU F 301 -23.80 18.37 -55.80
CA ARG F 302 -21.76 21.14 -54.37
CA SER F 303 -20.23 21.70 -57.72
CA ARG F 304 -23.40 22.93 -59.13
CA ILE F 305 -24.85 24.41 -55.97
CA ALA F 306 -21.66 25.90 -54.76
CA THR F 307 -21.60 27.23 -58.24
CA THR F 308 -25.10 28.54 -58.12
CA GLU F 309 -26.32 31.67 -56.42
CA PRO F 310 -26.86 30.85 -52.85
CA GLY F 311 -30.22 32.18 -53.24
CA THR F 312 -31.27 30.79 -56.54
CA LYS F 313 -34.51 28.96 -56.15
CA VAL F 314 -34.01 25.41 -57.28
CA LYS F 315 -35.73 22.07 -57.16
CA LEU F 316 -34.14 18.97 -55.78
CA GLY F 317 -34.82 15.37 -56.51
CA LEU F 318 -34.32 12.90 -53.78
CA LEU F 319 -35.24 9.42 -52.99
CA ARG F 320 -36.96 8.80 -49.85
CA ASN F 321 -38.39 5.37 -49.07
CA GLY F 322 -37.60 4.23 -52.46
CA LYS F 323 -39.99 6.71 -53.74
CA PRO F 324 -39.65 9.87 -55.58
CA LEU F 325 -40.45 13.53 -54.94
CA GLU F 326 -39.61 16.87 -56.18
CA VAL F 327 -39.38 19.72 -53.77
CA GLU F 328 -38.33 23.28 -54.16
CA VAL F 329 -35.54 24.34 -51.91
CA SER F 340 -48.48 34.37 -17.71
CA ALA F 341 -46.17 35.18 -14.82
CA GLU F 342 -44.12 32.07 -15.32
CA MET F 343 -41.79 33.17 -17.98
CA ILE F 344 -40.85 36.41 -16.47
CA THR F 345 -40.82 34.95 -13.03
CA PRO F 346 -39.45 31.52 -12.43
CA ALA F 347 -41.70 28.55 -11.75
CA LEU F 348 -44.27 30.92 -10.28
CA GLU F 349 -47.39 30.00 -12.12
CA GLY F 350 -50.02 32.63 -11.86
CA ALA F 351 -51.83 35.40 -13.61
CA THR F 352 -50.80 36.10 -17.14
CA LEU F 353 -48.92 39.24 -17.93
CA SER F 354 -49.11 41.67 -20.80
CA ASP F 355 -46.79 44.49 -21.70
CA GLY F 356 -47.70 48.02 -22.45
CA GLN F 357 -50.13 50.04 -20.43
CA LEU F 358 -51.97 48.72 -23.29
CA LYS F 359 -54.92 50.97 -22.70
CA ASP F 360 -52.95 54.03 -21.55
CA GLY F 361 -49.33 55.08 -21.77
CA GLY F 362 -47.25 52.23 -20.46
CA LYS F 363 -47.30 52.60 -16.74
CA GLY F 364 -46.03 49.07 -16.72
CA ILE F 365 -46.80 45.42 -17.29
CA LYS F 366 -50.34 44.36 -16.66
CA ILE F 367 -51.40 41.10 -15.17
CA ASP F 368 -54.33 39.90 -17.19
CA GLU F 369 -55.97 37.42 -14.91
CA VAL F 370 -55.28 35.59 -11.70
CA VAL F 371 -55.06 31.81 -11.76
CA LYS F 372 -55.54 32.24 -7.96
CA GLY F 373 -54.87 28.64 -7.02
CA SER F 374 -51.44 29.36 -8.52
CA PRO F 375 -48.54 30.63 -6.54
CA ALA F 376 -48.41 33.93 -8.35
CA ALA F 377 -51.69 34.32 -6.56
CA GLN F 378 -50.28 33.25 -3.20
CA ALA F 379 -47.94 36.20 -2.71
CA GLY F 380 -50.42 38.95 -3.45
CA LEU F 381 -50.70 39.23 -7.20
CA GLN F 382 -54.27 40.15 -8.09
CA LYS F 383 -55.55 40.79 -11.59
CA ASP F 384 -55.69 44.26 -13.10
CA ASP F 385 -52.59 45.27 -11.23
CA VAL F 386 -50.04 47.23 -13.16
CA ILE F 387 -46.41 46.72 -12.32
CA ILE F 388 -45.00 50.22 -12.50
CA GLY F 389 -41.49 49.10 -11.69
CA VAL F 390 -39.29 46.74 -9.80
CA ASN F 391 -36.53 47.38 -7.31
CA ARG F 392 -36.51 51.15 -7.63
CA ASP F 393 -36.52 50.64 -11.36
CA ARG F 394 -39.35 51.76 -13.55
CA VAL F 395 -40.81 49.02 -15.67
CA ASN F 396 -42.26 50.32 -18.89
CA SER F 397 -42.74 46.87 -20.34
CA ILE F 398 -41.94 43.22 -19.86
CA ALA F 399 -38.51 43.61 -21.35
CA GLU F 400 -37.48 46.20 -18.81
CA MET F 401 -38.92 44.16 -16.00
CA ARG F 402 -36.92 41.24 -17.24
CA LYS F 403 -33.83 43.38 -16.98
CA VAL F 404 -34.22 43.96 -13.28
CA LEU F 405 -34.79 40.23 -13.01
CA ALA F 406 -31.55 39.82 -14.90
CA ALA F 407 -29.81 41.20 -11.87
CA LYS F 408 -31.54 38.42 -9.97
CA PRO F 409 -31.60 40.32 -6.73
CA ALA F 410 -32.48 38.11 -3.80
CA ILE F 411 -35.02 40.77 -2.98
CA ILE F 412 -37.50 41.61 -5.69
CA ALA F 413 -39.91 44.38 -5.00
CA LEU F 414 -42.78 44.98 -7.32
CA GLN F 415 -44.90 47.96 -6.89
CA ILE F 416 -48.04 47.88 -8.79
CA VAL F 417 -50.91 50.23 -8.84
CA ARG F 418 -54.22 48.75 -7.93
CA GLY F 419 -57.25 50.91 -8.30
CA ASN F 420 -56.23 54.38 -7.36
CA GLU F 421 -53.66 53.17 -4.91
CA SER F 422 -50.05 52.19 -4.76
CA ILE F 423 -49.33 48.57 -4.04
CA TYR F 424 -46.15 46.76 -3.34
CA LEU F 425 -45.55 43.19 -4.08
CA LEU F 426 -42.61 41.04 -3.57
CA MET F 427 -40.73 37.83 -3.96
CA PRO G 11 -24.13 52.47 48.33
CA LEU G 12 -26.36 49.48 47.78
CA PRO G 13 -29.89 49.99 46.81
CA SER G 14 -29.81 47.28 47.87
CA LEU G 15 -31.03 44.98 45.13
CA ALA G 16 -32.19 42.33 47.57
CA PRO G 17 -35.07 44.25 48.97
CA MET G 18 -36.52 44.77 45.54
CA LEU G 19 -35.79 41.20 44.56
CA GLU G 20 -37.51 39.61 47.47
CA LYS G 21 -40.87 40.93 46.46
CA VAL G 22 -40.48 40.41 42.71
CA LEU G 23 -38.77 37.06 42.43
CA PRO G 24 -41.74 34.85 43.04
CA ALA G 25 -43.25 36.36 39.92
CA VAL G 26 -40.56 34.83 37.75
CA VAL G 27 -41.04 31.19 37.04
CA SER G 28 -39.25 28.30 35.40
CA VAL G 29 -40.94 26.58 32.50
CA ARG G 30 -40.45 22.91 31.85
CA VAL G 31 -41.40 21.29 28.60
CA GLU G 32 -41.56 17.82 27.13
CA GLY G 33 -42.41 16.88 23.61
CA THR G 34 -41.65 15.21 20.32
CA ALA G 35 -40.24 11.65 17.77
CA GLN G 59 -37.72 10.99 20.47
CA PRO G 60 -38.60 12.62 23.68
CA PHE G 61 -36.78 15.70 24.82
CA GLU G 62 -37.01 17.91 27.85
CA GLY G 63 -36.37 21.60 27.68
CA LEU G 64 -36.05 24.26 30.32
CA GLY G 65 -36.90 27.92 30.08
CA SER G 66 -38.41 30.65 32.16
CA GLY G 67 -41.51 32.78 32.18
CA VAL G 68 -43.09 35.65 34.03
CA ILE G 69 -46.45 35.72 35.71
CA ILE G 70 -48.42 38.58 34.23
CA ASN G 71 -51.68 37.92 36.06
CA ALA G 72 -51.74 36.17 39.36
CA SER G 73 -55.46 35.64 39.29
CA LYS G 74 -55.63 34.23 35.80
CA GLY G 75 -52.32 32.54 36.06
CA TYR G 76 -51.10 33.97 32.78
CA VAL G 77 -47.40 33.51 32.20
CA LEU G 78 -45.46 35.09 29.38
CA THR G 79 -42.69 33.15 27.75
CA ASN G 80 -40.81 32.89 24.51
CA ASN G 81 -42.49 30.99 21.74
CA HIS G 82 -39.37 29.01 21.07
CA VAL G 83 -39.36 27.63 24.56
CA ILE G 84 -42.94 26.41 24.19
CA ASN G 85 -43.11 25.53 20.52
CA GLN G 86 -42.19 21.83 20.58
CA ALA G 87 -43.80 21.17 23.97
CA GLN G 88 -46.46 18.52 24.17
CA LYS G 89 -46.80 19.19 27.87
CA ILE G 90 -45.76 22.18 29.89
CA SER G 91 -45.15 22.59 33.58
CA ILE G 92 -44.50 25.69 35.63
CA GLN G 93 -42.33 25.73 38.72
CA LEU G 94 -42.35 28.46 41.33
CA ASN G 95 -39.26 29.44 43.26
CA ASP G 96 -41.02 28.09 46.32
CA GLY G 97 -40.97 24.67 44.72
CA ARG G 98 -44.63 24.39 43.93
CA GLU G 99 -45.33 23.26 40.42
CA PHE G 100 -48.33 23.50 38.17
CA ASP G 101 -49.39 22.40 34.73
CA ALA G 102 -49.91 24.96 32.03
CA LYS G 103 -51.64 25.18 28.70
CA LEU G 104 -50.62 27.30 25.78
CA ILE G 105 -53.10 30.10 25.41
CA GLY G 106 -51.51 31.34 22.20
CA SER G 107 -48.27 32.57 20.74
CA ASP G 108 -46.71 33.90 17.63
CA ASP G 109 -43.54 33.10 15.74
CA GLN G 110 -42.48 36.41 14.36
CA SER G 111 -42.05 38.30 17.62
CA ASP G 112 -41.47 35.07 19.55
CA ILE G 113 -44.02 35.77 22.29
CA ALA G 114 -46.18 33.09 23.84
CA LEU G 115 -48.76 33.16 26.59
CA LEU G 116 -49.37 30.28 28.94
CA GLN G 117 -52.01 29.78 31.56
CA ILE G 118 -51.47 27.87 34.74
CA GLN G 119 -54.16 25.51 35.80
CA ASN G 120 -55.44 26.10 39.32
CA PRO G 121 -52.98 28.89 39.85
CA SER G 122 -53.49 29.48 43.60
CA LYS G 123 -51.55 32.13 45.54
CA LEU G 124 -49.41 33.56 42.81
CA THR G 125 -47.49 36.80 42.63
CA GLN G 126 -47.58 38.95 39.55
CA ILE G 127 -44.96 41.25 38.17
CA ALA G 128 -45.67 44.87 37.37
CA ILE G 129 -45.05 46.09 33.86
CA ALA G 130 -42.92 49.14 33.18
CA ASP G 131 -43.02 51.36 30.12
CA SER G 132 -40.31 50.10 27.80
CA ASP G 133 -40.33 53.22 25.73
CA LYS G 134 -39.09 55.08 28.80
CA LEU G 135 -35.86 53.13 28.92
CA ARG G 136 -32.61 54.84 28.06
CA VAL G 137 -29.16 53.41 27.66
CA GLY G 138 -27.40 53.23 30.98
CA ASP G 139 -30.37 52.29 33.06
CA PHE G 140 -29.87 49.34 35.34
CA ALA G 141 -31.42 46.01 34.62
CA VAL G 142 -31.67 42.70 36.38
CA ALA G 143 -32.29 39.46 34.58
CA VAL G 144 -34.01 36.55 36.22
CA GLY G 145 -34.43 33.11 34.77
CA ASN G 146 -33.02 29.65 34.98
CA PRO G 147 -29.71 29.36 33.33
CA PHE G 148 -28.62 25.79 32.73
CA GLY G 149 -31.68 24.80 34.69
CA LEU G 150 -29.80 25.63 37.84
CA GLY G 151 -32.80 27.31 39.41
CA GLN G 152 -33.91 30.87 39.76
CA THR G 153 -30.89 33.03 39.12
CA ALA G 154 -30.59 36.78 39.08
CA THR G 155 -27.96 38.67 37.15
CA SER G 156 -27.31 42.36 36.97
CA GLY G 157 -26.29 44.71 34.21
CA ILE G 158 -27.30 47.87 32.38
CA VAL G 159 -29.31 48.53 29.28
CA SER G 160 -26.67 48.49 26.59
CA ALA G 161 -28.87 49.50 23.68
CA LEU G 162 -32.44 49.69 22.50
CA GLY G 163 -34.25 49.52 19.23
CA ARG G 164 -31.94 46.97 17.84
CA SER G 165 -32.64 44.70 14.98
CA GLY G 166 -31.29 43.14 11.87
CA LEU G 167 -30.07 40.38 14.14
CA ASN G 168 -32.25 38.12 12.02
CA LEU G 169 -33.08 36.23 15.16
CA GLU G 170 -36.79 36.90 14.76
CA GLY G 171 -39.21 38.15 12.14
CA LEU G 172 -40.02 41.21 14.16
CA GLU G 173 -37.26 42.44 16.31
CA ASN G 174 -36.71 45.34 18.64
CA PHE G 175 -34.47 43.95 21.20
CA ILE G 176 -33.39 45.78 24.26
CA GLN G 177 -29.76 44.87 24.60
CA THR G 178 -28.37 44.11 28.00
CA ASP G 179 -25.03 43.24 29.58
CA ALA G 180 -26.68 41.17 32.28
CA SER G 181 -25.54 37.60 32.05
CA ILE G 182 -28.03 35.70 29.99
CA ASN G 183 -27.49 32.08 29.17
CA ARG G 184 -29.44 29.17 27.85
CA GLY G 185 -32.48 28.64 30.00
CA ASN G 186 -32.89 32.38 30.39
CA ALA G 187 -35.38 32.57 27.57
CA GLY G 188 -38.82 33.67 28.60
CA GLY G 189 -37.27 35.11 31.72
CA ALA G 190 -37.70 38.62 32.95
CA LEU G 191 -35.54 41.69 32.66
CA LEU G 192 -36.37 43.99 35.49
CA ASN G 193 -35.65 47.58 36.38
CA LEU G 194 -34.62 48.72 39.84
CA ASN G 195 -38.28 48.94 40.69
CA GLY G 196 -38.67 45.30 39.92
CA GLU G 197 -40.96 46.17 37.07
CA LEU G 198 -40.74 44.19 33.85
CA ILE G 199 -38.72 45.95 31.16
CA GLY G 200 -38.72 43.03 28.74
CA ILE G 201 -38.49 39.29 28.25
CA ASN G 202 -35.06 37.81 27.60
CA THR G 203 -35.25 36.29 24.13
CA ALA G 204 -31.72 35.53 22.99
CA ILE G 205 -28.00 36.17 23.07
CA LEU G 206 -25.10 36.55 20.75
CA ALA G 207 -22.33 34.29 21.90
CA PRO G 208 -19.74 32.50 19.91
CA GLY G 209 -19.07 30.15 22.80
CA GLY G 210 -22.69 29.48 23.46
CA GLY G 211 -22.08 31.14 26.79
CA SER G 212 -22.93 34.68 27.80
CA VAL G 213 -20.69 37.18 26.05
CA GLY G 214 -22.47 40.05 27.73
CA ILE G 215 -24.60 40.71 24.69
CA GLY G 216 -28.17 39.73 25.40
CA PHE G 217 -31.44 40.75 23.82
CA ALA G 218 -34.92 41.00 25.23
CA ILE G 219 -38.27 41.89 23.80
CA PRO G 220 -39.51 45.02 25.34
CA SER G 221 -42.18 44.97 27.99
CA ASN G 222 -44.43 47.11 25.94
CA MET G 223 -43.82 44.45 23.47
CA ALA G 224 -44.86 41.49 25.50
CA ARG G 225 -47.61 43.33 27.29
CA THR G 226 -49.89 44.23 24.47
CA LEU G 227 -48.94 41.14 22.47
CA ALA G 228 -49.82 39.10 25.49
CA GLN G 229 -53.01 40.96 26.05
CA GLN G 230 -54.81 40.04 22.91
CA LEU G 231 -53.54 36.54 23.39
CA ILE G 232 -56.03 36.58 26.17
CA ASP G 233 -58.13 39.32 24.53
CA PHE G 234 -58.91 40.72 22.05
CA GLY G 235 -57.32 37.83 20.31
CA GLU G 236 -58.13 39.13 16.91
CA ILE G 237 -56.80 36.61 14.47
CA LYS G 238 -55.12 39.38 12.59
CA ARG G 239 -52.63 40.45 12.45
CA GLY G 240 -51.65 37.71 14.85
CA LEU G 241 -48.17 38.76 14.02
CA LEU G 242 -47.34 39.03 10.39
CA GLY G 243 -45.53 35.76 9.87
CA ILE G 244 -42.42 36.95 8.09
CA LYS G 245 -38.67 36.84 8.44
CA GLY G 246 -36.44 39.79 7.89
CA THR G 247 -33.25 41.50 8.88
CA GLU G 248 -31.50 44.84 8.68
CA MET G 249 -30.93 46.44 5.35
CA SER G 250 -28.60 44.28 3.38
CA ALA G 251 -25.33 45.66 2.16
CA ASP G 252 -25.85 44.37 -1.33
CA ILE G 253 -29.39 45.58 -1.83
CA ALA G 254 -29.13 48.81 0.06
CA LYS G 255 -26.01 50.22 -1.40
CA ALA G 256 -26.44 49.21 -4.96
CA PHE G 257 -29.93 49.99 -6.05
CA ASN G 258 -30.34 52.44 -3.37
CA LEU G 259 -33.57 52.06 -1.61
CA ASP G 260 -35.87 54.99 -1.63
CA VAL G 261 -36.23 54.68 2.10
CA GLN G 262 -32.79 54.81 3.61
CA ARG G 263 -33.44 51.69 5.57
CA GLY G 264 -36.26 49.60 6.78
CA ALA G 265 -37.20 46.19 7.90
CA PHE G 266 -36.41 44.11 4.94
CA VAL G 267 -38.12 40.84 4.42
CA SER G 268 -36.28 37.94 2.86
CA GLU G 269 -39.17 35.55 3.09
CA VAL G 270 -42.89 35.00 2.84
CA LEU G 271 -44.52 32.61 5.24
CA PRO G 272 -47.08 30.22 3.96
CA GLY G 273 -50.66 30.77 5.06
CA SER G 274 -49.04 33.58 6.90
CA GLY G 275 -50.42 36.94 7.62
CA SER G 276 -47.92 38.49 5.37
CA ALA G 277 -48.78 36.04 2.69
CA LYS G 278 -52.44 36.81 2.35
CA ALA G 279 -51.82 40.47 2.99
CA GLY G 280 -49.80 40.14 -0.10
CA VAL G 281 -46.55 41.26 1.36
CA LYS G 282 -43.86 39.31 -0.18
CA ALA G 283 -40.14 38.97 -0.19
CA GLY G 284 -37.66 41.59 -1.08
CA ASP G 285 -40.08 43.80 0.74
CA ILE G 286 -38.90 46.76 2.53
CA ILE G 287 -41.16 47.72 5.38
CA THR G 288 -40.78 51.46 5.64
CA SER G 289 -43.40 52.17 8.17
CA LEU G 290 -46.02 50.73 10.41
CA ASN G 291 -49.21 52.64 10.98
CA GLY G 292 -49.44 56.40 10.49
CA LYS G 293 -46.25 57.22 12.33
CA PRO G 294 -43.03 56.42 10.62
CA LEU G 295 -41.16 53.19 11.26
CA ASN G 296 -37.45 53.12 11.77
CA SER G 297 -35.16 50.15 11.43
CA PHE G 298 -36.10 46.52 11.59
CA ALA G 299 -35.43 47.11 15.23
CA GLU G 300 -38.19 49.57 15.74
CA LEU G 301 -40.34 47.22 13.80
CA ARG G 302 -40.63 44.59 16.41
CA SER G 303 -40.52 47.29 18.98
CA ARG G 304 -43.89 48.51 18.12
CA ILE G 305 -45.30 45.26 16.79
CA ALA G 306 -43.95 43.14 19.52
CA THR G 307 -45.48 45.88 21.58
CA THR G 308 -48.79 45.72 19.82
CA GLU G 309 -51.54 43.19 20.31
CA PRO G 310 -50.98 40.21 18.19
CA GLY G 311 -53.65 40.60 16.99
CA THR G 312 -54.45 44.18 16.24
CA LYS G 313 -55.30 44.98 12.69
CA VAL G 314 -52.57 47.22 11.40
CA LYS G 315 -51.45 48.72 8.13
CA LEU G 316 -47.93 48.38 6.87
CA GLY G 317 -46.00 50.58 4.54
CA LEU G 318 -43.42 48.99 2.38
CA LEU G 319 -41.46 49.76 -0.64
CA ARG G 320 -41.66 47.43 -3.41
CA ASN G 321 -40.14 48.27 -6.78
CA GLY G 322 -39.40 51.67 -5.61
CA LYS G 323 -43.03 52.22 -5.33
CA PRO G 324 -45.29 52.64 -2.49
CA LEU G 325 -48.29 50.77 -1.13
CA GLU G 326 -50.33 50.41 1.88
CA VAL G 327 -51.60 47.05 2.90
CA GLU G 328 -53.62 45.82 5.80
CA VAL G 329 -52.01 43.04 7.74
CA SER G 340 -59.75 7.10 -0.90
CA GLU G 342 -56.19 8.28 -1.10
CA MET G 343 -56.03 10.14 2.16
CA ILE G 344 -57.38 7.24 4.11
CA THR G 345 -55.55 4.73 2.00
CA PRO G 346 -52.10 5.35 0.73
CA ALA G 347 -51.48 6.32 -2.87
CA LEU G 348 -54.55 4.37 -3.91
CA GLU G 349 -56.49 6.90 -5.88
CA GLY G 350 -60.09 6.05 -6.23
CA ALA G 351 -63.61 6.81 -5.18
CA THR G 352 -64.01 9.54 -2.64
CA LEU G 353 -65.12 8.66 0.82
CA SER G 354 -67.50 10.31 3.24
CA ASP G 355 -67.97 9.81 6.92
CA GLY G 356 -71.17 9.00 8.68
CA GLN G 357 -73.88 6.75 7.40
CA LEU G 358 -74.76 10.16 6.44
CA LYS G 359 -78.23 9.13 5.37
CA ASP G 360 -78.82 6.67 8.24
CA GLY G 361 -77.07 5.85 11.49
CA GLY G 362 -73.38 5.45 10.77
CA LYS G 363 -72.99 2.00 9.33
CA GLY G 364 -69.62 3.20 8.28
CA ILE G 365 -67.74 5.25 5.74
CA LYS G 366 -69.40 5.78 2.40
CA ILE G 367 -67.59 5.84 -0.88
CA ASP G 368 -69.14 8.61 -2.87
CA GLU G 369 -68.14 7.79 -6.38
CA VAL G 370 -65.77 5.57 -8.26
CA VAL G 371 -63.03 7.20 -10.34
CA LYS G 372 -62.90 3.67 -11.83
CA GLY G 373 -59.79 4.17 -13.90
CA SER G 374 -58.17 4.60 -10.47
CA PRO G 375 -56.71 1.79 -8.51
CA ALA G 376 -59.24 2.10 -5.73
CA ALA G 377 -61.46 0.90 -8.52
CA GLN G 378 -59.19 -1.97 -9.50
CA ALA G 379 -59.48 -3.95 -6.27
CA GLY G 380 -63.25 -4.00 -6.04
CA LEU G 381 -64.31 -0.68 -4.61
CA GLN G 382 -67.59 0.31 -6.23
CA LYS G 383 -69.56 3.41 -5.36
CA ASP G 384 -72.37 3.35 -2.81
CA ASP G 385 -70.53 0.81 -0.75
CA VAL G 386 -70.52 1.32 2.98
CA ILE G 387 -67.51 0.14 4.86
CA ILE G 388 -68.93 -1.28 8.04
CA GLY G 389 -65.52 -2.05 9.50
CA VAL G 390 -62.00 -3.24 8.87
CA ASN G 391 -60.12 -6.23 10.20
CA ARG G 392 -62.78 -7.43 12.59
CA ASP G 393 -63.10 -3.84 13.71
CA ARG G 394 -66.27 -1.88 13.28
CA VAL G 395 -65.78 1.39 11.46
CA ASN G 396 -68.35 3.94 12.50
CA SER G 397 -66.54 6.73 10.76
CA ILE G 398 -63.39 7.73 8.91
CA ALA G 399 -61.44 8.33 12.07
CA GLU G 400 -62.12 4.85 13.31
CA MET G 401 -61.16 3.35 9.98
CA ARG G 402 -57.98 5.32 10.14
CA LYS G 403 -57.31 3.69 13.46
CA VAL G 404 -57.30 0.19 12.05
CA LEU G 405 -55.07 1.49 9.30
CA ALA G 406 -52.84 2.90 12.02
CA ALA G 407 -52.05 -0.66 12.94
CA LYS G 408 -50.96 -1.01 9.33
CA PRO G 409 -51.74 -4.66 9.14
CA ALA G 410 -50.24 -6.28 6.07
CA ILE G 411 -53.69 -7.71 5.56
CA ILE G 412 -56.50 -5.21 5.42
CA ALA G 413 -59.97 -6.54 5.13
CA LEU G 414 -62.81 -4.20 4.36
CA GLN G 415 -66.28 -5.45 4.54
CA ILE G 416 -68.76 -3.18 3.10
CA VAL G 417 -72.40 -3.62 2.47
CA ARG G 418 -73.44 -3.38 -1.12
CA GLY G 419 -77.11 -3.33 -1.83
CA ASN G 420 -78.69 -5.68 0.62
CA GLU G 421 -75.63 -7.87 0.79
CA SER G 422 -72.40 -8.30 2.66
CA ILE G 423 -69.28 -7.46 0.75
CA TYR G 424 -65.68 -7.95 1.53
CA LEU G 425 -62.90 -5.94 0.11
CA LEU G 426 -59.24 -5.98 0.66
CA MET G 427 -55.73 -4.70 0.23
CA PRO H 11 -21.97 58.75 42.04
CA LEU H 12 -19.00 56.66 42.94
CA PRO H 13 -18.67 55.59 46.45
CA SER H 14 -15.33 55.60 45.24
CA LEU H 15 -14.19 52.05 45.48
CA ALA H 16 -10.61 53.21 45.48
CA PRO H 17 -10.76 54.80 48.86
CA MET H 18 -12.01 51.59 50.39
CA LEU H 19 -9.55 49.56 48.38
CA GLU H 20 -6.49 51.52 49.35
CA LYS H 21 -6.74 50.51 52.96
CA VAL H 22 -7.85 46.92 52.35
CA LEU H 23 -5.71 45.76 49.45
CA PRO H 24 -2.52 45.18 51.32
CA ALA H 25 -4.41 42.55 53.29
CA VAL H 26 -4.89 40.42 50.22
CA VAL H 27 -1.86 38.48 49.20
CA SER H 28 -0.65 36.23 46.43
CA VAL H 29 0.37 32.72 47.32
CA ARG H 30 3.13 30.97 45.46
CA VAL H 31 3.59 27.26 45.67
CA GLU H 32 6.19 24.80 44.53
CA GLY H 33 6.08 21.10 44.98
CA THR H 34 6.13 17.56 43.74
CA ALA H 35 7.67 14.40 40.92
CA GLN H 59 8.41 17.12 38.45
CA PRO H 60 8.54 20.50 39.92
CA PHE H 61 5.47 22.58 39.38
CA GLU H 62 4.66 26.11 40.33
CA GLY H 63 1.20 27.23 41.17
CA LEU H 64 -0.24 30.61 41.92
CA GLY H 65 -3.15 31.47 44.14
CA SER H 66 -4.17 34.13 46.57
CA GLY H 67 -4.81 34.41 50.28
CA VAL H 68 -6.01 36.87 52.86
CA ILE H 69 -4.22 37.99 55.97
CA ILE H 70 -6.48 37.20 58.88
CA ASN H 71 -4.20 38.40 61.60
CA ALA H 72 -1.29 40.69 61.04
CA SER H 73 0.46 39.92 64.27
CA LYS H 74 0.54 36.18 63.83
CA GLY H 75 0.77 36.38 60.11
CA TYR H 76 -2.04 33.95 59.55
CA VAL H 77 -3.27 33.84 55.98
CA LEU H 78 -6.37 32.03 54.81
CA THR H 79 -6.33 30.24 51.51
CA ASN H 80 -7.98 27.41 49.68
CA ASN H 81 -6.79 23.94 50.46
CA HIS H 82 -6.45 23.11 46.81
CA VAL H 83 -4.01 25.89 46.27
CA ILE H 84 -1.78 24.61 49.08
CA ASN H 85 -2.33 20.86 48.81
CA GLN H 86 0.62 19.88 46.60
CA ALA H 87 2.95 22.59 47.86
CA GLN H 88 6.25 21.50 49.32
CA LYS H 89 7.15 25.12 49.87
CA ILE H 90 4.93 28.15 50.03
CA SER H 91 5.77 31.80 49.62
CA ILE H 92 3.57 34.80 50.11
CA GLN H 93 3.99 38.09 48.34
CA LEU H 94 2.54 41.39 49.38
CA ASN H 95 1.27 43.90 46.89
CA ASP H 96 4.18 46.08 47.91
CA GLY H 97 6.53 43.44 46.58
CA ARG H 98 7.75 42.11 49.88
CA GLU H 99 7.93 38.34 49.99
CA PHE H 100 7.79 35.92 52.88
CA ASP H 101 7.88 32.19 53.44
CA ALA H 102 4.89 30.46 54.92
CA LYS H 103 4.11 27.18 56.57
CA LEU H 104 0.86 25.29 56.48
CA ILE H 105 -0.74 25.50 59.85
CA GLY H 106 -3.58 23.18 58.87
CA SER H 107 -6.38 22.71 56.38
CA ASP H 108 -9.26 20.51 55.49
CA ASP H 109 -10.43 18.94 52.25
CA GLN H 110 -14.17 19.02 52.56
CA SER H 111 -14.64 22.75 53.06
CA ASP H 112 -11.44 23.47 51.15
CA ILE H 113 -10.09 25.85 53.81
CA ALA H 114 -6.41 26.07 54.67
CA LEU H 115 -4.52 28.28 57.07
CA LEU H 116 -0.97 29.41 56.50
CA GLN H 117 1.40 31.28 58.74
CA ILE H 118 3.96 33.76 57.51
CA GLN H 119 7.34 33.48 59.05
CA ASN H 120 8.67 36.76 60.37
CA PRO H 121 5.54 38.54 59.27
CA SER H 122 6.51 42.18 60.10
CA LYS H 123 4.32 45.17 59.28
CA LEU H 124 1.36 43.44 57.78
CA THR H 125 -2.19 44.59 57.35
CA GLN H 126 -5.19 42.55 58.40
CA ILE H 127 -8.58 42.34 56.81
CA ALA H 128 -11.72 42.72 58.89
CA ILE H 129 -14.29 40.01 58.63
CA ALA H 130 -17.95 40.67 58.06
CA ASP H 131 -20.92 38.55 59.00
CA SER H 132 -21.68 36.36 56.01
CA ASP H 133 -25.06 35.54 57.40
CA LYS H 134 -26.16 39.11 56.88
CA LEU H 135 -25.44 39.09 53.17
CA ARG H 136 -28.39 39.33 50.83
CA VAL H 137 -28.58 38.99 47.08
CA GLY H 138 -27.89 42.26 45.40
CA ASP H 139 -25.17 43.30 47.79
CA PHE H 140 -22.09 44.65 46.09
CA ALA H 141 -18.93 42.65 46.21
CA VAL H 142 -15.36 43.09 45.11
CA ALA H 143 -13.02 40.23 44.42
CA VAL H 144 -9.30 40.51 44.86
CA GLY H 145 -6.76 37.92 43.87
CA ASN H 146 -4.22 37.10 41.22
CA PRO H 147 -5.83 35.98 38.07
CA PHE H 148 -3.42 34.44 35.60
CA GLY H 149 -0.74 35.37 38.06
CA LEU H 150 -0.89 38.85 36.67
CA GLY H 151 -0.67 40.45 40.08
CA GLN H 152 -3.17 41.84 42.53
CA THR H 153 -6.35 42.43 40.61
CA ALA H 154 -9.69 43.71 41.78
CA THR H 155 -12.99 42.94 40.12
CA SER H 156 -16.44 44.15 40.99
CA GLY H 157 -19.85 42.54 40.99
CA ILE H 158 -22.86 41.77 43.13
CA VAL H 159 -23.78 38.82 45.28
CA SER H 160 -25.74 36.68 42.85
CA ALA H 161 -26.86 34.02 45.26
CA LEU H 162 -26.09 32.48 48.59
CA GLY H 163 -26.41 29.15 50.23
CA ARG H 164 -25.67 27.36 47.05
CA SER H 165 -24.69 23.75 46.82
CA GLY H 166 -24.97 20.56 44.98
CA LEU H 167 -22.15 21.92 42.83
CA ASN H 168 -20.28 18.82 43.94
CA LEU H 169 -17.21 20.97 43.93
CA GLU H 170 -16.57 20.35 47.60
CA GLY H 171 -17.68 17.97 50.33
CA LEU H 172 -19.25 20.77 52.25
CA GLU H 173 -20.49 23.60 50.24
CA ASN H 174 -22.32 26.83 50.84
CA PHE H 175 -20.98 29.05 48.24
CA ILE H 176 -21.80 32.65 47.93
CA GLN H 177 -22.25 33.17 44.23
CA THR H 178 -20.84 36.28 42.65
CA ASP H 179 -20.78 37.92 39.24
CA ALA H 180 -17.40 39.48 39.93
CA SER H 181 -14.88 38.19 37.47
CA ILE H 182 -13.08 35.29 39.02
CA ASN H 183 -10.49 33.39 37.08
CA ARG H 184 -7.82 30.86 37.77
CA GLY H 185 -5.42 32.24 40.32
CA ASN H 186 -8.30 33.83 42.16
CA ALA H 187 -8.60 30.93 44.56
CA GLY H 188 -7.88 31.77 48.14
CA GLY H 189 -8.53 35.39 47.29
CA ALA H 190 -10.93 37.63 49.08
CA LEU H 191 -14.43 38.73 48.28
CA LEU H 192 -15.10 42.01 49.96
CA ASN H 193 -18.03 44.19 50.90
CA LEU H 194 -18.09 47.89 50.13
CA ASN H 195 -16.78 48.24 53.64
CA GLY H 196 -13.74 46.28 52.61
CA GLU H 197 -14.77 43.57 55.02
CA LEU H 198 -14.20 39.93 54.09
CA ILE H 199 -17.44 38.36 52.88
CA GLY H 200 -15.86 35.11 51.73
CA ILE H 201 -12.92 33.40 50.06
CA ASN H 202 -13.16 32.79 46.32
CA THR H 203 -13.10 29.02 45.90
CA ALA H 204 -14.18 28.19 42.36
CA ILE H 205 -15.98 29.07 39.17
CA LEU H 206 -18.23 27.39 36.67
CA ALA H 207 -17.04 28.15 33.20
CA PRO H 208 -17.22 26.08 30.10
CA GLY H 209 -14.38 28.07 28.57
CA GLY H 210 -12.21 27.90 31.62
CA GLY H 211 -12.62 31.64 31.73
CA SER H 212 -14.94 33.66 33.92
CA VAL H 213 -18.55 33.23 32.85
CA GLY H 214 -19.69 35.50 35.63
CA ILE H 215 -20.57 32.59 37.85
CA GLY H 216 -18.16 32.38 40.74
CA PHE H 217 -18.41 30.80 44.14
CA ALA H 218 -16.85 31.71 47.44
CA ILE H 219 -16.83 30.21 50.89
CA PRO H 220 -18.49 32.52 53.26
CA SER H 221 -16.44 34.56 55.70
CA ASN H 222 -18.23 33.08 58.61
CA MET H 223 -17.11 29.97 57.00
CA ALA H 224 -13.45 30.69 56.79
CA ARG H 225 -13.34 32.57 60.04
CA THR H 226 -14.31 29.97 62.51
CA LEU H 227 -12.76 27.18 60.43
CA ALA H 228 -9.58 29.14 60.40
CA GLN H 229 -9.87 29.81 64.09
CA GLN H 230 -9.49 26.32 65.37
CA LEU H 231 -6.80 25.74 62.81
CA ILE H 232 -4.88 28.01 65.08
CA ASP H 233 -7.07 27.19 68.12
CA PHE H 234 -8.81 25.19 69.40
CA GLY H 235 -7.64 22.81 66.78
CA GLU H 236 -9.68 19.94 68.04
CA ILE H 237 -8.94 17.08 65.75
CA LYS H 238 -12.60 16.54 65.35
CA ARG H 239 -14.62 17.26 63.53
CA GLY H 240 -11.69 18.55 61.54
CA LEU H 241 -14.21 18.69 58.78
CA LEU H 242 -16.06 15.49 58.20
CA GLY H 243 -14.21 14.17 55.17
CA ILE H 244 -17.11 13.43 52.86
CA LYS H 245 -18.20 14.17 49.34
CA GLY H 246 -21.73 14.99 48.41
CA THR H 247 -24.00 17.02 46.24
CA GLU H 248 -27.57 18.19 45.85
CA MET H 249 -30.46 15.81 46.11
CA SER H 250 -30.29 13.54 43.11
CA ALA H 251 -33.17 13.38 40.72
CA ASP H 252 -33.33 9.61 40.75
CA ILE H 253 -33.09 8.98 44.47
CA ALA H 254 -35.15 11.96 45.51
CA LYS H 255 -38.14 11.59 43.32
CA ALA H 256 -38.46 7.87 43.25
CA PHE H 257 -38.15 6.64 46.78
CA ASN H 258 -39.20 9.88 48.15
CA LEU H 259 -36.85 10.91 50.81
CA ASP H 260 -38.43 11.58 54.16
CA VAL H 261 -36.67 14.91 54.36
CA GLN H 262 -37.51 16.87 51.27
CA ARG H 263 -33.89 17.37 50.53
CA GLY H 264 -30.58 17.49 52.20
CA ALA H 265 -26.91 17.18 51.66
CA PHE H 266 -26.57 13.81 50.17
CA VAL H 267 -23.36 11.95 50.44
CA SER H 268 -22.19 9.73 47.64
CA GLU H 269 -19.00 8.78 49.32
CA VAL H 270 -17.20 7.79 52.49
CA LEU H 271 -13.66 8.94 52.98
CA PRO H 272 -11.19 6.57 54.45
CA GLY H 273 -9.82 7.30 57.90
CA SER H 274 -12.16 10.17 57.54
CA GLY H 275 -14.21 11.82 60.14
CA SER H 276 -17.33 10.64 58.50
CA ALA H 277 -15.91 7.20 58.35
CA LYS H 278 -15.36 6.65 62.03
CA ALA H 279 -18.44 8.63 62.90
CA GLY H 280 -20.07 5.94 60.94
CA VAL H 281 -21.72 8.13 58.39
CA LYS H 282 -21.63 6.39 55.18
CA ALA H 283 -22.81 6.82 51.71
CA GLY H 284 -26.25 7.18 50.39
CA ASP H 285 -26.53 9.39 53.45
CA ILE H 286 -28.77 12.21 53.56
CA ILE H 287 -27.70 14.85 55.98
CA THR H 288 -30.92 16.42 57.14
CA SER H 289 -29.57 18.71 59.76
CA LEU H 290 -26.55 19.87 61.60
CA ASN H 291 -26.81 20.69 65.26
CA GLY H 292 -30.12 21.45 66.96
CA LYS H 293 -31.33 23.82 64.29
CA PRO H 294 -32.47 22.41 61.04
CA LEU H 295 -30.12 22.17 58.08
CA ASN H 296 -31.02 23.35 54.62
CA SER H 297 -29.65 22.05 51.38
CA PHE H 298 -26.17 20.82 50.76
CA ALA H 299 -25.55 24.48 50.35
CA GLU H 300 -26.49 25.41 53.85
CA LEU H 301 -24.37 22.51 54.94
CA ARG H 302 -21.03 23.94 54.17
CA SER H 303 -22.33 27.29 55.09
CA ARG H 304 -22.53 26.43 58.67
CA ILE H 305 -19.74 23.86 58.73
CA ALA H 306 -17.42 25.85 56.63
CA THR H 307 -18.41 28.48 59.09
CA THR H 308 -17.70 26.37 62.11
CA GLU H 309 -14.35 25.52 63.59
CA PRO H 310 -12.80 22.61 61.94
CA GLY H 311 -12.60 21.25 64.55
CA THR H 312 -15.63 21.73 66.69
CA LYS H 313 -17.33 18.59 67.77
CA VAL H 314 -20.78 18.66 66.33
CA LYS H 315 -23.62 16.26 65.77
CA LEU H 316 -25.16 15.54 62.43
CA GLY H 317 -28.62 14.41 61.58
CA LEU H 318 -29.01 12.21 58.62
CA LEU H 319 -31.51 10.01 57.18
CA ARG H 320 -30.54 6.57 56.46
CA ASN H 321 -33.09 3.94 55.44
CA GLY H 322 -35.83 6.28 56.14
CA LYS H 323 -34.83 6.24 59.68
CA PRO H 324 -33.26 8.70 61.89
CA LEU H 325 -30.04 8.90 63.85
CA GLU H 326 -27.81 11.35 65.45
CA VAL H 327 -24.12 10.85 65.38
CA GLU H 328 -21.36 12.99 66.62
CA VAL H 329 -18.76 13.77 64.08
CA SER H 340 5.84 -13.62 56.90
CA ALA H 341 8.81 -13.09 54.61
CA GLU H 342 6.64 -12.47 51.60
CA MET H 343 5.74 -8.89 52.16
CA ILE H 344 9.27 -7.73 52.71
CA THR H 345 10.72 -10.10 50.22
CA PRO H 346 8.97 -10.65 46.96
CA ALA H 347 7.15 -13.89 46.26
CA LEU H 348 9.38 -15.74 48.66
CA GLU H 349 7.01 -17.54 50.92
CA GLY H 350 8.59 -18.50 54.15
CA ALA H 351 8.92 -17.91 57.83
CA THR H 352 7.01 -15.01 59.21
CA LEU H 353 8.88 -11.95 60.29
CA SER H 354 8.40 -9.60 63.19
CA ASP H 355 10.04 -6.29 63.82
CA GLY H 356 11.73 -5.18 66.95
CA GLN H 357 14.16 -7.28 68.88
CA LEU H 358 10.91 -7.60 70.48
CA LYS H 359 12.36 -9.23 73.55
CA ASP H 360 15.50 -7.07 73.69
CA GLY H 361 16.58 -3.84 72.08
CA GLY H 362 16.06 -4.12 68.36
CA LYS H 363 18.88 -6.29 67.12
CA GLY H 364 16.81 -6.54 64.02
CA ILE H 365 13.90 -8.27 62.38
CA LYS H 366 13.03 -11.66 63.80
CA ILE H 367 11.76 -14.55 61.82
CA ASP H 368 9.04 -16.16 63.85
CA GLU H 369 8.81 -19.59 62.32
CA VAL H 370 9.90 -21.48 59.27
CA VAL H 371 7.25 -22.76 56.88
CA LYS H 372 10.25 -24.86 55.69
CA GLY H 373 8.58 -26.28 52.62
CA SER H 374 8.56 -22.63 51.51
CA PRO H 375 11.29 -20.99 49.57
CA ALA H 376 12.26 -18.67 52.38
CA ALA H 377 13.26 -21.94 53.93
CA GLN H 378 15.18 -23.09 50.88
CA ALA H 379 17.89 -20.41 51.00
CA GLY H 380 18.87 -20.83 54.61
CA LEU H 381 16.33 -18.93 56.63
CA GLN H 382 15.76 -20.80 59.87
CA LYS H 383 13.48 -19.68 62.66
CA ASP H 384 14.72 -17.61 65.59
CA ASP H 385 17.25 -15.88 63.41
CA VAL H 386 17.60 -12.17 63.89
CA ILE H 387 18.45 -10.12 60.87
CA ILE H 388 20.84 -7.54 62.20
CA GLY H 389 21.19 -5.75 58.89
CA VAL H 390 21.33 -6.06 55.14
CA ASN H 391 24.01 -5.03 52.69
CA ARG H 392 26.33 -3.41 55.18
CA ASP H 393 23.50 -1.54 56.71
CA ARG H 394 21.99 -2.21 60.06
CA VAL H 395 18.39 -3.22 60.17
CA ASN H 396 16.71 -2.06 63.34
CA SER H 397 13.26 -3.04 62.13
CA ILE H 398 11.35 -4.14 59.09
CA ALA H 399 11.02 -0.58 57.87
CA GLU H 400 14.76 -0.16 57.67
CA MET H 401 15.13 -3.56 56.08
CA ARG H 402 12.59 -2.49 53.52
CA LYS H 403 14.76 0.53 52.85
CA VAL H 404 17.73 -1.56 51.83
CA LEU H 405 15.37 -3.52 49.63
CA ALA H 406 14.14 -0.27 48.19
CA ALA H 407 17.55 0.07 46.62
CA LYS H 408 16.82 -3.35 45.21
CA PRO H 409 20.40 -4.35 44.90
CA ALA H 410 20.82 -7.42 42.74
CA ILE H 411 22.77 -8.79 45.66
CA ILE H 412 21.10 -8.83 49.02
CA ALA H 413 23.11 -9.97 51.94
CA LEU H 414 21.40 -10.70 55.20
CA GLN H 415 23.39 -11.29 58.25
CA ILE H 416 21.48 -12.72 61.02
CA VAL H 417 22.61 -13.99 64.31
CA ARG H 418 21.70 -17.53 65.07
CA GLY H 419 22.44 -18.90 68.46
CA ASN H 420 25.56 -17.22 69.60
CA GLU H 421 27.05 -16.92 66.17
CA SER H 422 27.04 -14.71 63.14
CA ILE H 423 25.17 -15.93 60.13
CA TYR H 424 24.97 -14.69 56.62
CA LEU H 425 22.04 -15.17 54.41
CA LEU H 426 21.36 -14.06 50.96
CA MET H 427 19.18 -13.71 47.96
CA PRO I 11 -30.03 54.41 42.67
CA LEU I 12 -29.10 55.10 39.08
CA PRO I 13 -27.00 58.02 38.17
CA SER I 14 -28.40 57.31 35.77
CA LEU I 15 -25.87 56.59 33.06
CA ALA I 16 -28.21 57.60 30.26
CA PRO I 17 -28.30 61.27 30.98
CA MET I 18 -24.54 61.47 30.87
CA LEU I 19 -24.41 59.32 27.77
CA GLU I 20 -26.88 61.30 25.78
CA LYS I 21 -24.67 64.35 25.70
CA VAL I 22 -21.36 62.51 25.26
CA LEU I 23 -22.18 59.78 22.77
CA PRO I 24 -22.16 61.87 19.65
CA ALA I 25 -18.52 62.60 20.39
CA VAL I 26 -17.58 58.97 19.86
CA VAL I 27 -17.42 57.90 16.27
CA SER I 28 -16.94 54.81 14.19
CA VAL I 29 -13.96 54.71 11.91
CA ARG I 30 -14.14 52.89 8.63
CA VAL I 31 -11.05 52.08 6.64
CA GLU I 32 -10.23 50.67 3.24
CA GLY I 33 -6.88 49.88 1.79
CA THR I 34 -4.16 47.57 0.52
CA ALA I 35 -2.82 44.60 -2.43
CA GLN I 59 -6.24 43.05 -2.05
CA PRO I 60 -8.82 45.40 -0.79
CA PHE I 61 -9.92 45.05 2.80
CA GLU I 62 -12.29 46.88 5.05
CA GLY I 63 -11.75 47.41 8.72
CA LEU I 64 -13.87 48.88 11.45
CA GLY I 65 -12.76 50.75 14.52
CA SER I 66 -13.77 53.71 16.61
CA GLY I 67 -12.45 57.14 17.40
CA VAL I 68 -13.18 60.15 19.56
CA ILE I 69 -13.70 63.70 18.45
CA ILE I 70 -11.16 65.81 20.29
CA ASN I 71 -12.07 69.11 18.78
CA ALA I 72 -15.31 69.77 17.02
CA SER I 73 -14.18 72.85 15.20
CA LYS I 74 -11.11 71.36 13.63
CA GLY I 75 -12.66 67.95 13.38
CA TYR I 76 -9.75 66.14 14.97
CA VAL I 77 -10.48 62.59 15.94
CA LEU I 78 -8.20 60.38 17.99
CA THR I 79 -7.88 56.74 17.13
CA ASN I 80 -5.49 53.87 17.44
CA ASN I 81 -2.73 53.74 14.91
CA HIS I 82 -3.40 50.11 14.20
CA VAL I 83 -6.90 50.87 13.08
CA ILE I 84 -5.60 53.49 10.66
CA ASN I 85 -2.26 52.06 9.60
CA GLN I 86 -3.23 50.18 6.45
CA ALA I 87 -6.01 52.57 5.44
CA GLN I 88 -5.76 54.14 2.03
CA LYS I 89 -9.03 55.92 2.68
CA ILE I 90 -10.71 56.66 5.94
CA SER I 91 -14.28 57.55 6.68
CA ILE I 92 -15.90 58.57 9.92
CA GLN I 93 -19.51 57.90 10.82
CA LEU I 94 -21.44 59.71 13.47
CA ASN I 95 -24.09 58.04 15.60
CA ASP I 96 -26.58 60.13 13.71
CA GLY I 97 -25.67 58.37 10.52
CA ARG I 98 -23.81 61.23 8.91
CA GLU I 99 -20.52 60.24 7.37
CA PHE I 100 -17.38 62.17 6.60
CA ASP I 101 -14.02 61.73 4.92
CA ALA I 102 -10.95 61.88 7.11
CA LYS I 103 -7.24 62.37 6.54
CA LEU I 104 -4.45 61.13 8.72
CA ILE I 105 -2.87 64.07 10.46
CA GLY I 106 -0.18 61.93 12.01
CA SER I 107 0.32 58.97 14.27
CA ASP I 108 2.96 56.91 15.89
CA ASP I 109 3.53 53.20 16.21
CA GLN I 110 5.04 52.82 19.61
CA SER I 111 2.21 54.37 21.65
CA ASP I 112 -0.31 53.38 18.97
CA ILE I 113 -1.93 56.80 18.83
CA ALA I 114 -3.12 58.41 15.62
CA LEU I 115 -4.82 61.69 14.88
CA LEU I 116 -7.36 62.09 12.11
CA GLN I 117 -9.00 65.15 10.69
CA ILE I 118 -12.47 65.17 9.31
CA GLN I 119 -12.99 67.04 6.11
CA ASN I 120 -15.72 69.66 6.33
CA PRO I 121 -16.58 68.64 9.84
CA SER I 122 -19.81 70.63 10.40
CA LYS I 123 -21.86 70.42 13.60
CA LEU I 124 -19.70 68.10 15.61
CA THR I 125 -19.67 67.39 19.30
CA GLN I 126 -16.42 67.17 21.20
CA ILE I 127 -15.46 65.11 24.20
CA ALA I 128 -13.94 66.67 27.28
CA ILE I 129 -10.69 65.18 28.48
CA ALA I 130 -10.14 64.18 32.08
CA ASP I 131 -6.85 63.93 33.92
CA SER I 132 -5.74 60.32 33.74
CA ASP I 133 -3.27 60.82 36.51
CA LYS I 134 -6.21 61.41 38.83
CA LEU I 135 -7.70 58.00 38.13
CA ARG I 136 -7.69 55.48 40.93
CA VAL I 137 -8.66 51.86 40.87
CA GLY I 138 -12.32 51.47 41.52
CA ASP I 139 -13.37 54.44 39.49
CA PHE I 140 -16.29 53.75 37.22
CA ALA I 141 -15.72 53.68 33.50
CA VAL I 142 -17.83 53.38 30.40
CA ALA I 143 -16.49 52.19 27.10
CA VAL I 144 -17.97 53.28 23.85
CA GLY I 145 -17.04 51.95 20.45
CA ASN I 146 -18.23 49.62 17.75
CA PRO I 147 -17.82 46.05 18.70
CA PHE I 148 -18.17 43.69 15.78
CA GLY I 149 -19.21 46.72 13.80
CA LEU I 150 -22.65 46.51 15.36
CA GLY I 151 -22.89 50.23 15.87
CA GLN I 152 -22.21 52.50 18.77
CA THR I 153 -22.28 50.39 21.85
CA ALA I 154 -21.71 51.34 25.44
CA THR I 155 -20.38 49.03 28.12
CA SER I 156 -19.81 49.68 31.78
CA GLY I 157 -17.14 48.67 34.24
CA ILE I 158 -14.58 49.95 36.71
CA VAL I 159 -10.94 50.86 36.41
CA SER I 160 -9.25 47.61 37.28
CA ALA I 161 -5.69 48.81 37.26
CA LEU I 162 -3.37 51.49 36.00
CA GLY I 163 0.22 51.76 35.01
CA ARG I 164 0.33 48.36 33.48
CA SER I 165 2.84 47.06 31.00
CA GLY I 166 5.01 44.30 29.82
CA LEU I 167 1.99 43.19 27.83
CA ASN I 168 4.25 43.58 24.82
CA LEU I 169 1.28 44.82 22.92
CA GLU I 170 2.93 48.14 22.18
CA GLY I 171 6.37 49.72 22.28
CA LEU I 172 5.31 52.14 24.93
CA GLU I 173 2.66 50.94 27.19
CA ASN I 174 0.84 52.22 30.19
CA PHE I 175 -2.52 50.78 29.90
CA ILE I 176 -5.41 51.58 32.11
CA GLN I 177 -7.05 48.26 32.68
CA THR I 178 -10.81 48.06 32.60
CA ASP I 179 -13.47 45.43 33.23
CA ALA I 180 -15.82 47.08 30.75
CA SER I 181 -16.54 44.76 27.89
CA ILE I 182 -14.19 45.56 25.07
CA ASN I 183 -14.22 43.55 21.89
CA ARG I 184 -12.75 43.87 18.47
CA GLY I 185 -13.93 47.05 16.84
CA ASN I 186 -13.56 48.81 20.16
CA ALA I 187 -10.11 50.07 19.30
CA GLY I 188 -9.81 53.81 19.08
CA GLY I 189 -12.98 54.03 21.12
CA ALA I 190 -13.38 56.04 24.26
CA LEU I 191 -13.30 55.09 27.89
CA LEU I 192 -15.26 57.62 29.83
CA ASN I 193 -15.77 58.50 33.44
CA LEU I 194 -19.16 59.20 34.97
CA ASN I 195 -18.75 62.79 33.91
CA GLY I 196 -18.50 61.62 30.36
CA GLU I 197 -14.94 62.87 30.22
CA LEU I 198 -12.34 60.88 28.32
CA ILE I 199 -10.16 58.75 30.58
CA GLY I 200 -8.39 56.89 27.79
CA ILE I 201 -8.64 55.27 24.39
CA ASN I 202 -9.34 51.54 24.28
CA THR I 203 -6.33 49.96 22.63
CA ALA I 204 -6.50 46.21 23.24
CA ILE I 205 -7.70 43.23 25.19
CA LEU I 206 -6.34 40.02 26.63
CA ALA I 207 -8.65 37.21 25.72
CA PRO I 208 -7.90 33.63 25.07
CA GLY I 209 -11.19 33.28 23.22
CA GLY I 210 -10.77 36.41 21.21
CA GLY I 211 -13.78 37.66 23.10
CA SER I 212 -13.87 39.98 26.07
CA VAL I 213 -12.52 38.29 29.18
CA GLY I 214 -13.07 41.42 31.20
CA ILE I 215 -9.47 42.43 30.85
CA GLY I 216 -9.19 45.42 28.57
CA PHE I 217 -6.49 48.02 28.20
CA ALA I 218 -6.66 51.64 27.21
CA ILE I 219 -4.11 54.36 26.67
CA PRO I 220 -4.61 57.01 29.21
CA SER I 221 -6.24 60.28 28.23
CA ASN I 222 -3.25 62.18 29.38
CA MET I 223 -1.57 59.88 27.03
CA ALA I 224 -3.66 60.56 23.99
CA ARG I 225 -4.15 64.20 24.79
CA THR I 226 -0.64 65.47 24.68
CA LEU I 227 0.39 62.92 22.06
CA ALA I 228 -2.49 64.12 19.97
CA GLN I 229 -1.73 67.71 20.62
CA GLN I 230 1.62 67.90 19.00
CA LEU I 231 0.23 65.85 16.18
CA ILE I 232 -1.62 69.01 15.45
CA ASP I 233 0.98 71.18 17.25
CA PHE I 234 3.80 71.44 18.11
CA GLY I 235 4.47 68.49 15.93
CA GLU I 236 8.13 68.40 16.59
CA ILE I 237 9.42 65.49 14.61
CA LYS I 238 11.23 64.30 17.65
CA ARG I 239 10.71 62.41 19.68
CA GLY I 240 7.75 61.50 17.51
CA LEU I 241 7.58 58.50 19.74
CA LEU I 242 10.74 56.46 20.00
CA GLY I 243 10.03 53.68 17.59
CA ILE I 244 10.91 50.72 19.78
CA LYS I 245 9.41 47.48 21.01
CA GLY I 246 9.71 46.25 24.53
CA THR I 247 8.06 44.45 27.38
CA GLU I 248 8.39 43.85 31.09
CA MET I 249 11.60 42.61 32.56
CA SER I 250 12.25 39.14 31.29
CA ALA I 251 12.69 36.29 33.69
CA ASP I 252 15.92 35.12 32.13
CA ILE I 253 17.62 38.45 31.84
CA ALA I 254 16.46 39.90 35.09
CA LYS I 255 17.08 37.11 37.43
CA ALA I 256 20.31 35.81 36.07
CA PHE I 257 22.59 38.70 35.42
CA ASN I 258 20.77 40.85 37.74
CA LEU I 259 20.01 44.18 36.35
CA ASP I 260 21.33 47.15 38.17
CA VAL I 261 17.87 48.67 37.99
CA GLN I 262 15.41 46.33 39.57
CA ARG I 263 13.22 46.55 36.55
CA GLY I 264 12.52 48.81 33.67
CA ALA I 265 11.13 48.93 30.22
CA PHE I 266 13.26 46.52 28.38
CA VAL I 267 13.73 46.87 24.71
CA SER I 268 13.98 43.77 22.57
CA GLU I 269 14.23 45.62 19.33
CA VAL I 270 15.52 48.59 17.39
CA LEU I 271 13.36 50.21 14.74
CA PRO I 272 15.03 51.07 11.54
CA GLY I 273 14.85 54.81 10.76
CA SER I 274 13.29 55.04 14.14
CA GLY I 275 13.91 57.57 16.79
CA SER I 276 15.44 55.08 19.08
CA ALA I 277 17.70 54.14 16.26
CA LYS I 278 19.34 57.47 15.71
CA ALA I 279 19.25 58.28 19.38
CA GLY I 280 21.40 55.26 19.54
CA VAL I 281 19.23 53.27 21.85
CA LYS I 282 19.44 49.76 20.83
CA ALA I 283 18.24 46.43 21.94
CA GLY I 284 18.82 44.69 25.16
CA ASP I 285 18.20 48.17 26.47
CA ILE I 286 16.81 48.69 29.79
CA ILE I 287 15.03 51.98 30.06
CA THR I 288 15.37 52.91 33.68
CA SER I 289 13.93 56.35 33.60
CA LEU I 290 12.40 59.01 31.47
CA ASN I 291 13.24 62.61 32.17
CA GLY I 292 14.51 63.82 35.54
CA LYS I 293 12.02 61.86 37.59
CA PRO I 294 12.44 58.18 37.83
CA LEU I 295 10.62 55.82 35.53
CA ASN I 296 8.66 52.85 36.70
CA SER I 297 7.99 49.71 34.80
CA PHE I 298 7.38 49.45 31.12
CA ALA I 299 3.90 50.42 32.16
CA GLU I 300 4.80 53.78 33.50
CA LEU I 301 6.83 54.22 30.39
CA ARG I 302 4.02 54.61 27.97
CA SER I 303 2.00 56.29 30.61
CA ARG I 304 4.23 59.25 30.56
CA ILE I 305 5.28 59.04 26.94
CA ALA I 306 1.93 58.17 25.60
CA THR I 307 0.96 61.11 27.70
CA THR I 308 3.60 63.36 26.25
CA GLU I 309 3.59 65.11 22.95
CA PRO I 310 4.86 62.92 20.27
CA GLY I 311 6.91 64.97 19.63
CA THR I 312 8.44 66.46 22.71
CA LYS I 313 12.16 66.17 22.92
CA VAL I 314 12.95 64.04 25.92
CA LYS I 315 15.94 62.34 27.47
CA LEU I 316 15.96 58.72 28.39
CA GLY I 317 17.93 56.83 30.97
CA LEU I 318 18.80 53.29 30.21
CA LEU I 319 21.13 50.70 31.49
CA ARG I 320 23.27 49.10 29.03
CA ASN I 321 26.17 46.95 30.20
CA GLY I 322 25.45 47.63 33.61
CA LYS I 323 26.51 51.04 32.76
CA PRO I 324 24.66 54.24 32.55
CA LEU I 325 23.96 56.82 29.87
CA GLU I 326 21.71 59.64 29.10
CA VAL I 327 20.55 60.07 25.58
CA GLU I 328 18.15 62.45 23.94
CA VAL I 329 15.36 60.74 22.12
CA SER I 340 26.99 53.90 -11.25
CA ALA I 341 24.97 51.91 -13.77
CA GLU I 342 24.36 49.07 -11.37
CA MET I 343 21.47 50.51 -9.48
CA ILE I 344 19.52 51.49 -12.51
CA THR I 345 20.60 48.44 -14.43
CA PRO I 346 20.77 45.15 -12.71
CA ALA I 347 24.14 43.58 -12.03
CA LEU I 348 25.70 45.52 -14.87
CA GLU I 349 28.64 47.19 -13.27
CA GLY I 350 29.92 50.06 -15.26
CA ALA I 351 30.12 53.79 -15.61
CA THR I 352 28.44 55.88 -13.00
CA LEU I 353 25.29 57.70 -13.88
CA SER I 354 24.06 61.11 -12.87
CA ASP I 355 20.67 62.67 -13.37
CA GLY I 356 19.90 65.99 -14.88
CA GLN I 357 21.51 67.36 -17.98
CA LEU I 358 23.39 68.67 -15.14
CA LYS I 359 25.14 71.25 -17.26
CA ASP I 360 22.16 72.13 -19.47
CA GLY I 361 18.45 71.38 -19.47
CA GLY I 362 18.00 67.71 -18.77
CA LYS I 363 18.55 65.90 -22.01
CA GLY I 364 18.74 62.84 -19.89
CA ILE I 365 20.92 60.90 -17.51
CA LYS I 366 24.62 61.26 -17.96
CA ILE I 367 27.17 58.57 -17.50
CA ASP I 368 29.99 60.03 -15.48
CA GLU I 369 32.83 57.70 -16.22
CA VAL I 370 33.42 54.30 -17.70
CA VAL I 371 34.91 51.57 -15.52
CA LYS I 372 35.57 49.91 -18.93
CA GLY I 373 36.61 46.54 -17.58
CA SER I 374 32.99 46.45 -16.35
CA PRO I 375 30.18 45.05 -18.36
CA ALA I 376 28.44 48.39 -18.68
CA ALA I 377 31.50 49.07 -20.76
CA GLN I 378 31.16 45.87 -22.74
CA ALA I 379 27.89 46.74 -24.46
CA GLY I 380 28.87 50.14 -25.75
CA LEU I 381 28.45 52.57 -22.91
CA GLN I 382 31.23 55.12 -22.98
CA LYS I 383 31.50 58.13 -20.74
CA ASP I 384 29.99 61.51 -21.53
CA ASP I 385 27.03 59.87 -23.16
CA VAL I 386 23.64 61.32 -22.38
CA ILE I 387 20.74 58.95 -22.40
CA ILE I 388 17.94 60.95 -23.93
CA GLY I 389 15.38 58.20 -23.44
CA VAL I 390 14.67 54.51 -23.48
CA ASN I 391 12.29 52.47 -25.58
CA ARG I 392 10.68 55.35 -27.41
CA ASP I 393 10.37 57.02 -24.04
CA ARG I 394 12.14 60.22 -23.20
CA VAL I 395 14.26 60.04 -20.10
CA ASN I 396 14.51 63.38 -18.34
CA SER I 397 16.29 61.90 -15.36
CA ILE I 398 17.09 58.68 -13.57
CA ALA I 399 13.64 58.27 -12.11
CA GLU I 400 12.01 58.30 -15.52
CA MET I 401 14.60 55.92 -16.88
CA ARG I 402 13.80 53.64 -14.01
CA LYS I 403 10.19 53.80 -15.07
CA VAL I 404 10.84 52.34 -18.49
CA LEU I 405 12.93 49.72 -16.73
CA ALA I 406 9.95 49.08 -14.50
CA ALA I 407 8.18 47.74 -17.55
CA LYS I 408 11.10 45.35 -17.76
CA PRO I 409 10.91 45.02 -21.50
CA ALA I 410 13.03 42.16 -22.77
CA ILE I 411 14.35 44.69 -25.24
CA ILE I 412 15.80 47.84 -23.81
CA ALA I 413 16.95 50.45 -26.20
CA LEU I 414 18.93 53.38 -24.96
CA GLN I 415 19.65 56.17 -27.27
CA ILE I 416 22.19 58.53 -26.04
CA VAL I 417 23.79 61.44 -27.71
CA ARG I 418 27.52 61.23 -28.02
CA GLY I 419 29.35 64.24 -29.27
CA ASN I 420 27.12 65.82 -31.77
CA GLU I 421 25.49 62.64 -32.97
CA SER I 422 22.81 60.19 -32.04
CA ILE I 423 23.75 56.90 -30.50
CA TYR I 424 21.76 53.87 -29.61
CA LEU I 425 22.62 51.53 -26.84
CA LEU I 426 20.96 48.42 -25.88
CA MET I 427 20.64 45.53 -23.50
CA PRO J 11 -51.81 -54.59 -0.79
CA LEU J 12 -52.20 -51.82 1.72
CA PRO J 13 -52.66 -52.63 5.32
CA SER J 14 -53.61 -49.95 5.01
CA LEU J 15 -51.84 -47.63 7.43
CA ALA J 16 -54.66 -45.16 7.69
CA PRO J 17 -56.95 -47.39 9.61
CA MET J 18 -54.34 -48.09 12.25
CA LEU J 19 -53.27 -44.49 12.29
CA GLU J 20 -56.70 -43.05 12.82
CA LYS J 21 -57.06 -44.63 16.22
CA VAL J 22 -53.46 -44.09 17.35
CA LEU J 23 -52.70 -40.58 16.13
CA PRO J 24 -54.51 -38.66 18.81
CA ALA J 25 -52.15 -40.25 21.30
CA VAL J 26 -49.17 -38.48 19.79
CA VAL J 27 -48.87 -34.88 20.77
CA SER J 28 -46.83 -31.81 19.97
CA VAL J 29 -44.87 -30.26 22.78
CA ARG J 30 -44.33 -26.54 22.84
CA VAL J 31 -41.72 -24.97 25.03
CA GLU J 32 -40.72 -21.46 25.93
CA GLY J 33 -37.83 -20.41 28.07
CA THR J 34 -34.53 -18.62 28.46
CA ALA J 35 -31.94 -14.86 28.05
CA GLN J 59 -33.79 -14.01 24.89
CA PRO J 60 -37.05 -15.78 24.65
CA PHE J 61 -37.05 -18.87 22.52
CA GLU J 62 -39.72 -21.22 21.40
CA GLY J 63 -38.94 -24.83 20.77
CA LEU J 64 -41.08 -27.52 19.31
CA GLY J 65 -40.99 -31.23 19.94
CA SER J 66 -43.37 -34.11 20.30
CA GLY J 67 -44.52 -36.43 23.01
CA VAL J 68 -46.72 -39.44 23.54
CA ILE J 69 -49.63 -39.83 25.90
CA ILE J 70 -48.82 -42.78 28.13
CA ASN J 71 -51.87 -42.56 30.28
CA ALA J 72 -54.97 -40.69 29.34
CA SER J 73 -56.39 -40.47 32.80
CA LYS J 74 -53.41 -38.95 34.50
CA GLY J 75 -52.33 -37.11 31.41
CA TYR J 76 -48.78 -38.36 31.51
CA VAL J 77 -46.82 -37.64 28.36
CA LEU J 78 -43.39 -39.00 27.57
CA THR J 79 -40.88 -36.83 25.82
CA ASN J 80 -37.18 -36.40 25.41
CA ASN J 81 -35.38 -34.59 28.16
CA HIS J 82 -33.64 -32.35 25.71
CA VAL J 83 -36.88 -31.03 24.38
CA ILE J 84 -38.00 -30.09 27.89
CA ASN J 85 -34.68 -29.09 29.40
CA GLN J 86 -34.65 -25.34 28.71
CA ALA J 87 -38.41 -24.84 29.01
CA GLN J 88 -39.74 -22.39 31.53
CA LYS J 89 -43.25 -23.24 30.44
CA ILE J 90 -44.56 -26.19 28.50
CA SER J 91 -47.71 -26.60 26.47
CA ILE J 92 -49.20 -29.66 24.85
CA GLN J 93 -51.19 -29.56 21.65
CA LEU J 94 -53.47 -32.33 20.46
CA ASN J 95 -53.98 -33.12 16.82
CA ASP J 96 -57.53 -31.90 17.28
CA GLY J 97 -56.19 -28.46 18.08
CA ARG J 98 -56.92 -28.49 21.78
CA GLU J 99 -54.04 -27.29 23.90
CA PHE J 100 -53.10 -27.84 27.50
CA ASP J 101 -50.49 -26.76 30.02
CA ALA J 102 -48.01 -29.31 31.26
CA LYS J 103 -45.60 -29.60 34.15
CA LEU J 104 -42.43 -31.60 34.18
CA ILE J 105 -42.87 -34.56 36.46
CA GLY J 106 -39.29 -35.67 36.19
CA SER J 107 -36.66 -36.66 33.72
CA ASP J 108 -33.16 -37.89 33.44
CA ASP J 109 -30.23 -36.77 31.37
CA GLN J 110 -28.39 -39.96 30.72
CA SER J 111 -31.23 -41.85 28.99
CA ASP J 112 -32.80 -38.58 27.84
CA ILE J 113 -36.29 -39.53 29.01
CA ALA J 114 -38.65 -37.04 30.58
CA LEU J 115 -42.20 -37.31 31.86
CA LEU J 116 -44.73 -34.50 31.62
CA GLN J 117 -48.18 -34.21 33.10
CA ILE J 118 -50.98 -32.36 31.41
CA GLN J 119 -53.03 -30.13 33.60
CA ASN J 120 -56.71 -31.06 33.56
CA PRO J 121 -56.21 -33.52 30.76
CA SER J 122 -59.84 -34.32 29.77
CA LYS J 123 -60.75 -36.76 26.99
CA LEU J 124 -57.33 -37.98 26.02
CA THR J 125 -56.30 -41.05 24.11
CA GLN J 126 -53.39 -43.16 25.22
CA ILE J 127 -51.01 -45.24 23.20
CA ALA J 128 -50.42 -48.91 23.92
CA ILE J 129 -46.88 -49.98 24.49
CA ALA J 130 -45.28 -52.92 22.74
CA ASP J 131 -42.40 -55.06 23.92
CA SER J 132 -39.28 -53.58 22.39
CA ASP J 133 -37.33 -56.70 23.14
CA LYS J 134 -39.42 -58.54 20.59
CA LEU J 135 -38.49 -56.21 17.75
CA ARG J 136 -36.37 -57.62 14.98
CA VAL J 137 -34.76 -55.91 12.05
CA GLY J 138 -37.10 -55.64 9.13
CA ASP J 139 -40.15 -54.91 11.20
CA PHE J 140 -42.17 -52.00 9.90
CA ALA J 141 -42.25 -48.80 11.85
CA VAL J 142 -44.09 -45.53 11.61
CA ALA J 143 -42.83 -42.35 13.14
CA VAL J 144 -45.12 -39.60 14.27
CA GLY J 145 -44.06 -36.21 15.47
CA ASN J 146 -43.84 -32.62 14.39
CA PRO J 147 -41.06 -32.09 11.98
CA PHE J 148 -40.21 -28.45 11.46
CA GLY J 149 -43.25 -27.71 13.55
CA LEU J 150 -45.43 -28.35 10.55
CA GLY J 151 -47.95 -30.31 12.57
CA GLN J 152 -48.57 -33.95 13.19
CA THR J 153 -46.69 -35.84 10.54
CA ALA J 154 -46.38 -39.54 9.99
CA THR J 155 -43.49 -41.21 8.21
CA SER J 156 -42.94 -44.82 7.45
CA GLY J 157 -39.91 -47.06 7.44
CA ILE J 158 -38.50 -50.28 8.84
CA VAL J 159 -36.45 -51.07 11.90
CA SER J 160 -32.92 -50.82 10.57
CA ALA J 161 -31.09 -52.00 13.65
CA LEU J 162 -31.40 -52.44 17.37
CA GLY J 163 -29.17 -52.30 20.36
CA ARG J 164 -27.02 -49.63 18.92
CA SER J 165 -24.65 -47.47 20.84
CA GLY J 166 -21.39 -45.75 21.02
CA LEU J 167 -23.12 -42.92 19.21
CA ASN J 168 -22.11 -40.85 22.19
CA LEU J 169 -25.39 -39.05 21.84
CA GLU J 170 -26.46 -40.02 25.33
CA GLY J 171 -24.98 -41.45 28.51
CA LEU J 172 -27.06 -44.57 28.22
CA GLU J 173 -27.89 -45.59 24.76
CA ASN J 174 -29.66 -48.46 23.08
CA PHE J 175 -31.22 -46.90 20.16
CA ILE J 176 -33.51 -48.63 17.79
CA GLN J 177 -32.44 -47.44 14.41
CA THR J 178 -35.07 -46.57 11.87
CA ASP J 179 -35.25 -45.52 8.22
CA ALA J 180 -38.42 -43.55 8.81
CA SER J 181 -37.87 -39.91 8.11
CA ILE J 182 -37.06 -38.22 11.34
CA ASN J 183 -36.22 -34.56 11.43
CA ARG J 184 -35.90 -31.83 13.96
CA GLY J 185 -39.11 -31.55 15.90
CA ASN J 186 -39.47 -35.31 15.85
CA ALA J 187 -37.89 -35.65 19.26
CA GLY J 188 -40.14 -37.07 21.90
CA GLY J 189 -42.33 -38.40 19.14
CA ALA J 190 -43.45 -41.94 18.81
CA LEU J 191 -42.24 -44.82 16.72
CA LEU J 192 -45.06 -47.23 16.18
CA ASN J 193 -45.57 -50.78 15.04
CA LEU J 194 -48.18 -51.66 12.46
CA ASN J 195 -50.36 -52.39 15.46
CA GLY J 196 -50.02 -48.77 16.42
CA GLU J 197 -48.22 -49.82 19.56
CA LEU J 198 -45.28 -47.77 20.83
CA ILE J 199 -41.94 -49.32 19.90
CA GLY J 200 -39.85 -46.38 21.06
CA ILE J 201 -39.43 -42.62 21.39
CA ASN J 202 -37.54 -40.87 18.58
CA THR J 203 -34.50 -39.33 20.25
CA ALA J 204 -32.06 -38.32 17.54
CA ILE J 205 -30.70 -38.56 14.05
CA LEU J 206 -27.38 -38.76 12.28
CA ALA J 207 -27.41 -36.28 9.48
CA PRO J 208 -24.63 -34.30 8.00
CA GLY J 209 -27.09 -31.89 6.42
CA GLY J 210 -29.18 -31.53 9.50
CA GLY J 211 -31.93 -33.16 7.48
CA SER J 212 -33.02 -36.77 7.64
CA VAL J 213 -30.47 -39.07 6.10
CA GLY J 214 -32.62 -42.07 6.85
CA ILE J 215 -30.66 -42.88 9.96
CA GLY J 216 -32.74 -42.19 13.02
CA PHE J 217 -32.54 -43.47 16.55
CA ALA J 218 -35.19 -44.02 19.14
CA ILE J 219 -35.18 -45.17 22.71
CA PRO J 220 -36.99 -48.37 22.98
CA SER J 221 -40.47 -48.55 24.43
CA ASN J 222 -39.36 -50.87 27.11
CA MET J 223 -36.96 -48.11 27.74
CA ALA J 224 -39.38 -45.31 28.10
CA ARG J 225 -42.03 -47.35 29.77
CA THR J 226 -40.34 -48.47 32.90
CA LEU J 227 -38.23 -45.30 33.04
CA ALA J 228 -41.41 -43.30 32.81
CA GLN J 229 -43.10 -45.46 35.36
CA GLN J 230 -40.85 -44.70 38.25
CA LEU J 231 -41.04 -41.03 37.31
CA ILE J 232 -44.60 -41.25 38.36
CA ASP J 233 -43.91 -44.17 40.72
CA PHE J 234 -41.93 -45.50 42.41
CA GLY J 235 -39.70 -42.58 41.81
CA GLU J 236 -36.89 -44.02 43.79
CA ILE J 237 -34.21 -41.41 43.78
CA LYS J 238 -31.72 -43.98 42.72
CA ARG J 239 -30.59 -45.00 40.36
CA GLY J 240 -32.44 -42.08 38.84
CA LEU J 241 -30.28 -42.87 35.90
CA LEU J 242 -26.60 -43.03 36.56
CA GLY J 243 -25.55 -39.59 35.42
CA ILE J 244 -22.67 -40.53 33.20
CA LYS J 245 -21.42 -40.12 29.64
CA GLY J 246 -19.95 -42.86 27.59
CA THR J 247 -19.57 -44.32 24.16
CA GLU J 248 -18.48 -47.42 22.33
CA MET J 249 -15.17 -49.02 23.02
CA SER J 250 -12.53 -46.65 21.81
CA ALA J 251 -10.02 -47.71 19.23
CA ASP J 252 -7.05 -46.55 21.25
CA ILE J 253 -8.00 -48.00 24.58
CA ALA J 254 -9.53 -51.21 23.33
CA LYS J 255 -6.92 -52.44 20.98
CA ALA J 256 -3.84 -51.34 22.78
CA PHE J 257 -4.20 -52.29 26.38
CA ASN J 258 -6.66 -54.87 25.57
CA LEU J 259 -9.66 -54.79 27.75
CA ASP J 260 -10.35 -57.87 29.73
CA VAL J 261 -13.94 -57.63 28.61
CA GLN J 262 -14.03 -57.57 24.86
CA ARG J 263 -16.09 -54.47 24.95
CA GLY J 264 -18.50 -52.62 27.09
CA ALA J 265 -20.00 -49.29 27.73
CA PHE J 266 -17.05 -47.15 28.35
CA VAL J 267 -17.39 -44.05 30.36
CA SER J 268 -15.36 -40.98 29.58
CA GLU J 269 -16.80 -38.86 32.33
CA VAL J 270 -18.08 -38.60 35.85
CA LEU J 271 -21.00 -36.36 36.57
CA PRO J 272 -20.99 -34.24 39.62
CA GLY J 273 -23.43 -35.10 42.38
CA SER J 274 -24.37 -37.75 39.94
CA GLY J 275 -25.39 -41.24 40.65
CA SER J 276 -22.27 -42.56 39.15
CA ALA J 277 -20.31 -40.15 41.24
CA LYS J 278 -21.43 -41.30 44.63
CA ALA J 279 -21.59 -44.87 43.51
CA GLY J 280 -17.97 -44.33 42.94
CA VAL J 281 -17.95 -45.19 39.30
CA LYS J 282 -15.59 -42.98 37.63
CA ALA J 283 -14.10 -42.36 34.28
CA GLY J 284 -12.17 -44.68 32.11
CA ASP J 285 -14.76 -47.13 33.36
CA ILE J 286 -15.69 -50.11 31.45
CA ILE J 287 -19.20 -51.15 32.26
CA THR J 288 -19.14 -54.85 31.57
CA SER J 289 -22.50 -55.78 32.83
CA LEU J 290 -25.67 -54.62 34.45
CA ASN J 291 -27.43 -56.93 36.83
CA GLY J 292 -26.74 -60.62 37.15
CA LYS J 293 -27.27 -61.06 33.43
CA PRO J 294 -24.47 -60.01 31.18
CA LEU J 295 -24.42 -56.62 29.50
CA ASN J 296 -23.39 -56.23 25.93
CA SER J 297 -22.29 -53.08 24.20
CA PHE J 298 -22.93 -49.54 25.24
CA ALA J 299 -25.96 -50.09 23.13
CA GLU J 300 -27.43 -52.77 25.28
CA LEU J 301 -26.62 -50.57 28.21
CA ARG J 302 -29.24 -47.98 27.64
CA SER J 303 -31.51 -50.59 26.29
CA ARG J 304 -31.87 -52.17 29.62
CA ILE J 305 -31.36 -49.08 31.72
CA ALA J 306 -33.45 -46.90 29.59
CA THR J 307 -35.90 -49.67 29.88
CA THR J 308 -35.59 -49.87 33.63
CA GLU J 309 -37.21 -47.53 36.09
CA PRO J 310 -35.12 -44.58 36.70
CA GLY J 311 -35.13 -45.14 39.59
CA THR J 312 -34.66 -48.76 40.40
CA LYS J 313 -31.67 -49.72 42.44
CA VAL J 314 -29.34 -51.75 40.35
CA LYS J 315 -25.80 -53.07 40.48
CA LEU J 316 -23.24 -52.44 37.80
CA GLY J 317 -20.25 -54.46 36.82
CA LEU J 318 -17.32 -52.61 35.47
CA LEU J 319 -13.75 -53.14 34.77
CA ARG J 320 -11.39 -50.80 36.26
CA ASN J 321 -7.65 -51.48 36.12
CA GLY J 322 -8.26 -54.83 34.74
CA LYS J 323 -9.92 -55.69 37.91
CA PRO J 324 -13.40 -56.33 38.87
CA LEU J 325 -15.93 -54.75 41.21
CA GLU J 326 -19.56 -54.68 41.88
CA VAL J 327 -21.12 -51.41 42.85
CA GLU J 328 -24.67 -50.40 43.52
CA VAL J 329 -25.88 -47.45 41.56
CA SER J 340 -22.19 -12.18 57.73
CA ALA J 341 -22.71 -8.90 55.89
CA GLU J 342 -21.04 -10.07 52.72
CA MET J 343 -23.79 -12.04 51.16
CA ILE J 344 -26.33 -9.34 51.70
CA THR J 345 -23.87 -6.65 50.82
CA PRO J 346 -21.33 -7.11 48.15
CA ALA J 347 -17.69 -7.72 48.98
CA LEU J 348 -18.11 -5.94 52.29
CA GLU J 349 -16.77 -8.34 54.81
CA GLY J 350 -17.97 -7.58 58.25
CA ALA J 351 -20.23 -8.45 61.09
CA THR J 352 -22.54 -11.35 60.54
CA LEU J 353 -26.21 -10.76 60.13
CA SER J 354 -29.27 -12.60 61.34
CA ASP J 355 -32.93 -12.12 60.52
CA GLY J 356 -35.89 -11.70 62.87
CA GLN J 357 -35.72 -9.37 65.80
CA LEU J 358 -34.41 -12.35 67.14
CA LYS J 359 -36.93 -13.05 69.69
CA ASP J 360 -39.13 -10.05 69.35
CA GLY J 361 -41.21 -8.84 66.51
CA GLY J 362 -38.80 -8.34 63.72
CA LYS J 363 -37.62 -4.81 64.04
CA GLY J 364 -35.14 -5.81 61.39
CA ILE J 365 -32.03 -7.78 60.70
CA LYS J 366 -29.49 -7.97 63.46
CA ILE J 367 -25.77 -7.85 63.08
CA ASP J 368 -24.35 -10.51 65.34
CA GLU J 369 -20.78 -9.47 65.75
CA VAL J 370 -18.33 -7.07 64.24
CA VAL J 371 -15.19 -8.44 62.62
CA LYS J 372 -14.01 -4.78 62.96
CA GLY J 373 -10.88 -5.15 60.87
CA SER J 374 -13.40 -5.80 58.08
CA PRO J 375 -14.87 -3.11 55.94
CA ALA J 376 -18.38 -3.64 57.26
CA ALA J 377 -16.76 -2.33 60.39
CA GLN J 378 -15.16 0.64 58.66
CA ALA J 379 -18.38 2.40 57.67
CA GLY J 380 -20.04 2.36 61.05
CA LEU J 381 -21.60 -1.02 61.53
CA GLN J 382 -21.16 -2.11 65.12
CA LYS J 383 -22.62 -5.21 66.66
CA ASP J 384 -26.05 -5.37 68.26
CA ASP J 385 -27.41 -2.91 65.78
CA VAL J 386 -30.69 -3.72 64.19
CA ILE J 387 -31.49 -2.46 60.76
CA ILE J 388 -35.04 -1.32 60.82
CA GLY J 389 -35.08 -0.64 57.10
CA VAL J 390 -33.21 0.66 54.10
CA ASN J 391 -33.91 3.62 51.87
CA ARG J 392 -37.21 4.60 53.35
CA ASP J 393 -38.14 0.95 53.20
CA ARG J 394 -38.84 -1.11 56.27
CA VAL J 395 -36.70 -4.19 56.59
CA ASN J 396 -38.47 -6.90 58.51
CA SER J 397 -35.89 -9.50 57.65
CA ILE J 398 -32.97 -10.30 55.40
CA ALA J 399 -35.12 -11.07 52.42
CA GLU J 400 -36.76 -7.68 52.50
CA MET J 401 -33.44 -5.94 52.93
CA ARG J 402 -32.26 -7.85 49.93
CA LYS J 403 -35.12 -6.44 47.93
CA VAL J 404 -34.11 -2.87 48.57
CA LEU J 405 -30.64 -3.89 47.53
CA ALA J 406 -32.15 -5.43 44.43
CA ALA J 407 -32.95 -1.93 43.30
CA LYS J 408 -29.27 -1.32 43.83
CA PRO J 409 -29.61 2.36 44.46
CA ALA J 410 -26.30 4.17 44.33
CA ILE J 411 -27.31 5.55 47.71
CA ILE J 412 -28.09 3.00 50.35
CA ALA J 413 -29.22 4.25 53.68
CA LEU J 414 -29.47 1.92 56.60
CA GLN J 415 -31.05 3.05 59.74
CA ILE J 416 -30.39 0.86 62.61
CA VAL J 417 -31.37 1.22 66.16
CA ARG J 418 -28.51 1.15 68.58
CA GLY J 419 -29.32 1.10 72.23
CA ASN J 420 -32.34 3.25 72.69
CA GLU J 421 -31.43 5.49 69.81
CA SER J 422 -31.91 5.85 66.11
CA ILE J 423 -28.89 5.32 63.95
CA TYR J 424 -28.27 5.76 60.31
CA LEU J 425 -25.72 3.90 58.35
CA LEU J 426 -24.81 3.99 54.77
CA MET J 427 -22.98 2.78 51.77
CA PRO K 11 -45.09 -60.67 -0.70
CA LEU K 12 -44.54 -58.45 -3.70
CA PRO K 13 -47.56 -57.11 -5.42
CA SER K 14 -45.43 -56.99 -7.39
CA LEU K 15 -45.22 -53.40 -8.56
CA ALA K 16 -43.74 -54.32 -11.92
CA PRO K 17 -46.84 -55.86 -13.31
CA MET K 18 -48.81 -52.73 -12.53
CA LEU K 19 -46.06 -50.50 -13.81
CA GLU K 20 -45.72 -52.27 -17.10
CA LYS K 21 -49.13 -51.24 -18.27
CA VAL K 22 -49.16 -47.75 -16.77
CA LEU K 23 -45.69 -46.44 -17.49
CA PRO K 24 -46.17 -45.60 -21.11
CA ALA K 25 -48.81 -43.12 -19.98
CA VAL K 26 -46.25 -41.03 -18.16
CA VAL K 27 -44.18 -38.85 -20.39
CA SER K 28 -41.21 -36.54 -20.25
CA VAL K 29 -41.72 -32.97 -21.31
CA ARG K 30 -38.96 -31.02 -22.87
CA VAL K 31 -39.09 -27.31 -23.21
CA GLU K 32 -37.04 -24.65 -24.91
CA GLY K 33 -37.55 -20.96 -24.66
CA THR K 34 -36.25 -17.50 -23.99
CA ALA K 35 -33.06 -14.47 -25.43
CA GLN K 59 -30.49 -17.19 -25.12
CA PRO K 60 -31.86 -20.60 -25.39
CA PHE K 61 -32.53 -22.53 -22.23
CA GLU K 62 -33.73 -26.08 -21.92
CA GLY K 63 -35.89 -27.44 -19.18
CA LEU K 64 -37.07 -30.93 -18.43
CA GLY K 65 -40.23 -32.01 -16.71
CA SER K 66 -42.83 -34.73 -16.91
CA GLY K 67 -46.45 -35.04 -17.83
CA VAL K 68 -49.23 -37.58 -17.94
CA ILE K 69 -51.33 -38.51 -20.90
CA ILE K 70 -54.94 -37.93 -19.92
CA ASN K 71 -56.49 -38.94 -23.17
CA ALA K 72 -54.74 -41.01 -25.75
CA SER K 73 -57.00 -40.13 -28.61
CA LYS K 74 -56.78 -36.40 -28.23
CA GLY K 75 -53.24 -36.53 -26.99
CA TYR K 76 -53.89 -34.35 -23.99
CA VAL K 77 -51.11 -34.33 -21.47
CA LEU K 78 -51.30 -32.74 -18.05
CA THR K 79 -48.30 -30.99 -16.62
CA ASN K 80 -47.38 -28.29 -14.19
CA ASN K 81 -47.66 -24.76 -15.41
CA HIS K 82 -44.22 -23.89 -14.17
CA VAL K 83 -42.68 -26.51 -16.35
CA ILE K 84 -44.42 -25.03 -19.41
CA ASN K 85 -44.43 -21.35 -18.57
CA GLN K 86 -41.21 -20.17 -20.28
CA ALA K 87 -41.40 -22.65 -23.15
CA GLN K 88 -41.43 -21.33 -26.67
CA LYS K 89 -41.57 -24.87 -27.95
CA ILE K 90 -42.52 -28.05 -26.21
CA SER K 91 -41.76 -31.62 -27.04
CA ILE K 92 -42.99 -34.79 -25.47
CA GLN K 93 -41.04 -38.01 -25.32
CA LEU K 94 -42.48 -41.41 -24.65
CA ASN K 95 -40.65 -44.05 -22.69
CA ASP K 96 -40.35 -45.97 -25.92
CA GLY K 97 -38.27 -43.17 -27.34
CA ARG K 98 -40.77 -41.74 -29.75
CA GLU K 99 -41.14 -38.02 -29.50
CA PHE K 100 -43.76 -35.53 -30.55
CA ASP K 101 -44.35 -31.83 -30.51
CA ALA K 102 -46.99 -30.33 -28.28
CA LYS K 103 -48.92 -27.10 -28.00
CA LEU K 104 -50.11 -25.49 -24.81
CA ILE K 105 -53.86 -25.83 -24.67
CA GLY K 106 -54.16 -23.72 -21.57
CA SER K 107 -53.01 -23.49 -18.00
CA ASP K 108 -53.37 -21.49 -14.88
CA ASP K 109 -50.92 -20.02 -12.41
CA GLN K 110 -52.71 -20.31 -9.13
CA SER K 111 -53.22 -24.07 -9.10
CA ASP K 112 -50.19 -24.59 -11.34
CA ILE K 113 -51.97 -26.91 -13.78
CA ALA K 114 -51.39 -26.82 -17.50
CA LEU K 115 -52.79 -28.82 -20.39
CA LEU K 116 -50.78 -29.78 -23.44
CA GLN K 117 -51.84 -31.42 -26.65
CA ILE K 118 -49.60 -33.67 -28.66
CA GLN K 119 -49.67 -33.15 -32.37
CA ASN K 120 -50.31 -36.31 -34.35
CA PRO K 121 -50.48 -38.33 -31.19
CA SER K 122 -50.75 -41.89 -32.64
CA LYS K 123 -50.72 -45.03 -30.51
CA LEU K 124 -50.71 -43.48 -27.09
CA THR K 125 -51.60 -44.98 -23.76
CA GLN K 126 -53.72 -43.10 -21.29
CA ILE K 127 -53.68 -43.23 -17.53
CA ALA K 128 -56.82 -43.84 -15.50
CA ILE K 129 -57.80 -41.26 -12.93
CA ALA K 130 -58.54 -42.25 -9.36
CA ASP K 131 -60.69 -40.43 -6.84
CA SER K 132 -58.36 -38.22 -4.84
CA ASP K 133 -60.85 -37.63 -2.11
CA LYS K 134 -60.90 -41.30 -1.26
CA LEU K 135 -57.20 -41.34 -0.44
CA ARG K 136 -56.19 -41.72 3.17
CA VAL K 137 -52.84 -41.50 4.84
CA GLY K 138 -50.93 -44.74 4.64
CA ASP K 139 -52.01 -45.55 1.14
CA PHE K 140 -49.21 -46.62 -1.15
CA ALA K 141 -48.09 -44.33 -3.90
CA VAL K 142 -45.66 -44.53 -6.77
CA ALA K 143 -44.18 -41.50 -8.42
CA VAL K 144 -43.08 -41.49 -12.00
CA GLY K 145 -41.26 -38.70 -13.74
CA ASN K 146 -37.84 -37.72 -14.94
CA PRO K 147 -35.62 -36.68 -12.13
CA PHE K 148 -32.57 -34.79 -13.26
CA GLY K 149 -33.59 -35.72 -16.77
CA LEU K 150 -32.34 -39.20 -16.12
CA GLY K 151 -35.26 -40.77 -17.93
CA GLN K 152 -38.46 -42.34 -16.75
CA THR K 153 -37.94 -43.20 -13.15
CA ALA K 154 -40.31 -44.76 -10.66
CA THR K 155 -40.13 -44.23 -6.93
CA SER K 156 -42.27 -45.70 -4.22
CA GLY K 157 -43.68 -44.36 -0.99
CA ILE K 158 -46.89 -43.82 0.94
CA VAL K 159 -49.31 -40.94 1.19
CA SER K 160 -47.90 -38.96 4.08
CA ALA K 161 -50.67 -36.41 4.35
CA LEU K 162 -53.42 -34.72 2.44
CA GLY K 163 -55.11 -31.37 2.33
CA ARG K 164 -51.94 -29.50 2.99
CA SER K 165 -51.43 -25.89 2.36
CA GLY K 166 -49.97 -22.69 3.63
CA LEU K 167 -46.80 -23.83 1.89
CA ASN K 168 -47.15 -20.64 -0.11
CA LEU K 169 -45.85 -22.54 -3.09
CA GLU K 170 -48.99 -21.81 -5.08
CA GLY K 171 -52.02 -19.54 -4.96
CA LEU K 172 -54.29 -22.47 -4.44
CA GLU K 173 -52.85 -25.40 -2.71
CA ASN K 174 -54.09 -28.74 -1.48
CA PHE K 175 -51.14 -30.90 -1.85
CA ILE K 176 -51.09 -34.57 -1.26
CA GLN K 177 -47.86 -35.17 0.59
CA THR K 178 -45.79 -38.18 -0.28
CA ASP K 179 -42.59 -39.84 0.90
CA ALA K 180 -41.83 -41.11 -2.58
CA SER K 181 -38.60 -39.67 -3.82
CA ILE K 182 -39.40 -36.60 -5.85
CA ASN K 183 -36.70 -34.49 -7.37
CA ARG K 184 -36.16 -31.72 -9.87
CA GLY K 185 -37.43 -33.34 -13.11
CA ASN K 186 -40.46 -34.80 -11.35
CA ALA K 187 -42.80 -31.84 -11.87
CA GLY K 188 -45.81 -32.65 -13.99
CA GLY K 189 -45.16 -36.31 -13.32
CA ALA K 190 -47.70 -38.72 -11.98
CA LEU K 191 -48.34 -40.09 -8.55
CA LEU K 192 -50.04 -43.41 -8.87
CA ASN K 193 -51.84 -45.77 -6.55
CA LEU K 194 -51.22 -49.53 -6.41
CA ASN K 195 -53.61 -49.65 -9.23
CA GLY K 196 -52.17 -47.75 -12.07
CA GLU K 197 -54.51 -44.89 -11.32
CA LEU K 198 -53.49 -41.26 -11.10
CA ILE K 199 -53.75 -39.91 -7.57
CA GLY K 200 -52.16 -36.56 -8.36
CA ILE K 201 -49.51 -34.64 -10.25
CA ASN K 202 -46.18 -34.07 -8.51
CA THR K 203 -45.88 -30.31 -8.15
CA ALA K 204 -43.11 -29.57 -5.67
CA ILE K 205 -40.88 -30.58 -2.82
CA LEU K 206 -39.60 -29.15 0.39
CA ALA K 207 -35.91 -29.75 0.65
CA PRO K 208 -33.15 -27.71 2.15
CA GLY K 209 -30.64 -29.59 0.08
CA GLY K 210 -32.23 -29.20 -3.35
CA GLY K 211 -32.58 -33.01 -3.27
CA SER K 212 -35.52 -35.07 -2.04
CA VAL K 213 -35.98 -35.03 1.73
CA GLY K 214 -38.91 -37.36 1.51
CA ILE K 215 -41.38 -34.51 1.64
CA GLY K 216 -43.07 -34.09 -1.71
CA PHE K 217 -46.34 -32.50 -2.71
CA ALA K 218 -48.70 -33.25 -5.54
CA ILE K 219 -51.92 -31.73 -6.76
CA PRO K 220 -54.69 -34.17 -6.35
CA SER K 221 -56.05 -36.04 -9.34
CA ASN K 222 -59.47 -34.69 -8.74
CA MET K 223 -57.66 -31.49 -8.91
CA ALA K 224 -55.97 -31.93 -12.21
CA ARG K 225 -58.83 -33.79 -13.76
CA THR K 226 -61.56 -31.25 -13.66
CA LEU K 227 -59.11 -28.36 -14.05
CA ALA K 228 -57.78 -30.09 -17.11
CA GLN K 229 -61.27 -30.77 -18.27
CA GLN K 230 -62.38 -27.28 -18.93
CA LEU K 231 -59.01 -26.48 -20.36
CA ILE K 232 -60.25 -28.62 -23.16
CA ASP K 233 -63.91 -27.89 -22.31
CA PHE K 234 -65.83 -26.01 -21.12
CA GLY K 235 -63.01 -23.59 -20.95
CA GLU K 236 -65.10 -20.94 -19.36
CA ILE K 237 -62.81 -18.00 -18.94
CA LYS K 238 -63.92 -17.71 -15.37
CA ARG K 239 -62.98 -18.60 -12.91
CA GLY K 240 -59.96 -19.68 -14.90
CA LEU K 241 -58.40 -19.97 -11.53
CA LEU K 242 -58.64 -16.92 -9.38
CA GLY K 243 -55.21 -15.43 -9.87
CA ILE K 244 -54.25 -14.97 -6.24
CA LYS K 245 -51.44 -15.80 -3.89
CA GLY K 246 -51.95 -16.83 -0.34
CA THR K 247 -50.78 -19.02 2.47
CA GLU K 248 -51.86 -20.43 5.80
CA MET K 249 -53.19 -18.19 8.48
CA SER K 250 -50.35 -16.05 9.62
CA ALA K 251 -49.41 -15.99 13.25
CA ASP K 252 -49.47 -12.23 13.39
CA ILE K 253 -52.89 -11.57 11.93
CA ALA K 254 -54.59 -14.65 13.26
CA LYS K 255 -53.60 -14.46 16.83
CA ALA K 256 -53.85 -10.77 17.38
CA PHE K 257 -57.01 -9.52 15.82
CA ASN K 258 -58.61 -12.81 16.03
CA LEU K 259 -60.11 -13.76 12.78
CA ASP K 260 -63.80 -14.49 12.89
CA VAL K 261 -63.21 -17.74 11.08
CA GLN K 262 -60.62 -19.73 12.92
CA ARG K 263 -58.56 -20.03 9.82
CA GLY K 264 -58.82 -19.88 6.11
CA ALA K 265 -56.89 -19.34 2.99
CA PHE K 266 -55.48 -15.95 3.45
CA VAL K 267 -54.51 -13.88 0.52
CA SER K 268 -51.50 -11.61 0.68
CA GLU K 269 -51.84 -10.38 -2.85
CA VAL K 270 -54.11 -9.29 -5.65
CA LEU K 271 -53.14 -10.16 -9.17
CA PRO K 272 -53.56 -7.67 -11.89
CA GLY K 273 -56.24 -8.29 -14.48
CA SER K 274 -56.70 -11.38 -12.43
CA GLY K 275 -59.86 -13.11 -11.62
CA SER K 276 -59.59 -12.14 -8.05
CA ALA K 277 -59.01 -8.60 -9.12
CA LYS K 278 -62.19 -8.02 -11.01
CA ALA K 279 -64.14 -10.18 -8.63
CA GLY K 280 -63.04 -7.60 -6.21
CA VAL K 281 -61.29 -9.92 -3.85
CA LYS K 282 -58.34 -8.17 -2.58
CA ALA K 283 -55.56 -8.65 -0.19
CA GLY K 284 -55.74 -9.30 3.47
CA ASP K 285 -58.60 -11.50 2.37
CA ILE K 286 -59.52 -14.44 4.32
CA ILE K 287 -61.19 -17.05 2.18
CA THR K 288 -63.50 -18.80 4.56
CA SER K 289 -65.31 -21.02 2.18
CA LEU K 290 -65.79 -22.00 -1.40
CA ASN K 291 -69.27 -22.72 -2.62
CA GLY K 292 -72.06 -23.84 -0.31
CA LYS K 293 -70.01 -26.27 1.69
CA PRO K 294 -67.54 -24.91 4.13
CA LEU K 295 -63.91 -24.51 3.13
CA ASN K 296 -61.08 -25.78 5.24
CA SER K 297 -57.60 -24.41 5.36
CA PHE K 298 -55.72 -22.98 2.46
CA ALA K 299 -54.99 -26.60 1.83
CA GLU K 300 -58.54 -27.59 1.23
CA LEU K 301 -58.83 -24.56 -0.91
CA ARG K 302 -56.71 -25.75 -3.77
CA SER K 303 -58.01 -29.20 -3.17
CA ARG K 304 -61.39 -28.26 -4.32
CA ILE K 305 -60.37 -25.54 -6.74
CA ALA K 306 -57.52 -27.40 -8.18
CA THR K 307 -60.13 -30.07 -8.42
CA THR K 308 -62.64 -27.92 -10.17
CA GLU K 309 -62.78 -26.78 -13.72
CA PRO K 310 -60.64 -23.82 -14.29
CA GLY K 311 -63.01 -22.40 -15.43
CA THR K 312 -66.11 -23.15 -13.49
CA LYS K 313 -67.84 -20.12 -12.15
CA VAL K 314 -67.88 -20.39 -8.42
CA LYS K 315 -68.66 -18.24 -5.42
CA LEU K 316 -66.16 -17.54 -2.70
CA GLY K 317 -66.78 -16.62 0.87
CA LEU K 318 -64.23 -14.47 2.51
CA LEU K 319 -63.98 -12.40 5.56
CA ARG K 320 -62.98 -8.96 5.18
CA ASN K 321 -63.12 -6.48 8.03
CA GLY K 322 -64.76 -9.01 10.11
CA LYS K 323 -67.60 -8.91 7.77
CA PRO K 324 -68.95 -11.23 5.30
CA LEU K 325 -69.52 -11.19 1.54
CA GLU K 326 -70.16 -13.50 -1.22
CA VAL K 327 -68.63 -12.80 -4.56
CA GLU K 328 -68.55 -14.78 -7.71
CA VAL K 329 -65.13 -15.25 -9.04
CA SER K 340 -49.78 9.96 -33.82
CA ALA K 341 -46.28 9.79 -35.24
CA GLU K 342 -44.68 9.26 -31.86
CA MET K 343 -45.26 5.60 -31.43
CA ILE K 344 -44.07 4.76 -34.88
CA THR K 345 -41.24 7.20 -34.65
CA PRO K 346 -39.42 7.88 -31.50
CA ALA K 347 -39.98 11.08 -29.57
CA LEU K 348 -41.11 12.82 -32.73
CA GLU K 349 -44.38 14.36 -31.75
CA GLY K 350 -46.45 15.21 -34.73
CA ALA K 351 -49.38 14.38 -36.90
CA THR K 352 -51.25 11.26 -36.03
CA LEU K 353 -51.00 8.26 -38.27
CA SER K 354 -53.53 5.73 -39.40
CA ASP K 355 -52.97 2.47 -41.22
CA GLY K 356 -54.66 1.30 -44.33
CA GLN K 357 -55.26 3.43 -47.35
CA LEU K 358 -58.30 3.47 -45.36
CA LYS K 359 -60.30 5.08 -48.15
CA ASP K 360 -58.72 3.09 -50.98
CA GLY K 361 -56.41 0.12 -51.28
CA GLY K 362 -53.61 0.57 -48.82
CA LYS K 363 -51.07 2.70 -50.55
CA GLY K 364 -49.64 3.16 -47.11
CA ILE K 365 -49.93 4.82 -43.73
CA LYS K 366 -51.90 8.01 -43.63
CA ILE K 367 -51.05 10.94 -41.45
CA ASP K 368 -54.32 12.26 -40.12
CA GLU K 369 -53.44 15.75 -39.05
CA VAL K 370 -50.43 17.89 -38.37
CA VAL K 371 -49.84 19.16 -34.86
CA LYS K 372 -47.42 21.43 -36.80
CA GLY K 373 -45.83 23.07 -33.79
CA SER K 374 -44.56 19.50 -33.25
CA PRO K 375 -41.37 18.15 -34.63
CA ALA K 376 -43.09 15.73 -36.98
CA ALA K 377 -44.19 18.95 -38.57
CA GLN K 378 -40.72 20.45 -38.64
CA ALA K 379 -39.20 17.89 -41.02
CA GLY K 380 -41.81 18.15 -43.74
CA LEU K 381 -44.70 15.98 -42.67
CA GLN K 382 -47.96 17.60 -43.74
CA LYS K 383 -51.35 16.07 -43.23
CA ASP K 384 -53.04 13.98 -45.90
CA ASP K 385 -49.73 12.55 -46.96
CA VAL K 386 -49.61 8.84 -47.45
CA ILE K 387 -46.44 6.99 -46.76
CA ILE K 388 -46.09 4.53 -49.60
CA GLY K 389 -42.97 2.98 -48.14
CA VAL K 390 -39.74 3.57 -46.37
CA ASN K 391 -36.17 2.90 -47.41
CA ARG K 392 -36.97 1.20 -50.69
CA ASP K 393 -39.51 -0.81 -48.76
CA ARG K 394 -43.18 -0.63 -49.52
CA VAL K 395 -45.27 0.19 -46.51
CA ASN K 396 -48.74 -1.25 -46.77
CA SER K 397 -49.59 -0.47 -43.19
CA ILE K 398 -48.13 0.67 -39.88
CA ALA K 399 -46.86 -2.77 -39.03
CA GLU K 400 -44.75 -2.91 -42.15
CA MET K 401 -43.46 0.58 -41.61
CA ARG K 402 -42.49 -0.50 -38.16
CA LYS K 403 -40.45 -3.31 -39.55
CA VAL K 404 -38.30 -1.04 -41.65
CA LEU K 405 -37.90 1.03 -38.52
CA ALA K 406 -36.93 -2.16 -36.75
CA ALA K 407 -33.78 -2.14 -38.81
CA LYS K 408 -33.22 1.31 -37.37
CA PRO K 409 -31.28 2.51 -40.33
CA ALA K 410 -29.46 5.74 -39.58
CA ILE K 411 -31.04 6.96 -42.80
CA ILE K 412 -34.79 6.74 -42.98
CA ALA K 413 -36.42 7.80 -46.17
CA LEU K 414 -40.14 8.17 -46.34
CA GLN K 415 -41.76 8.74 -49.60
CA ILE K 416 -45.27 9.78 -49.41
CA VAL K 417 -47.63 10.88 -52.05
CA ARG K 418 -49.04 14.32 -51.66
CA GLY K 419 -51.76 15.30 -54.02
CA ASN K 420 -50.93 13.80 -57.34
CA GLU K 421 -47.22 13.92 -56.75
CA SER K 422 -44.41 11.96 -55.25
CA ILE K 423 -42.90 13.24 -52.08
CA TYR K 424 -39.93 12.19 -50.10
CA LEU K 425 -39.51 12.74 -46.46
CA LEU K 426 -36.80 11.84 -44.12
CA MET K 427 -35.32 11.61 -40.72
CA PRO L 11 -48.79 -57.06 6.62
CA LEU L 12 -45.13 -57.64 7.29
CA PRO L 13 -43.36 -60.40 5.53
CA SER L 14 -41.75 -59.81 7.85
CA LEU L 15 -38.28 -58.90 6.67
CA ALA L 16 -36.60 -60.06 9.86
CA PRO L 17 -37.17 -63.72 9.45
CA MET L 18 -35.59 -63.62 6.03
CA LEU L 19 -32.77 -61.46 7.31
CA GLU L 20 -31.88 -63.58 10.24
CA LYS L 21 -30.77 -66.45 8.10
CA VAL L 22 -29.11 -64.39 5.34
CA LEU L 23 -27.31 -61.73 7.32
CA PRO L 24 -24.33 -63.72 8.41
CA ALA L 25 -23.53 -64.21 4.74
CA VAL L 26 -22.81 -60.53 4.31
CA VAL L 27 -19.51 -59.42 5.69
CA SER L 28 -17.53 -56.26 6.24
CA VAL L 29 -14.22 -55.91 4.51
CA ARG L 30 -11.36 -54.10 6.16
CA VAL L 31 -8.44 -52.91 4.14
CA GLU L 32 -5.04 -51.41 4.80
CA GLY L 33 -2.37 -50.51 2.35
CA THR L 34 -0.20 -48.13 0.38
CA ALA L 35 2.18 -44.50 0.21
CA GLN L 59 0.47 -43.26 3.34
CA PRO L 60 -1.10 -45.92 5.21
CA PHE L 61 -4.82 -45.75 4.74
CA GLU L 62 -7.63 -47.79 6.14
CA GLY L 63 -10.73 -48.44 4.17
CA LEU L 64 -14.01 -50.07 4.97
CA GLY L 65 -16.30 -51.91 2.61
CA SER L 66 -18.50 -54.95 2.52
CA GLY L 67 -18.55 -58.30 0.79
CA VAL L 68 -20.72 -61.34 0.37
CA ILE L 69 -19.75 -64.92 1.03
CA ILE L 70 -20.37 -66.83 -2.16
CA ASN L 71 -19.16 -70.18 -0.95
CA ALA L 72 -18.89 -71.07 2.68
CA SER L 73 -16.67 -74.05 2.19
CA LYS L 74 -14.01 -72.32 0.18
CA GLY L 75 -14.54 -69.02 1.89
CA TYR L 76 -14.88 -67.03 -1.28
CA VAL L 77 -16.16 -63.54 -0.75
CA LEU L 78 -17.33 -61.24 -3.52
CA THR L 79 -16.52 -57.56 -3.28
CA ASN L 80 -15.97 -54.49 -5.36
CA ASN L 81 -12.57 -54.11 -6.90
CA HIS L 82 -12.29 -50.54 -5.77
CA VAL L 83 -12.65 -51.54 -2.18
CA ILE L 84 -9.81 -54.07 -2.50
CA ASN L 85 -7.57 -52.45 -5.10
CA GLN L 86 -5.15 -50.59 -2.87
CA ALA L 87 -5.25 -53.20 -0.09
CA GLN L 88 -1.94 -54.59 1.02
CA LYS L 89 -3.75 -56.61 3.65
CA ILE L 90 -7.39 -57.48 3.89
CA SER L 91 -9.47 -58.67 6.77
CA ILE L 92 -13.01 -59.96 6.87
CA GLN L 93 -15.29 -59.48 9.82
CA LEU L 94 -18.44 -61.45 10.42
CA ASN L 95 -21.59 -60.11 11.98
CA ASP L 96 -20.82 -62.30 14.96
CA GLY L 97 -17.56 -60.48 15.51
CA ARG L 98 -15.26 -63.20 14.26
CA GLU L 99 -12.54 -61.90 12.01
CA PHE L 100 -10.41 -63.58 9.40
CA ASP L 101 -7.67 -62.68 6.97
CA ALA L 102 -8.32 -62.83 3.28
CA LYS L 103 -6.30 -62.88 0.13
CA LEU L 104 -7.25 -61.54 -3.25
CA ILE L 105 -8.10 -64.34 -5.59
CA GLY L 106 -8.51 -62.01 -8.51
CA SER L 107 -10.51 -59.05 -9.71
CA ASP L 108 -11.02 -56.75 -12.60
CA ASP L 109 -11.34 -53.01 -12.98
CA GLN L 110 -13.86 -52.58 -15.72
CA SER L 111 -16.76 -54.39 -14.11
CA ASP L 112 -15.34 -53.60 -10.68
CA ILE L 113 -15.70 -57.14 -9.35
CA ALA L 114 -13.16 -58.81 -7.09
CA LEU L 115 -13.01 -62.19 -5.43
CA LEU L 116 -11.44 -62.77 -2.05
CA GLN L 117 -10.72 -65.94 -0.14
CA ILE L 118 -10.88 -66.20 3.60
CA GLN L 119 -8.11 -68.14 5.20
CA ASN L 120 -9.31 -70.83 7.58
CA PRO L 121 -12.88 -69.98 6.87
CA SER L 122 -14.63 -72.23 9.45
CA LYS L 123 -18.40 -72.23 9.98
CA LEU L 124 -19.46 -69.70 7.42
CA THR L 125 -22.83 -69.03 5.90
CA GLN L 126 -23.29 -68.70 2.17
CA ILE L 127 -25.73 -66.55 0.30
CA ALA L 128 -27.84 -67.97 -2.47
CA ILE L 129 -27.71 -66.27 -5.81
CA ALA L 130 -30.80 -65.30 -7.74
CA ASP L 131 -31.19 -64.79 -11.46
CA SER L 132 -30.71 -61.09 -12.10
CA ASP L 133 -32.24 -61.38 -15.52
CA LYS L 134 -35.59 -62.18 -13.93
CA LEU L 135 -35.65 -58.96 -11.94
CA ARG L 136 -38.27 -56.39 -12.91
CA VAL L 137 -38.79 -52.84 -11.78
CA GLY L 138 -40.88 -52.72 -8.67
CA ASP L 139 -39.32 -55.77 -7.11
CA PHE L 140 -38.39 -55.34 -3.48
CA ALA L 141 -34.76 -55.18 -2.54
CA VAL L 142 -32.78 -55.00 0.64
CA ALA L 143 -29.26 -53.72 0.84
CA VAL L 144 -26.81 -54.88 3.44
CA GLY L 145 -23.37 -53.48 4.06
CA ASN L 146 -21.53 -51.22 6.39
CA PRO L 147 -22.30 -47.63 5.84
CA PHE L 148 -19.91 -45.27 7.57
CA GLY L 149 -18.32 -48.38 9.00
CA LEU L 150 -21.11 -48.41 11.53
CA GLY L 151 -21.56 -52.16 11.32
CA GLN L 152 -23.87 -54.40 9.41
CA THR L 153 -26.81 -52.32 8.32
CA ALA L 154 -29.83 -53.27 6.29
CA THR L 155 -31.84 -50.86 4.19
CA SER L 156 -34.94 -51.50 2.14
CA GLY L 157 -36.19 -50.25 -1.18
CA ILE L 158 -37.39 -51.38 -4.58
CA VAL L 159 -35.62 -52.01 -7.86
CA SER L 160 -35.90 -48.64 -9.52
CA ALA L 161 -34.40 -49.58 -12.86
CA LEU L 162 -32.22 -52.11 -14.61
CA GLY L 163 -29.82 -52.19 -17.48
CA ARG L 164 -28.58 -48.76 -16.79
CA SER L 165 -25.37 -47.34 -17.97
CA GLY L 166 -23.61 -44.34 -19.32
CA LEU L 167 -23.02 -43.39 -15.71
CA ASN L 168 -19.36 -43.51 -16.59
CA LEU L 169 -18.73 -44.96 -13.17
CA GLU L 170 -17.26 -48.14 -14.57
CA GLY L 171 -15.88 -49.44 -17.83
CA LEU L 172 -18.62 -51.97 -18.14
CA GLU L 173 -21.81 -51.05 -16.53
CA ASN L 174 -25.27 -52.52 -16.22
CA PHE L 175 -26.33 -51.35 -12.92
CA ILE L 176 -29.46 -52.35 -11.20
CA GLN L 177 -30.75 -49.14 -9.73
CA THR L 178 -32.21 -49.17 -6.25
CA ASP L 179 -33.90 -46.73 -3.91
CA ALA L 180 -32.51 -48.58 -0.91
CA SER L 181 -30.26 -46.30 1.06
CA ILE L 182 -26.70 -46.91 0.01
CA ASN L 183 -23.87 -44.87 1.40
CA ARG L 184 -20.14 -45.04 1.49
CA GLY L 185 -19.03 -48.32 2.99
CA ASN L 186 -21.86 -50.06 1.20
CA ALA L 187 -19.62 -51.07 -1.66
CA GLY L 188 -19.17 -54.78 -2.10
CA GLY L 189 -22.29 -55.26 -0.04
CA ALA L 190 -25.24 -57.30 -1.11
CA LEU L 191 -28.57 -56.36 -2.56
CA LEU L 192 -31.04 -59.06 -1.74
CA ASN L 193 -34.51 -60.00 -2.79
CA LEU L 194 -37.25 -60.95 -0.39
CA ASN L 195 -35.97 -64.50 -0.65
CA GLY L 196 -32.68 -63.31 0.73
CA GLU L 197 -31.03 -64.28 -2.50
CA LEU L 198 -28.33 -62.10 -4.01
CA ILE L 199 -29.66 -59.81 -6.75
CA GLY L 200 -26.46 -57.81 -7.11
CA ILE L 201 -23.51 -56.19 -5.41
CA ASN L 202 -23.85 -52.53 -4.48
CA THR L 203 -21.20 -50.70 -6.46
CA ALA L 204 -21.96 -46.99 -6.31
CA ILE L 205 -24.33 -44.10 -5.79
CA LEU L 206 -25.19 -40.83 -7.43
CA ALA L 207 -25.41 -38.16 -4.81
CA PRO L 208 -24.59 -34.54 -5.00
CA GLY L 209 -24.24 -34.40 -1.23
CA GLY L 210 -22.14 -37.49 -1.00
CA GLY L 211 -25.01 -38.99 0.94
CA SER L 212 -27.69 -41.33 -0.33
CA VAL L 213 -30.07 -39.54 -2.69
CA GLY L 214 -32.02 -42.72 -3.21
CA ILE L 215 -30.22 -43.47 -6.43
CA GLY L 216 -27.94 -46.43 -5.97
CA PHE L 217 -26.44 -48.84 -8.43
CA ALA L 218 -25.45 -52.45 -8.11
CA ILE L 219 -23.84 -54.95 -10.39
CA PRO L 220 -26.22 -57.67 -11.16
CA SER L 221 -25.91 -61.02 -9.47
CA ASN L 222 -25.61 -62.75 -12.76
CA MET L 223 -22.90 -60.29 -13.19
CA ALA L 224 -20.93 -61.09 -10.13
CA ARG L 225 -21.63 -64.77 -10.23
CA THR L 226 -20.11 -65.79 -13.47
CA LEU L 227 -17.41 -63.11 -13.21
CA ALA L 228 -16.59 -64.48 -9.79
CA GLN L 229 -16.77 -67.96 -11.15
CA GLN L 230 -13.81 -67.87 -13.45
CA LEU L 231 -11.95 -65.91 -10.85
CA ILE L 232 -11.91 -69.21 -9.11
CA ASP L 233 -12.33 -71.16 -12.37
CA PHE L 234 -11.88 -71.20 -15.27
CA GLY L 235 -9.84 -68.13 -14.83
CA GLU L 236 -8.96 -67.72 -18.42
CA ILE L 237 -6.77 -64.69 -18.58
CA LYS L 238 -8.92 -63.31 -21.29
CA ARG L 239 -11.06 -61.54 -21.56
CA GLY L 240 -10.36 -60.91 -17.92
CA LEU L 241 -12.58 -57.96 -18.45
CA LEU L 242 -11.65 -55.76 -21.33
CA GLY L 243 -9.97 -52.94 -19.50
CA ILE L 244 -11.70 -49.93 -20.98
CA LYS L 245 -13.66 -46.86 -19.93
CA GLY L 246 -16.83 -45.77 -21.58
CA THR L 247 -20.18 -44.18 -21.15
CA GLU L 248 -23.50 -43.52 -22.83
CA MET L 249 -23.67 -42.25 -26.35
CA SER L 250 -22.53 -38.68 -26.12
CA ALA L 251 -24.68 -35.88 -27.41
CA ASP L 252 -21.97 -34.39 -29.57
CA ILE L 253 -20.81 -37.49 -31.37
CA ALA L 254 -24.15 -39.20 -31.61
CA LYS L 255 -26.26 -36.47 -32.97
CA ALA L 256 -23.86 -34.82 -35.31
CA PHE L 257 -22.01 -37.53 -37.14
CA ASN L 258 -24.79 -39.88 -36.76
CA LEU L 259 -23.56 -43.18 -35.67
CA ASP L 260 -24.44 -46.10 -37.81
CA VAL L 261 -25.61 -47.91 -34.73
CA GLN L 262 -28.22 -45.87 -32.97
CA ARG L 263 -26.37 -46.17 -29.75
CA GLY L 264 -23.85 -48.33 -28.05
CA ALA L 265 -21.26 -48.48 -25.38
CA PHE L 266 -18.87 -45.82 -26.40
CA VAL L 267 -15.34 -45.94 -25.25
CA SER L 268 -13.47 -42.77 -24.43
CA GLU L 269 -10.27 -44.48 -23.46
CA VAL L 270 -7.83 -47.30 -24.01
CA LEU L 271 -6.18 -49.00 -21.06
CA PRO L 272 -2.57 -49.84 -21.21
CA GLY L 273 -1.58 -53.49 -21.31
CA SER L 274 -5.29 -53.85 -21.23
CA GLY L 275 -7.39 -56.41 -22.89
CA SER L 276 -8.90 -53.80 -25.07
CA ALA L 277 -5.47 -52.58 -25.88
CA LYS L 278 -4.06 -55.70 -27.41
CA ALA L 279 -7.41 -56.64 -28.85
CA GLY L 280 -6.89 -53.46 -30.67
CA VAL L 281 -10.03 -51.75 -29.55
CA LYS L 282 -9.29 -48.19 -29.08
CA ALA L 283 -11.00 -44.99 -28.17
CA GLY L 284 -13.83 -43.36 -29.93
CA ASP L 285 -15.01 -46.91 -30.24
CA ILE L 286 -18.56 -47.70 -30.31
CA ILE L 287 -19.30 -51.16 -29.05
CA THR L 288 -22.40 -52.18 -30.94
CA SER L 289 -22.65 -55.70 -29.81
CA LEU L 290 -21.19 -58.43 -27.73
CA ASN L 291 -21.25 -61.96 -29.04
CA GLY L 292 -23.73 -63.15 -31.65
CA LYS L 293 -26.74 -61.57 -30.00
CA PRO L 294 -27.04 -57.86 -30.28
CA LEU L 295 -25.85 -55.56 -27.53
CA ASN L 296 -27.89 -52.77 -26.10
CA SER L 297 -26.69 -49.66 -24.43
CA PHE L 298 -23.58 -49.31 -22.40
CA ALA L 299 -25.86 -50.55 -19.71
CA GLU L 300 -26.55 -53.87 -21.27
CA LEU L 301 -22.86 -54.07 -21.88
CA ARG L 302 -21.80 -54.61 -18.36
CA SER L 303 -24.90 -56.54 -17.68
CA ARG L 304 -23.79 -59.29 -19.90
CA ILE L 305 -20.09 -58.90 -19.42
CA ALA L 306 -20.27 -58.30 -15.75
CA THR L 307 -22.41 -61.35 -15.81
CA THR L 308 -19.96 -63.31 -17.89
CA GLU L 309 -16.82 -65.01 -16.65
CA PRO L 310 -13.97 -62.66 -16.55
CA GLY L 311 -12.42 -64.49 -18.27
CA THR L 312 -14.47 -65.95 -21.05
CA LYS L 313 -13.13 -65.36 -24.49
CA VAL L 314 -15.63 -63.21 -26.30
CA LYS L 315 -15.89 -61.28 -29.52
CA LEU L 316 -16.99 -57.70 -29.64
CA GLY L 317 -18.61 -55.74 -32.37
CA LEU L 318 -17.82 -52.12 -32.63
CA LEU L 319 -18.11 -49.38 -35.06
CA ARG L 320 -15.12 -47.51 -35.93
CA ASN L 321 -15.18 -45.22 -38.96
CA GLY L 322 -18.55 -46.05 -39.69
CA LYS L 323 -17.12 -49.36 -40.54
CA PRO L 324 -17.50 -52.65 -38.99
CA LEU L 325 -15.16 -55.16 -37.42
CA GLU L 326 -15.09 -58.09 -35.18
CA VAL L 327 -12.33 -58.58 -32.72
CA GLU L 328 -11.72 -61.14 -30.07
CA VAL L 329 -11.25 -59.71 -26.64
CA SER L 340 25.61 -51.54 -21.76
CA ALA L 341 26.84 -49.68 -18.70
CA GLU L 342 24.24 -46.96 -18.97
CA MET L 343 21.29 -48.66 -17.44
CA ILE L 344 23.16 -49.82 -14.42
CA THR L 345 25.17 -46.63 -14.34
CA PRO L 346 23.62 -43.30 -14.90
CA ALA L 347 24.29 -41.52 -18.16
CA LEU L 348 27.69 -43.18 -18.36
CA GLU L 349 27.67 -44.63 -21.81
CA GLY L 350 30.21 -47.30 -22.29
CA ALA L 351 30.87 -50.97 -22.63
CA THR L 352 27.91 -53.25 -22.41
CA LEU L 353 27.39 -55.36 -19.36
CA SER L 354 26.24 -58.92 -18.96
CA ASP L 355 25.21 -60.89 -15.92
CA GLY L 356 26.52 -64.26 -14.72
CA GLN L 357 30.11 -65.23 -15.01
CA LEU L 358 28.65 -66.11 -18.13
CA LYS L 359 29.41 -69.68 -18.18
CA ASP L 360 31.21 -70.05 -14.95
CA GLY L 361 30.12 -69.44 -11.44
CA GLY L 362 29.19 -65.82 -11.32
CA LYS L 363 32.30 -63.95 -10.36
CA GLY L 364 30.25 -60.95 -11.20
CA ILE L 365 28.98 -58.83 -14.04
CA LYS L 366 30.99 -58.91 -17.21
CA ILE L 367 31.56 -55.96 -19.43
CA ASP L 368 31.17 -57.25 -22.95
CA GLU L 369 32.80 -54.62 -25.05
CA VAL L 370 34.22 -51.17 -24.65
CA VAL L 371 32.74 -48.35 -26.73
CA LYS L 372 35.97 -46.53 -25.69
CA GLY L 373 35.00 -43.12 -26.99
CA SER L 374 32.30 -43.39 -24.30
CA PRO L 375 32.77 -42.21 -20.80
CA ALA L 376 32.51 -45.69 -19.34
CA ALA L 377 35.77 -46.05 -21.21
CA GLN L 378 37.27 -42.86 -19.85
CA ALA L 379 37.39 -43.92 -16.19
CA GLY L 380 39.16 -47.21 -16.71
CA LEU L 381 36.58 -49.74 -17.75
CA GLN L 382 38.03 -52.05 -20.34
CA LYS L 383 36.35 -55.06 -21.84
CA ASP L 384 36.62 -58.55 -20.38
CA ASP L 385 36.66 -57.18 -16.90
CA VAL L 386 34.56 -58.92 -14.35
CA ILE L 387 33.12 -56.82 -11.61
CA ILE L 388 33.37 -59.00 -8.54
CA GLY L 389 31.61 -56.51 -6.32
CA VAL L 390 31.07 -52.89 -5.43
CA ASN L 391 31.73 -50.99 -2.24
CA ARG L 392 32.84 -53.95 -0.15
CA ASP L 393 29.83 -55.75 -1.51
CA ARG L 394 30.12 -58.79 -3.67
CA VAL L 395 28.26 -58.56 -6.92
CA ASN L 396 27.12 -61.92 -8.17
CA SER L 397 24.98 -60.40 -10.84
CA ILE L 398 23.58 -57.18 -12.25
CA ALA L 399 20.73 -57.13 -9.80
CA GLU L 400 23.04 -57.17 -6.83
CA MET L 401 25.25 -54.54 -8.37
CA ARG L 402 22.12 -52.49 -8.79
CA LYS L 403 21.54 -52.93 -5.10
CA VAL L 404 24.76 -51.24 -4.09
CA LEU L 405 23.93 -48.52 -6.55
CA ALA L 406 20.57 -48.22 -4.87
CA ALA L 407 22.40 -46.91 -1.84
CA LYS L 408 23.82 -44.40 -4.27
CA PRO L 409 26.96 -43.79 -2.33
CA ALA L 410 28.84 -40.75 -3.53
CA ILE L 411 31.82 -43.07 -3.71
CA ILE L 412 31.41 -46.13 -5.87
CA ALA L 413 34.24 -48.57 -5.93
CA LEU L 414 34.26 -51.34 -8.45
CA GLN L 415 36.80 -54.01 -8.23
CA ILE L 416 37.03 -56.10 -11.23
CA VAL L 417 39.37 -58.87 -12.08
CA ARG L 418 41.35 -58.26 -15.19
CA GLY L 419 43.56 -61.00 -16.45
CA ASN L 420 44.83 -62.83 -13.46
CA GLU L 421 44.86 -59.81 -11.21
CA SER L 422 42.72 -57.60 -9.09
CA ILE L 423 41.60 -54.28 -10.43
CA TYR L 424 39.76 -51.45 -8.88
CA LEU L 425 37.58 -49.08 -10.72
CA LEU L 426 35.58 -46.18 -9.57
CA MET L 427 33.13 -43.42 -10.05
CA LYS M 1 20.40 -25.08 9.06
CA VAL M 2 19.34 -28.22 7.35
CA PHE M 3 17.44 -30.58 9.56
CA GLY M 4 17.73 -34.27 9.26
CA ARG M 5 14.41 -35.91 8.64
CA CYS M 6 14.25 -37.38 12.11
CA GLU M 7 15.73 -34.28 13.66
CA LEU M 8 13.07 -32.16 12.10
CA ALA M 9 10.37 -34.54 13.15
CA ALA M 10 11.59 -34.43 16.69
CA ALA M 11 11.79 -30.67 16.60
CA MET M 12 8.36 -30.37 15.12
CA LYS M 13 7.01 -32.77 17.69
CA ARG M 14 8.68 -30.73 20.39
CA HIS M 15 7.02 -27.69 18.89
CA GLY M 16 3.70 -29.45 19.12
CA LEU M 17 3.26 -29.84 15.39
CA ASP M 18 2.56 -33.53 15.77
CA ASN M 19 -1.07 -34.12 15.03
CA TYR M 20 -1.49 -30.40 14.98
CA ARG M 21 -4.83 -29.71 13.39
CA GLY M 22 -4.95 -33.43 12.91
CA TYR M 23 -1.88 -33.45 10.76
CA SER M 24 0.51 -36.16 11.69
CA LEU M 25 4.16 -35.42 12.09
CA GLY M 26 4.91 -37.18 8.87
CA ASN M 27 2.77 -34.66 7.07
CA TRP M 28 4.70 -31.78 8.51
CA VAL M 29 8.02 -33.46 7.89
CA CYS M 30 6.97 -34.22 4.37
CA ALA M 31 5.82 -30.68 3.83
CA ALA M 32 9.09 -29.42 5.16
CA LYS M 33 10.95 -31.80 2.92
CA PHE M 34 9.32 -30.62 -0.24
CA GLU M 35 9.01 -27.03 0.87
CA SER M 36 12.58 -26.39 1.85
CA ASN M 37 14.29 -29.74 1.85
CA PHE M 38 14.53 -29.25 5.59
CA ASN M 39 16.57 -26.13 5.17
CA THR M 40 15.44 -23.44 7.56
CA GLN M 41 17.31 -20.90 5.46
CA ALA M 42 15.34 -21.68 2.33
CA THR M 43 13.74 -18.65 0.85
CA ASN M 44 12.06 -18.56 -2.50
CA ARG M 45 10.70 -15.53 -4.16
CA ASN M 46 7.27 -15.84 -5.61
CA THR M 47 6.32 -14.37 -8.93
CA ASP M 48 3.95 -12.11 -7.05
CA GLY M 49 6.86 -10.61 -5.22
CA SER M 50 6.00 -12.28 -2.00
CA THR M 51 8.53 -14.71 -0.81
CA ASP M 52 8.35 -18.00 0.99
CA TYR M 53 10.59 -18.39 3.95
CA GLY M 54 11.88 -21.14 6.07
CA ILE M 55 11.45 -24.84 6.32
CA LEU M 56 7.71 -24.40 5.87
CA GLN M 57 8.18 -21.84 3.11
CA ILE M 58 5.71 -19.57 4.79
CA ASN M 59 4.64 -16.85 2.41
CA SER M 60 5.18 -13.19 3.12
CA ARG M 61 1.99 -12.45 1.31
CA TRP M 62 -0.14 -13.56 4.20
CA TRP M 63 1.99 -14.80 7.05
CA CYS M 64 5.11 -12.76 7.74
CA ASN M 65 6.38 -9.28 7.16
CA ASP M 66 9.33 -9.03 4.82
CA GLY M 67 8.57 -5.35 4.21
CA ARG M 68 9.05 -6.25 0.56
CA THR M 69 5.61 -7.55 -0.15
CA PRO M 70 3.17 -4.77 -0.89
CA GLY M 71 -0.43 -5.51 0.06
CA SER M 72 0.70 -8.41 2.21
CA ARG M 73 -0.34 -9.06 5.71
CA ASN M 74 1.68 -10.58 8.45
CA LEU M 75 -0.82 -12.86 10.12
CA CYS M 76 1.93 -14.58 12.02
CA ASN M 77 3.03 -11.17 13.22
CA ILE M 78 6.63 -12.05 12.74
CA PRO M 79 9.36 -10.80 10.53
CA CYS M 80 9.72 -13.32 7.79
CA SER M 81 13.36 -13.46 8.77
CA ALA M 82 12.18 -15.15 11.93
CA LEU M 83 11.05 -17.99 9.68
CA LEU M 84 14.69 -18.50 8.64
CA SER M 85 15.89 -19.27 12.17
CA SER M 86 17.54 -22.56 12.96
CA ASP M 87 15.04 -22.64 15.76
CA ILE M 88 11.83 -23.92 14.20
CA THR M 89 9.52 -22.33 16.76
CA ALA M 90 8.62 -19.27 14.75
CA SER M 91 7.92 -21.35 11.70
CA VAL M 92 5.95 -23.85 13.73
CA ASN M 93 3.86 -21.24 15.44
CA CYS M 94 3.26 -19.58 12.12
CA ALA M 95 2.54 -22.94 10.57
CA LYS M 96 0.01 -23.61 13.25
CA LYS M 97 -1.73 -20.41 12.31
CA ILE M 98 -1.56 -21.29 8.65
CA VAL M 99 -2.89 -24.78 9.12
CA SER M 100 -5.68 -23.32 11.21
CA ASP M 101 -6.50 -21.17 8.19
CA GLY M 102 -9.17 -23.66 7.24
CA ASN M 103 -7.34 -24.70 4.13
CA GLY M 104 -5.37 -27.03 6.32
CA MET M 105 -2.06 -28.29 5.03
CA ASN M 106 -3.33 -27.62 1.53
CA ALA M 107 -1.95 -24.15 2.18
CA TRP M 108 1.38 -25.70 1.45
CA VAL M 109 1.20 -26.50 -2.23
CA ALA M 110 4.08 -28.89 -2.02
CA TRP M 111 2.30 -30.68 0.75
CA ARG M 112 -0.86 -31.01 -1.22
CA ASN M 113 0.88 -32.14 -4.32
CA ARG M 114 3.62 -34.24 -2.78
CA CYS M 115 2.50 -35.05 0.75
CA LYS M 116 -1.21 -35.49 0.69
CA GLY M 117 -2.36 -39.07 0.45
CA THR M 118 1.18 -40.42 0.42
CA ASP M 119 3.20 -42.35 2.97
CA VAL M 120 3.62 -39.48 5.31
CA GLN M 121 4.54 -41.97 7.98
CA ALA M 122 7.65 -42.88 6.07
CA TRP M 123 8.96 -39.47 6.88
CA ILE M 124 8.74 -40.22 10.60
CA ARG M 125 9.57 -43.91 10.44
CA GLY M 126 12.80 -44.97 12.11
CA CYS M 127 12.81 -41.76 14.02
CA ARG M 128 12.86 -41.89 17.74
CA LEU M 129 10.24 -39.34 18.46
CA LYS N 1 27.78 14.47 -11.68
CA VAL N 2 28.49 13.73 -15.25
CA PHE N 3 31.15 11.12 -15.64
CA GLY N 4 33.53 11.08 -18.52
CA ARG N 5 33.42 7.89 -20.49
CA CYS N 6 36.76 6.68 -19.18
CA GLU N 7 36.05 7.98 -15.74
CA LEU N 8 32.81 6.10 -15.60
CA ALA N 9 34.44 2.98 -16.92
CA ALA N 10 37.08 3.23 -14.25
CA ALA N 11 34.51 3.77 -11.57
CA MET N 12 32.39 0.93 -12.85
CA LYS N 13 35.42 -1.31 -12.91
CA ARG N 14 36.26 -0.19 -9.41
CA HIS N 15 32.74 -1.10 -8.44
CA GLY N 16 33.25 -4.51 -9.99
CA LEU N 17 30.86 -3.99 -12.87
CA ASP N 18 33.52 -5.03 -15.34
CA ASN N 19 32.55 -8.43 -16.67
CA TYR N 20 29.77 -8.48 -14.14
CA ARG N 21 27.39 -11.21 -15.09
CA GLY N 22 29.55 -11.55 -18.15
CA TYR N 23 28.92 -8.02 -19.25
CA SER N 24 32.04 -6.26 -20.32
CA LEU N 25 32.70 -2.79 -19.01
CA GLY N 26 31.92 -1.40 -22.41
CA ASN N 27 28.42 -2.72 -22.10
CA TRP N 28 27.92 -0.96 -18.81
CA VAL N 29 29.51 2.21 -20.08
CA CYS N 30 27.41 2.22 -23.17
CA ALA N 31 24.31 1.49 -21.13
CA ALA N 32 25.17 4.37 -18.89
CA LYS N 33 25.79 6.55 -21.87
CA PHE N 34 22.41 5.94 -23.39
CA GLU N 35 20.60 5.69 -20.08
CA SER N 36 21.75 8.90 -18.53
CA ASN N 37 24.53 10.31 -20.68
CA PHE N 38 26.79 9.50 -17.75
CA ASN N 39 24.78 11.85 -15.60
CA THR N 40 24.34 10.43 -12.14
CA GLN N 41 21.60 12.96 -11.55
CA ALA N 42 19.48 11.86 -14.49
CA THR N 43 15.97 10.93 -13.57
CA ASN N 44 13.19 10.18 -16.00
CA ARG N 45 9.57 9.64 -15.19
CA ASN N 46 7.98 6.59 -16.70
CA THR N 47 4.44 6.53 -17.96
CA ASP N 48 3.56 4.08 -15.22
CA GLY N 49 4.56 6.64 -12.66
CA SER N 50 7.74 4.89 -11.77
CA THR N 51 10.89 6.82 -12.36
CA ASP N 52 14.29 5.79 -13.63
CA TYR N 53 17.11 7.16 -11.61
CA GLY N 54 20.80 7.62 -11.98
CA ILE N 55 23.44 6.72 -14.49
CA LEU N 56 21.83 3.32 -14.87
CA GLN N 57 18.33 4.78 -14.90
CA ILE N 58 17.27 2.16 -12.43
CA ASN N 59 13.50 2.04 -12.19
CA SER N 60 11.66 2.66 -8.93
CA ARG N 61 9.06 0.20 -10.03
CA TRP N 62 11.21 -2.72 -9.06
CA TRP N 63 14.56 -1.51 -7.79
CA CYS N 64 14.45 1.50 -5.50
CA ASN N 65 12.06 3.35 -3.30
CA ASP N 66 11.20 6.80 -4.55
CA GLY N 67 8.06 6.28 -2.59
CA ARG N 68 5.98 7.75 -5.37
CA THR N 69 5.61 4.47 -7.18
CA PRO N 70 2.63 2.69 -5.69
CA GLY N 71 2.88 -1.10 -5.91
CA SER N 72 6.60 -0.80 -6.58
CA ARG N 73 9.20 -2.90 -4.96
CA ASN N 74 12.55 -1.78 -3.67
CA LEU N 75 14.62 -4.81 -4.59
CA CYS N 76 17.83 -2.87 -4.27
CA ASN N 77 16.57 -1.78 -0.87
CA ILE N 78 17.77 1.72 -1.41
CA PRO N 79 16.10 5.00 -1.79
CA CYS N 80 16.09 5.86 -5.41
CA SER N 81 17.78 9.08 -4.44
CA ALA N 82 20.76 6.94 -3.60
CA LEU N 83 20.90 6.14 -7.30
CA LEU N 84 21.47 9.85 -8.00
CA SER N 85 24.69 10.02 -5.96
CA SER N 86 27.95 10.99 -7.58
CA ASP N 87 29.18 7.83 -5.95
CA ILE N 88 28.20 5.09 -8.38
CA THR N 89 28.26 2.35 -5.75
CA ALA N 90 24.55 2.31 -5.05
CA SER N 91 23.76 2.28 -8.74
CA VAL N 92 26.31 -0.40 -9.38
CA ASN N 93 25.13 -2.60 -6.56
CA CYS N 94 21.59 -2.14 -7.73
CA ALA N 95 22.65 -2.74 -11.31
CA LYS N 96 24.31 -5.93 -10.25
CA LYS N 97 21.04 -7.09 -8.81
CA ILE N 98 19.17 -5.97 -11.89
CA VAL N 99 21.53 -7.70 -14.26
CA SER N 100 21.23 -10.80 -12.12
CA ASP N 101 17.47 -10.57 -12.67
CA GLY N 102 17.83 -13.05 -15.50
CA ASN N 103 16.99 -10.59 -18.22
CA GLY N 104 20.58 -9.51 -18.06
CA MET N 105 21.44 -6.15 -19.57
CA ASN N 106 18.23 -6.34 -21.54
CA ALA N 107 16.67 -4.90 -18.41
CA TRP N 108 18.07 -1.64 -19.65
CA VAL N 109 16.09 -0.91 -22.77
CA ALA N 110 18.63 1.59 -23.97
CA TRP N 111 21.29 -1.04 -23.63
CA ARG N 112 19.28 -3.53 -25.56
CA ASN N 113 18.53 -1.17 -28.36
CA ARG N 114 21.72 0.85 -28.41
CA CYS N 115 24.32 -1.34 -26.70
CA LYS N 116 23.47 -4.87 -27.60
CA GLY N 117 25.51 -6.38 -30.38
CA THR N 118 27.48 -3.23 -30.83
CA ASP N 119 31.17 -2.71 -30.48
CA VAL N 120 30.75 -1.94 -26.80
CA GLN N 121 34.50 -2.10 -26.39
CA ALA N 122 34.68 1.24 -28.08
CA TRP N 123 33.21 2.73 -24.97
CA ILE N 124 36.19 1.38 -23.07
CA ARG N 125 38.56 2.53 -25.84
CA GLY N 126 41.72 4.35 -24.84
CA CYS N 127 40.61 4.54 -21.22
CA ARG N 128 43.21 3.30 -18.80
CA LEU N 129 41.22 1.14 -16.50
CA LYS O 1 -11.20 31.11 3.18
CA VAL O 2 -13.66 32.15 0.55
CA PHE O 3 -11.93 34.47 -1.85
CA GLY O 4 -13.73 37.18 -3.70
CA ARG O 5 -13.29 36.78 -7.39
CA CYS O 6 -11.07 39.81 -7.70
CA GLU O 7 -9.26 38.94 -4.54
CA LEU O 8 -8.51 35.50 -5.81
CA ALA O 9 -7.42 36.85 -9.14
CA ALA O 10 -5.04 39.18 -7.39
CA ALA O 11 -3.73 36.37 -5.24
CA MET O 12 -3.36 34.10 -8.22
CA LYS O 13 -1.62 36.86 -10.10
CA ARG O 14 0.68 37.48 -7.17
CA HIS O 15 1.45 33.79 -7.11
CA GLY O 16 2.30 33.99 -10.78
CA LEU O 17 -0.63 32.01 -12.06
CA ASP O 18 -1.55 34.77 -14.47
CA ASN O 19 -0.71 33.56 -17.92
CA TYR O 20 0.95 30.58 -16.35
CA ARG O 21 1.41 28.01 -19.04
CA GLY O 22 -0.45 30.44 -21.22
CA TYR O 23 -3.55 30.32 -19.12
CA SER O 24 -4.95 33.71 -18.45
CA LEU O 25 -5.87 34.76 -14.96
CA GLY O 26 -9.52 34.48 -15.89
CA ASN O 27 -9.03 30.83 -16.63
CA TRP O 28 -7.61 30.18 -13.21
CA VAL O 29 -10.26 32.22 -11.52
CA CYS O 30 -13.00 30.53 -13.39
CA ALA O 31 -11.48 27.15 -12.64
CA ALA O 32 -11.35 28.11 -9.02
CA LYS O 33 -14.90 29.32 -9.13
CA PHE O 34 -16.28 26.09 -10.47
CA GLU O 35 -13.82 23.91 -8.61
CA SER O 36 -14.43 25.26 -5.15
CA ASN O 37 -16.42 28.45 -5.54
CA PHE O 38 -13.30 30.22 -4.35
CA ASN O 39 -13.46 28.30 -1.11
CA THR O 40 -9.97 27.27 -0.21
CA GLN O 41 -11.31 24.85 2.38
CA ALA O 42 -13.42 23.02 -0.19
CA THR O 43 -12.72 19.35 -0.32
CA ASN O 44 -14.69 16.76 -2.18
CA ARG O 45 -14.39 13.03 -1.94
CA ASN O 46 -14.08 11.27 -5.21
CA THR O 47 -15.79 7.98 -5.87
CA ASP O 48 -12.38 6.46 -6.34
CA GLY O 49 -11.54 7.41 -2.79
CA SER O 50 -9.25 10.22 -3.79
CA THR O 51 -10.22 13.63 -2.61
CA ASP O 52 -10.02 16.97 -4.34
CA TYR O 53 -8.74 19.69 -2.12
CA GLY O 54 -8.67 23.43 -2.09
CA ILE O 55 -9.72 26.16 -4.41
CA LEU O 56 -8.11 24.24 -7.26
CA GLN O 57 -9.69 20.99 -6.11
CA ILE O 58 -6.35 19.32 -6.58
CA ASN O 59 -6.79 15.56 -6.49
CA SER O 60 -5.01 13.44 -3.93
CA ARG O 61 -4.85 10.73 -6.49
CA TRP O 62 -1.98 12.39 -8.29
CA TRP O 63 -1.04 15.64 -6.64
CA CYS O 64 -1.02 15.64 -2.87
CA ASN O 65 -0.97 13.15 -0.12
CA ASP O 66 -4.00 12.78 2.10
CA GLY O 67 -2.74 9.39 3.31
CA ARG O 68 -6.23 8.22 2.37
CA THR O 69 -5.77 7.43 -1.28
CA PRO O 70 -4.08 4.17 -1.84
CA GLY O 71 -2.15 4.06 -5.14
CA SER O 72 -2.07 7.82 -5.27
CA ARG O 73 0.98 9.85 -6.01
CA ASN O 74 1.97 13.05 -4.32
CA LEU O 75 3.48 14.85 -7.28
CA CYS O 76 3.08 18.20 -5.60
CA ASN O 77 4.88 16.65 -2.66
CA ILE O 78 2.56 18.35 -0.26
CA PRO O 79 0.02 17.17 2.19
CA CYS O 80 -3.39 17.72 0.66
CA SER O 81 -4.15 19.70 3.77
CA ALA O 82 -1.71 22.28 2.49
CA LEU O 83 -4.14 22.77 -0.38
CA LEU O 84 -6.80 23.91 2.10
CA SER O 85 -4.80 26.84 3.46
CA SER O 86 -6.10 30.36 3.13
CA ASP O 87 -2.77 31.06 1.55
CA ILE O 88 -3.11 29.97 -2.06
CA THR O 89 0.63 29.40 -2.57
CA ALA O 90 0.54 25.66 -2.09
CA SER O 91 -2.43 25.31 -4.38
CA VAL O 92 -0.85 27.58 -6.93
CA ASN O 93 2.46 25.81 -6.93
CA CYS O 94 0.69 22.51 -7.16
CA ALA O 95 -1.54 23.92 -9.86
CA LYS O 96 1.51 25.04 -11.75
CA LYS O 97 2.79 21.50 -11.72
CA ILE O 98 -0.61 20.19 -12.69
CA VAL O 99 -1.00 22.58 -15.58
CA SER O 100 2.53 21.70 -16.60
CA ASP O 101 1.33 18.11 -16.79
CA GLY O 102 0.74 18.53 -20.52
CA ASN O 103 -2.98 18.13 -20.07
CA GLY O 104 -3.02 21.82 -19.39
CA MET O 105 -6.04 23.22 -17.60
CA ASN O 106 -7.99 20.27 -18.93
CA ALA O 107 -6.70 18.57 -15.80
CA TRP O 108 -9.42 20.48 -14.04
CA VAL O 109 -12.62 18.90 -15.27
CA ALA O 110 -14.67 21.86 -14.20
CA TRP O 111 -12.38 24.14 -16.11
CA ARG O 112 -12.58 22.07 -19.22
CA ASN O 113 -16.29 21.73 -18.87
CA ARG O 114 -17.27 25.18 -17.72
CA CYS O 115 -14.21 27.37 -18.30
CA LYS O 116 -12.56 26.33 -21.48
CA GLY O 117 -14.55 28.01 -24.25
CA THR O 118 -16.11 30.77 -22.19
CA ASP O 119 -15.20 34.37 -21.66
CA VAL O 120 -12.80 33.71 -18.84
CA GLN O 121 -11.94 37.39 -18.97
CA ALA O 122 -15.20 38.13 -17.24
CA TRP O 123 -13.83 36.53 -14.14
CA ILE O 124 -11.00 39.08 -14.04
CA ARG O 125 -13.10 42.01 -15.32
CA GLY O 126 -13.25 45.02 -13.07
CA CYS O 127 -10.59 43.58 -10.90
CA ARG O 128 -7.69 45.78 -10.06
CA LEU O 129 -4.87 43.39 -10.67
CA LYS P 1 -18.23 -5.68 27.22
CA VAL P 2 -21.37 -7.46 26.39
CA PHE P 3 -24.28 -5.11 26.49
CA GLY P 4 -27.71 -6.14 27.48
CA ARG P 5 -30.37 -5.54 24.88
CA CYS P 6 -31.82 -2.63 26.80
CA GLU P 7 -28.48 -1.39 27.94
CA LEU P 8 -27.24 -1.19 24.43
CA ALA P 9 -30.37 0.53 23.26
CA ALA P 10 -29.98 3.08 25.99
CA ALA P 11 -26.35 3.58 25.16
CA MET P 12 -27.07 3.91 21.49
CA LYS P 13 -29.85 6.33 22.20
CA ARG P 14 -27.59 8.33 24.43
CA HIS P 15 -25.08 8.39 21.61
CA GLY P 16 -27.76 9.66 19.31
CA LEU P 17 -28.12 6.56 17.20
CA ASP P 18 -31.85 6.50 17.83
CA ASN P 19 -33.52 7.45 14.59
CA TYR P 20 -30.13 8.30 13.21
CA ARG P 21 -30.42 8.55 9.47
CA GLY P 22 -33.97 7.49 10.06
CA TYR P 23 -32.99 4.21 11.58
CA SER P 24 -34.93 3.39 14.68
CA LEU P 25 -33.06 2.29 17.76
CA GLY P 26 -34.40 -1.19 17.25
CA ASN P 27 -32.56 -1.33 13.95
CA TRP P 28 -29.30 -0.42 15.58
CA VAL P 29 -29.85 -2.82 18.44
CA CYS P 30 -30.80 -5.57 16.06
CA ALA P 31 -27.79 -4.85 13.91
CA ALA P 32 -25.64 -4.95 16.99
CA LYS P 33 -27.20 -8.19 18.09
CA PHE P 34 -26.52 -9.95 14.84
CA GLU P 35 -23.22 -8.20 14.27
CA SER P 36 -21.57 -8.88 17.56
CA ASN P 37 -24.17 -10.28 19.89
CA PHE P 38 -23.80 -7.01 21.76
CA ASN P 39 -20.20 -7.76 22.45
CA THR P 40 -18.07 -4.69 22.04
CA GLN P 41 -14.96 -6.85 21.87
CA ALA P 42 -16.22 -8.93 18.95
CA THR P 43 -13.85 -9.00 16.03
CA ASN P 44 -14.27 -11.07 12.93
CA ARG P 45 -11.79 -11.53 10.19
CA ASN P 46 -13.13 -11.14 6.71
CA THR P 47 -11.97 -13.30 3.86
CA ASP P 48 -10.52 -10.21 2.30
CA GLY P 49 -8.26 -9.80 5.28
CA SER P 50 -10.12 -6.85 6.61
CA THR P 51 -11.61 -7.28 10.02
CA ASP P 52 -14.93 -6.23 11.43
CA TYR P 53 -14.63 -4.75 14.84
CA GLY P 54 -16.92 -3.99 17.70
CA ILE P 55 -20.57 -4.20 18.41
CA LEU P 56 -21.26 -2.76 14.97
CA GLN P 57 -18.63 -4.96 13.34
CA ILE P 58 -17.23 -1.94 11.58
CA ASN P 59 -14.99 -3.08 8.72
CA SER P 60 -11.35 -2.12 8.69
CA ARG P 61 -11.47 -2.12 4.97
CA TRP P 62 -13.20 1.21 4.78
CA TRP P 63 -13.90 2.47 8.28
CA CYS P 64 -11.08 2.04 10.76
CA ASN P 65 -7.42 1.41 10.69
CA ASP P 66 -6.21 -1.92 12.02
CA GLY P 67 -2.90 -1.56 10.20
CA ARG P 68 -3.51 -5.10 8.95
CA THR P 69 -5.76 -4.32 6.06
CA PRO P 70 -3.84 -3.37 3.02
CA GLY P 71 -5.32 -0.75 0.74
CA SER P 72 -7.95 -0.10 3.31
CA ARG P 73 -9.05 3.32 4.29
CA ASN P 74 -10.00 4.57 7.68
CA LEU P 75 -12.93 6.83 6.95
CA CYS P 76 -13.87 6.90 10.60
CA ASN P 77 -10.32 8.04 11.28
CA ILE P 78 -10.03 5.82 14.27
CA PRO P 79 -8.06 2.80 15.08
CA CYS P 80 -10.20 -0.27 14.79
CA SER P 81 -9.30 -1.00 18.38
CA ALA P 82 -11.32 2.05 19.29
CA LEU P 83 -14.29 0.10 17.98
CA LEU P 84 -13.62 -2.53 20.67
CA SER P 85 -14.16 -0.10 23.55
CA SER P 86 -16.75 -0.80 26.17
CA ASP P 87 -17.69 2.75 25.46
CA ILE P 88 -19.83 2.69 22.32
CA THR P 89 -19.03 6.27 21.30
CA ALA P 90 -16.40 5.43 18.72
CA SER P 91 -18.53 2.72 17.20
CA VAL P 92 -21.55 4.97 17.17
CA ASN P 93 -19.74 7.87 15.59
CA CYS P 94 -18.24 5.54 13.05
CA ALA P 95 -21.63 3.96 12.54
CA LYS P 96 -23.13 7.32 11.89
CA LYS P 97 -20.58 7.88 9.21
CA ILE P 98 -21.19 4.45 7.75
CA VAL P 99 -24.94 4.82 7.76
CA SER P 100 -24.52 8.19 6.09
CA ASP P 101 -22.52 6.45 3.38
CA GLY P 102 -25.67 6.34 1.30
CA ASN P 103 -26.08 2.61 1.53
CA GLY P 104 -27.72 3.13 4.89
CA MET P 105 -27.94 0.25 7.31
CA ASN P 106 -27.47 -2.07 4.37
CA ALA P 107 -23.79 -1.51 5.03
CA TRP P 108 -24.27 -3.98 7.81
CA VAL P 109 -24.93 -7.23 6.03
CA ALA P 110 -26.31 -8.79 9.15
CA TRP P 111 -28.70 -5.92 9.46
CA ARG P 112 -29.91 -6.18 5.94
CA ASN P 113 -30.28 -9.90 6.04
CA ARG P 114 -31.44 -10.30 9.62
CA CYS P 115 -32.82 -7.01 10.72
CA LYS P 116 -34.26 -5.22 7.74
CA GLY P 117 -38.00 -5.57 7.44
CA THR P 118 -38.13 -7.32 10.76
CA ASP P 119 -39.84 -6.38 13.95
CA VAL P 120 -36.91 -4.22 14.95
CA GLN P 121 -38.99 -2.70 17.70
CA ALA P 122 -38.78 -5.99 19.52
CA TRP P 123 -35.19 -5.22 20.19
CA ILE P 124 -36.29 -2.05 21.96
CA ARG P 125 -39.11 -3.95 23.72
CA GLY P 126 -39.55 -3.37 27.44
CA CYS P 127 -36.38 -1.28 27.61
CA ARG P 128 -36.90 2.08 29.19
CA LEU P 129 -35.04 4.38 26.95
CA LYS Q 1 -2.99 -19.65 -23.92
CA VAL Q 2 -3.78 -17.78 -27.04
CA PHE Q 3 -7.31 -18.45 -28.10
CA GLY Q 4 -8.41 -18.46 -31.67
CA ARG Q 5 -11.14 -16.02 -32.49
CA CYS Q 6 -13.77 -18.70 -32.86
CA GLU Q 7 -12.33 -20.77 -30.09
CA LEU Q 8 -12.59 -17.89 -27.71
CA ALA Q 9 -16.08 -17.11 -28.87
CA ALA Q 10 -17.08 -20.68 -28.26
CA ALA Q 11 -15.47 -20.66 -24.86
CA MET Q 12 -17.11 -17.37 -24.07
CA LYS Q 13 -20.48 -18.70 -25.13
CA ARG Q 14 -19.89 -21.86 -23.18
CA HIS Q 15 -19.17 -19.64 -20.21
CA GLY Q 16 -22.41 -17.85 -20.84
CA LEU Q 17 -20.89 -14.57 -21.89
CA ASP Q 18 -22.90 -14.56 -25.09
CA ASN Q 19 -25.42 -11.76 -24.77
CA TYR Q 20 -24.44 -11.44 -21.17
CA ARG Q 21 -25.83 -8.18 -19.95
CA GLY Q 22 -26.98 -7.71 -23.50
CA TYR Q 23 -23.51 -7.83 -24.91
CA SER Q 24 -23.24 -9.99 -27.96
CA LEU Q 25 -20.49 -12.52 -28.11
CA GLY Q 26 -18.84 -10.41 -30.75
CA ASN Q 27 -18.46 -7.66 -28.21
CA TRP Q 28 -16.76 -9.97 -25.77
CA VAL Q 29 -14.57 -11.39 -28.47
CA CYS Q 30 -13.63 -8.00 -29.76
CA ALA Q 31 -12.95 -6.81 -26.25
CA ALA Q 32 -10.78 -9.82 -25.74
CA LYS Q 33 -8.95 -9.21 -28.95
CA PHE Q 34 -8.16 -5.64 -28.15
CA GLU Q 35 -7.59 -6.35 -24.50
CA SER Q 36 -5.21 -9.23 -24.78
CA ASN Q 37 -5.14 -10.41 -28.36
CA PHE Q 38 -6.89 -13.47 -27.02
CA ASN Q 39 -3.88 -14.18 -24.88
CA THR Q 40 -4.99 -15.48 -21.51
CA GLN Q 41 -1.53 -14.76 -20.13
CA ALA Q 42 -1.58 -11.10 -21.07
CA THR Q 43 -0.90 -8.75 -18.22
CA ASN Q 44 -0.37 -5.05 -18.50
CA ARG Q 45 0.26 -2.67 -15.73
CA ASN Q 46 -1.70 0.52 -15.52
CA THR Q 47 -0.25 3.87 -14.68
CA ASP Q 48 -2.24 3.77 -11.47
CA GLY Q 49 -0.23 0.76 -10.49
CA SER Q 50 -3.04 -1.66 -10.89
CA THR Q 51 -2.55 -4.26 -13.54
CA ASP Q 52 -4.93 -5.74 -16.04
CA TYR Q 53 -4.82 -9.47 -16.30
CA GLY Q 54 -6.00 -12.07 -18.71
CA ILE Q 55 -7.96 -12.14 -21.91
CA LEU Q 56 -10.34 -9.58 -20.47
CA GLN Q 57 -7.54 -7.55 -18.97
CA ILE Q 58 -9.48 -7.39 -15.75
CA ASN Q 59 -8.05 -4.68 -13.55
CA SER Q 60 -6.64 -5.53 -10.18
CA ARG Q 61 -7.73 -2.22 -8.91
CA TRP Q 62 -11.33 -3.29 -8.62
CA TRP Q 63 -11.69 -6.88 -9.70
CA CYS Q 64 -8.87 -9.18 -8.67
CA ASN Q 65 -6.27 -9.39 -5.98
CA ASP Q 66 -2.74 -9.12 -7.31
CA GLY Q 67 -1.42 -8.04 -3.91
CA ARG Q 68 0.45 -5.30 -5.77
CA THR Q 69 -2.30 -2.76 -6.03
CA PRO Q 70 -2.87 -0.75 -2.96
CA GLY Q 71 -6.35 0.26 -1.93
CA SER Q 72 -7.61 -2.02 -4.58
CA ARG Q 73 -10.52 -4.28 -4.11
CA ASN Q 74 -10.98 -7.80 -5.27
CA LEU Q 75 -14.63 -7.76 -6.24
CA CYS Q 76 -14.23 -10.92 -8.27
CA ASN Q 77 -12.74 -12.46 -5.14
CA ILE Q 78 -10.14 -14.05 -7.28
CA PRO Q 79 -6.43 -13.91 -7.37
CA CYS Q 80 -5.65 -11.97 -10.45
CA SER Q 81 -3.45 -14.86 -11.44
CA ALA Q 82 -6.63 -16.84 -11.83
CA LEU Q 83 -7.43 -14.44 -14.66
CA LEU Q 84 -4.33 -15.69 -16.48
CA SER Q 85 -5.49 -19.31 -16.64
CA SER Q 86 -6.03 -21.05 -19.92
CA ASP Q 87 -9.48 -21.78 -18.67
CA ILE Q 88 -11.49 -18.64 -19.26
CA THR Q 89 -14.01 -19.38 -16.49
CA ALA Q 90 -12.45 -17.11 -13.91
CA SER Q 91 -12.14 -14.28 -16.38
CA VAL Q 92 -15.64 -14.82 -17.62
CA ASN Q 93 -17.20 -14.91 -14.21
CA CYS Q 94 -15.22 -11.86 -13.25
CA ALA Q 95 -16.20 -10.20 -16.51
CA LYS Q 96 -19.81 -10.91 -15.79
CA LYS Q 97 -19.44 -9.13 -12.50
CA ILE Q 98 -17.64 -6.26 -14.18
CA VAL Q 99 -20.12 -5.86 -16.97
CA SER Q 100 -22.95 -5.86 -14.47
CA ASP Q 101 -21.08 -3.26 -12.41
CA GLY Q 102 -22.63 -0.16 -13.85
CA ASN Q 103 -21.03 0.90 -17.03
CA GLY Q 104 -21.47 -2.31 -18.97
CA MET Q 105 -18.67 -3.03 -21.43
CA ASN Q 106 -17.44 0.52 -21.14
CA ALA Q 107 -15.48 -0.83 -18.22
CA TRP Q 108 -13.19 -2.24 -20.85
CA VAL Q 109 -11.58 0.84 -22.33
CA ALA Q 110 -10.37 -1.04 -25.36
CA TRP Q 111 -13.88 -2.25 -25.88
CA ARG Q 112 -15.29 1.21 -25.60
CA ASN Q 113 -12.75 2.71 -27.88
CA ARG Q 114 -12.27 -0.08 -30.37
CA CYS Q 115 -15.30 -2.35 -29.97
CA LYS Q 116 -18.17 -0.10 -29.26
CA GLY Q 117 -20.27 0.73 -32.28
CA THR Q 118 -18.14 -1.47 -34.45
CA ASP Q 119 -19.16 -4.48 -36.43
CA VAL Q 120 -18.63 -6.72 -33.44
CA GLN Q 121 -20.34 -9.49 -35.34
CA ALA Q 122 -17.24 -9.83 -37.44
CA TRP Q 123 -15.50 -11.29 -34.45
CA ILE Q 124 -18.08 -14.10 -34.32
CA ARG Q 125 -18.30 -14.45 -38.11
CA GLY Q 126 -17.82 -17.92 -39.45
CA CYS Q 127 -17.62 -19.33 -35.99
CA ARG Q 128 -19.68 -22.34 -35.19
CA LEU Q 129 -20.92 -21.31 -31.85
CA LYS R 1 20.05 20.41 14.38
CA VAL R 2 21.88 18.28 16.85
CA PHE R 3 20.59 18.78 20.33
CA GLY R 4 22.78 18.54 23.34
CA ARG R 5 21.76 15.93 25.83
CA CYS R 6 20.48 18.50 28.30
CA GLU R 7 19.09 20.71 25.60
CA LEU R 8 17.06 17.87 24.24
CA ALA R 9 15.91 16.85 27.67
CA ALA R 10 14.78 20.38 28.33
CA ALA R 11 13.05 20.55 25.00
CA MET R 12 11.36 17.25 25.54
CA LYS R 13 10.32 18.27 28.99
CA ARG R 14 8.99 21.51 27.61
CA HIS R 15 7.04 19.48 25.10
CA GLY R 16 5.65 17.42 27.93
CA LEU R 17 7.49 14.23 27.07
CA ASP R 18 8.81 13.94 30.60
CA ASN R 19 7.03 11.04 32.23
CA TYR R 20 4.79 10.93 29.23
CA ARG R 21 3.01 7.63 29.38
CA GLY R 22 5.16 6.95 32.39
CA TYR R 23 8.36 7.21 30.47
CA SER R 24 10.92 9.29 32.22
CA LEU R 25 12.72 12.02 30.36
CA GLY R 26 15.85 9.93 30.47
CA ASN R 27 14.07 7.29 28.49
CA TRP R 28 13.13 9.77 25.80
CA VAL R 29 16.56 11.28 25.79
CA CYS R 30 18.10 7.87 25.61
CA ALA R 31 15.81 6.88 22.79
CA ALA R 32 16.68 10.04 20.99
CA LYS R 33 20.34 9.48 21.43
CA PHE R 34 20.35 6.01 20.00
CA GLU R 35 17.64 6.83 17.54
CA SER R 36 19.23 9.84 15.94
CA ASN R 37 22.15 10.82 18.10
CA PHE R 38 20.04 13.86 18.93
CA ASN R 39 20.06 14.90 15.31
CA THR R 40 16.67 16.18 14.30
CA GLN R 41 17.76 15.82 10.69
CA ALA R 42 18.50 12.12 11.01
CA THR R 43 16.67 10.07 8.49
CA ASN R 44 17.27 6.42 7.88
CA ARG R 45 15.70 4.34 5.23
CA ASN R 46 14.40 1.01 6.31
CA THR R 47 14.81 -2.08 4.18
CA ASP R 48 11.06 -2.07 3.74
CA GLY R 49 11.26 1.26 1.98
CA SER R 50 9.85 3.13 4.90
CA THR R 51 12.07 5.68 6.42
CA ASP R 52 12.63 6.79 9.97
CA TYR R 53 12.74 10.47 10.52
CA GLY R 54 13.88 12.84 13.14
CA ILE R 55 15.34 12.63 16.57
CA LEU R 56 12.78 9.96 17.42
CA GLN R 57 13.28 8.21 14.08
CA ILE R 58 9.57 7.91 13.67
CA ASN R 59 8.80 5.48 10.90
CA SER R 60 6.91 6.61 7.82
CA ARG R 61 5.45 3.17 7.66
CA TRP R 62 3.05 3.94 10.47
CA TRP R 63 3.40 7.47 11.76
CA CYS R 64 4.19 10.09 9.14
CA ASN R 65 3.70 10.55 5.49
CA ASP R 66 6.81 10.79 3.37
CA GLY R 67 4.64 10.08 0.35
CA ARG R 68 7.42 7.54 0.01
CA THR R 69 6.11 4.48 1.67
CA PRO R 70 3.50 2.50 -0.02
CA GLY R 71 0.76 1.05 2.10
CA SER R 72 2.01 3.11 4.95
CA ARG R 73 -0.10 5.04 7.38
CA ASN R 74 0.37 8.50 8.70
CA LEU R 75 -1.07 8.10 12.15
CA CYS R 76 0.65 11.26 13.32
CA ASN R 77 -0.99 13.00 10.40
CA ILE R 78 2.12 14.93 9.67
CA PRO R 79 4.53 15.01 6.82
CA CYS R 80 7.52 13.07 7.87
CA SER R 81 9.53 16.14 6.96
CA ALA R 82 7.91 17.77 9.94
CA LEU R 83 9.81 15.22 12.01
CA LEU R 84 13.07 16.71 10.68
CA SER R 85 12.42 20.15 12.14
CA SER R 86 14.78 21.67 14.65
CA ASP R 87 11.62 22.28 16.56
CA ILE R 88 10.92 19.00 18.35
CA THR R 89 7.18 19.61 18.73
CA ALA R 90 6.09 17.52 15.76
CA SER R 91 8.33 14.68 16.79
CA VAL R 92 7.14 14.93 20.35
CA ASN R 93 3.48 14.93 19.50
CA CYS R 94 4.02 12.09 17.14
CA ALA R 95 6.07 10.30 19.76
CA LYS R 96 3.35 10.75 22.25
CA LYS R 97 0.97 9.13 19.83
CA ILE R 98 3.42 6.32 19.16
CA VAL R 99 4.13 5.71 22.83
CA SER R 100 0.41 5.66 23.43
CA ASP R 101 0.23 2.90 20.87
CA GLY R 102 0.28 0.42 23.72
CA ASN R 103 3.64 -1.03 22.84
CA GLY R 104 5.06 1.90 24.72
CA MET R 105 8.65 2.92 24.16
CA ASN R 106 9.24 -0.55 22.78
CA ALA R 107 8.05 1.00 19.55
CA TRP R 108 11.51 2.45 19.33
CA VAL R 109 13.71 -0.54 18.77
CA ALA R 110 16.78 1.36 19.81
CA TRP R 111 15.07 2.26 23.01
CA ARG R 112 14.13 -1.25 23.87
CA ASN R 113 17.50 -2.58 22.93
CA ARG R 114 19.67 0.19 24.29
CA CYS R 115 17.52 2.21 26.66
CA LYS R 116 15.09 -0.14 28.32
CA GLY R 117 17.14 -1.74 31.13
CA THR R 118 19.76 0.97 31.40
CA ASP R 119 20.03 3.80 33.86
CA VAL R 120 18.10 6.22 31.72
CA GLN R 121 18.34 8.92 34.35
CA ALA R 122 21.96 9.27 33.41
CA TRP R 123 20.72 10.87 30.24
CA ILE R 124 19.03 13.47 32.41
CA ARG R 125 22.22 13.76 34.44
CA GLY R 126 23.52 17.20 35.41
CA CYS R 127 21.03 18.76 33.02
CA ARG R 128 18.88 21.29 34.73
CA LEU R 129 15.37 20.90 33.51
#